data_8P25
#
_entry.id   8P25
#
_entity_poly.entity_id   1
_entity_poly.type   'polypeptide(L)'
_entity_poly.pdbx_seq_one_letter_code
;AMDYQPLPGMSENPSVYVPGVVSTVVPDSAHKLFIGGLPNYLNDDQVKELLTSFGPLKAFNLVKDSATGLSKGYAFCEYV
DINVTDQAIAGLNGMQLGDKKLLVQRASVGAKNAGSGGSGSSGSGGSGGGVNDAFKDALQRARQIAAKIGGDAGTSLNSN
;
_entity_poly.pdbx_strand_id   A
#
# COMPACT_ATOMS: atom_id res chain seq x y z
N ALA A 1 -20.35 -15.22 5.74
CA ALA A 1 -20.09 -14.06 6.61
C ALA A 1 -18.63 -13.62 6.49
N MET A 2 -18.42 -12.39 6.04
CA MET A 2 -17.08 -11.85 5.88
C MET A 2 -17.06 -10.39 6.28
N ASP A 3 -16.99 -10.16 7.59
CA ASP A 3 -16.96 -8.81 8.13
C ASP A 3 -16.31 -8.83 9.50
N TYR A 4 -15.94 -7.67 10.00
CA TYR A 4 -15.32 -7.57 11.31
C TYR A 4 -16.17 -6.75 12.26
N GLN A 5 -16.51 -7.34 13.38
CA GLN A 5 -17.21 -6.64 14.45
C GLN A 5 -16.39 -6.68 15.72
N PRO A 6 -16.01 -5.51 16.25
CA PRO A 6 -15.27 -5.42 17.50
C PRO A 6 -16.18 -5.69 18.69
N LEU A 7 -15.60 -6.04 19.83
CA LEU A 7 -16.38 -6.30 21.02
C LEU A 7 -16.28 -5.12 21.97
N PRO A 8 -17.38 -4.35 22.10
CA PRO A 8 -17.41 -3.16 22.94
C PRO A 8 -17.24 -3.48 24.42
N GLY A 9 -16.03 -3.28 24.91
CA GLY A 9 -15.75 -3.51 26.31
C GLY A 9 -14.82 -4.68 26.52
N MET A 10 -14.52 -5.40 25.44
CA MET A 10 -13.63 -6.54 25.51
C MET A 10 -12.45 -6.35 24.56
N SER A 11 -11.38 -5.73 25.06
CA SER A 11 -10.16 -5.49 24.30
C SER A 11 -10.38 -4.43 23.21
N GLU A 12 -9.50 -3.45 23.15
CA GLU A 12 -9.58 -2.42 22.13
C GLU A 12 -8.62 -2.74 20.98
N ASN A 13 -7.79 -3.76 21.18
CA ASN A 13 -6.86 -4.23 20.15
C ASN A 13 -5.79 -3.17 19.84
N PRO A 14 -4.74 -3.50 19.05
CA PRO A 14 -3.73 -2.52 18.65
C PRO A 14 -4.30 -1.42 17.75
N SER A 15 -4.72 -1.82 16.55
CA SER A 15 -5.30 -0.87 15.59
C SER A 15 -6.26 -1.58 14.64
N VAL A 16 -7.11 -2.44 15.18
CA VAL A 16 -8.04 -3.20 14.35
C VAL A 16 -9.47 -3.05 14.85
N TYR A 17 -9.62 -2.45 16.02
CA TYR A 17 -10.93 -2.28 16.66
C TYR A 17 -11.93 -1.56 15.76
N VAL A 18 -11.41 -0.78 14.83
CA VAL A 18 -12.27 -0.01 13.95
C VAL A 18 -12.72 -0.87 12.76
N PRO A 19 -14.02 -1.14 12.66
CA PRO A 19 -14.58 -1.92 11.55
C PRO A 19 -14.49 -1.14 10.26
N GLY A 20 -13.78 -1.68 9.29
CA GLY A 20 -13.49 -0.91 8.10
C GLY A 20 -12.12 -0.28 8.21
N VAL A 21 -11.28 -0.85 9.08
CA VAL A 21 -9.93 -0.38 9.34
C VAL A 21 -9.23 0.10 8.07
N VAL A 22 -8.46 1.19 8.21
CA VAL A 22 -7.92 1.99 7.09
C VAL A 22 -9.05 2.55 6.24
N SER A 23 -9.10 3.87 6.19
CA SER A 23 -10.19 4.56 5.50
C SER A 23 -10.20 4.22 4.02
N THR A 24 -11.35 3.80 3.52
CA THR A 24 -11.50 3.42 2.13
C THR A 24 -11.39 4.62 1.21
N VAL A 25 -11.65 5.80 1.76
CA VAL A 25 -11.44 7.05 1.04
C VAL A 25 -10.29 7.81 1.69
N VAL A 26 -9.23 8.03 0.92
CA VAL A 26 -8.03 8.65 1.47
C VAL A 26 -8.07 10.18 1.30
N PRO A 27 -8.13 10.92 2.42
CA PRO A 27 -8.10 12.38 2.41
C PRO A 27 -6.85 12.93 1.74
N ASP A 28 -7.03 13.88 0.82
CA ASP A 28 -5.93 14.39 0.03
C ASP A 28 -4.91 15.13 0.89
N SER A 29 -3.71 14.58 0.93
CA SER A 29 -2.61 15.13 1.70
C SER A 29 -1.29 14.80 0.99
N ALA A 30 -0.19 15.34 1.49
CA ALA A 30 1.11 15.18 0.86
C ALA A 30 1.73 13.81 1.17
N HIS A 31 1.17 13.11 2.16
CA HIS A 31 1.66 11.77 2.50
C HIS A 31 0.82 10.70 1.83
N LYS A 32 0.16 11.07 0.72
CA LYS A 32 -0.61 10.10 -0.06
C LYS A 32 0.26 9.47 -1.13
N LEU A 33 0.35 8.15 -1.07
CA LEU A 33 1.14 7.40 -2.03
C LEU A 33 0.26 6.86 -3.14
N PHE A 34 0.80 6.90 -4.35
CA PHE A 34 0.11 6.38 -5.51
C PHE A 34 0.82 5.13 -5.99
N ILE A 35 0.10 4.02 -6.03
CA ILE A 35 0.66 2.76 -6.48
C ILE A 35 0.06 2.39 -7.82
N GLY A 36 0.88 2.40 -8.86
CA GLY A 36 0.40 2.07 -10.19
C GLY A 36 1.05 0.80 -10.71
N GLY A 37 0.31 0.05 -11.51
CA GLY A 37 0.85 -1.18 -12.06
C GLY A 37 0.62 -2.36 -11.14
N LEU A 38 -0.44 -2.32 -10.36
CA LEU A 38 -0.76 -3.43 -9.47
C LEU A 38 -1.80 -4.33 -10.12
N PRO A 39 -1.74 -5.64 -9.82
CA PRO A 39 -2.68 -6.63 -10.36
C PRO A 39 -4.14 -6.23 -10.14
N ASN A 40 -4.93 -6.32 -11.19
CA ASN A 40 -6.33 -5.91 -11.16
C ASN A 40 -7.15 -6.78 -10.21
N TYR A 41 -6.57 -7.89 -9.81
CA TYR A 41 -7.25 -8.83 -8.92
C TYR A 41 -6.91 -8.56 -7.45
N LEU A 42 -6.07 -7.57 -7.19
CA LEU A 42 -5.73 -7.20 -5.83
C LEU A 42 -6.42 -5.89 -5.43
N ASN A 43 -7.23 -5.96 -4.40
CA ASN A 43 -7.86 -4.76 -3.84
C ASN A 43 -7.20 -4.33 -2.54
N ASP A 44 -7.69 -3.21 -2.00
CA ASP A 44 -7.12 -2.56 -0.82
C ASP A 44 -6.71 -3.53 0.28
N ASP A 45 -7.64 -4.34 0.75
CA ASP A 45 -7.39 -5.28 1.84
C ASP A 45 -6.22 -6.21 1.54
N GLN A 46 -6.12 -6.62 0.29
CA GLN A 46 -5.13 -7.61 -0.11
C GLN A 46 -3.77 -6.97 -0.29
N VAL A 47 -3.77 -5.72 -0.74
CA VAL A 47 -2.54 -4.99 -0.96
C VAL A 47 -2.00 -4.44 0.37
N LYS A 48 -2.88 -4.31 1.36
CA LYS A 48 -2.49 -3.85 2.69
C LYS A 48 -1.28 -4.63 3.22
N GLU A 49 -1.30 -5.93 3.05
CA GLU A 49 -0.26 -6.79 3.59
C GLU A 49 1.10 -6.51 2.93
N LEU A 50 1.07 -5.90 1.75
CA LEU A 50 2.29 -5.53 1.06
C LEU A 50 2.76 -4.16 1.53
N LEU A 51 1.83 -3.22 1.63
CA LEU A 51 2.18 -1.84 1.96
C LEU A 51 2.38 -1.62 3.45
N THR A 52 1.53 -2.21 4.27
CA THR A 52 1.58 -2.00 5.72
C THR A 52 2.82 -2.66 6.33
N SER A 53 3.48 -3.49 5.53
CA SER A 53 4.69 -4.18 5.99
C SER A 53 5.80 -3.18 6.33
N PHE A 54 5.77 -2.03 5.66
CA PHE A 54 6.82 -1.05 5.84
C PHE A 54 6.48 -0.09 6.99
N GLY A 55 5.19 0.11 7.21
CA GLY A 55 4.75 1.02 8.26
C GLY A 55 3.26 1.00 8.46
N PRO A 56 2.77 1.64 9.52
CA PRO A 56 1.33 1.69 9.83
C PRO A 56 0.54 2.51 8.81
N LEU A 57 -0.53 1.92 8.28
CA LEU A 57 -1.32 2.56 7.24
C LEU A 57 -2.58 3.18 7.85
N LYS A 58 -2.98 4.34 7.34
CA LYS A 58 -4.17 5.02 7.85
C LYS A 58 -5.36 4.82 6.93
N ALA A 59 -5.12 4.91 5.63
CA ALA A 59 -6.20 4.80 4.66
C ALA A 59 -5.72 4.16 3.37
N PHE A 60 -6.64 3.48 2.69
CA PHE A 60 -6.33 2.78 1.44
C PHE A 60 -7.51 2.89 0.48
N ASN A 61 -7.30 3.59 -0.62
CA ASN A 61 -8.33 3.76 -1.64
C ASN A 61 -7.83 3.26 -2.99
N LEU A 62 -8.28 2.08 -3.38
CA LEU A 62 -7.90 1.53 -4.68
C LEU A 62 -8.79 2.13 -5.76
N VAL A 63 -8.24 2.35 -6.94
CA VAL A 63 -9.05 2.78 -8.07
C VAL A 63 -9.85 1.58 -8.55
N LYS A 64 -11.14 1.58 -8.28
CA LYS A 64 -11.97 0.44 -8.63
C LYS A 64 -12.89 0.80 -9.79
N ASP A 65 -12.94 -0.09 -10.76
CA ASP A 65 -13.77 0.09 -11.95
C ASP A 65 -15.24 0.02 -11.58
N SER A 66 -15.99 1.04 -11.98
CA SER A 66 -17.40 1.13 -11.63
C SER A 66 -18.26 0.33 -12.60
N ALA A 67 -17.68 -0.14 -13.70
CA ALA A 67 -18.44 -0.86 -14.71
C ALA A 67 -18.73 -2.29 -14.27
N THR A 68 -17.68 -3.05 -13.97
CA THR A 68 -17.84 -4.44 -13.57
C THR A 68 -17.41 -4.65 -12.11
N GLY A 69 -16.52 -3.79 -11.63
CA GLY A 69 -16.16 -3.82 -10.23
C GLY A 69 -14.87 -4.57 -9.93
N LEU A 70 -13.77 -4.17 -10.58
CA LEU A 70 -12.47 -4.74 -10.25
C LEU A 70 -11.46 -3.61 -10.11
N SER A 71 -10.26 -3.93 -9.66
CA SER A 71 -9.22 -2.92 -9.52
C SER A 71 -8.78 -2.44 -10.89
N LYS A 72 -8.58 -1.13 -11.02
CA LYS A 72 -8.17 -0.52 -12.29
C LYS A 72 -6.66 -0.65 -12.48
N GLY A 73 -5.98 -1.10 -11.45
CA GLY A 73 -4.54 -1.29 -11.53
C GLY A 73 -3.76 -0.24 -10.78
N TYR A 74 -4.45 0.66 -10.10
CA TYR A 74 -3.80 1.69 -9.31
C TYR A 74 -4.47 1.82 -7.96
N ALA A 75 -3.75 2.35 -6.99
CA ALA A 75 -4.29 2.58 -5.67
C ALA A 75 -3.67 3.79 -5.00
N PHE A 76 -4.42 4.40 -4.11
CA PHE A 76 -3.93 5.51 -3.30
C PHE A 76 -3.98 5.11 -1.83
N CYS A 77 -2.93 5.40 -1.10
CA CYS A 77 -2.92 5.06 0.32
C CYS A 77 -2.11 6.09 1.09
N GLU A 78 -2.35 6.19 2.38
CA GLU A 78 -1.59 7.11 3.21
C GLU A 78 -1.10 6.42 4.47
N TYR A 79 0.16 6.61 4.80
CA TYR A 79 0.70 6.15 6.07
C TYR A 79 0.32 7.13 7.16
N VAL A 80 -0.12 6.63 8.31
CA VAL A 80 -0.37 7.48 9.45
C VAL A 80 0.94 8.07 9.93
N ASP A 81 2.00 7.28 9.81
CA ASP A 81 3.34 7.77 10.10
C ASP A 81 3.82 8.61 8.93
N ILE A 82 3.41 9.87 8.91
CA ILE A 82 3.77 10.82 7.85
C ILE A 82 5.27 10.81 7.53
N ASN A 83 6.09 10.46 8.52
CA ASN A 83 7.54 10.44 8.34
C ASN A 83 7.97 9.21 7.53
N VAL A 84 7.27 8.10 7.76
CA VAL A 84 7.57 6.84 7.10
C VAL A 84 7.33 6.92 5.60
N THR A 85 6.46 7.84 5.18
CA THR A 85 6.13 8.06 3.78
C THR A 85 7.39 8.05 2.89
N ASP A 86 8.36 8.88 3.26
CA ASP A 86 9.56 9.06 2.44
C ASP A 86 10.41 7.79 2.38
N GLN A 87 10.40 7.03 3.46
CA GLN A 87 11.17 5.79 3.52
C GLN A 87 10.44 4.68 2.78
N ALA A 88 9.16 4.55 3.08
CA ALA A 88 8.34 3.50 2.50
C ALA A 88 8.26 3.63 0.99
N ILE A 89 8.03 4.83 0.50
CA ILE A 89 7.94 5.06 -0.94
C ILE A 89 9.27 4.72 -1.61
N ALA A 90 10.36 4.99 -0.90
CA ALA A 90 11.70 4.73 -1.42
C ALA A 90 12.00 3.24 -1.46
N GLY A 91 11.38 2.50 -0.55
CA GLY A 91 11.55 1.06 -0.53
C GLY A 91 10.54 0.34 -1.41
N LEU A 92 9.34 0.87 -1.51
CA LEU A 92 8.25 0.20 -2.21
C LEU A 92 8.22 0.53 -3.71
N ASN A 93 8.79 1.66 -4.12
CA ASN A 93 8.79 2.00 -5.55
C ASN A 93 9.59 0.96 -6.32
N GLY A 94 8.93 0.31 -7.28
CA GLY A 94 9.58 -0.73 -8.04
C GLY A 94 9.42 -2.08 -7.41
N MET A 95 8.54 -2.18 -6.41
CA MET A 95 8.29 -3.43 -5.71
C MET A 95 7.97 -4.55 -6.69
N GLN A 96 8.90 -5.46 -6.85
CA GLN A 96 8.80 -6.53 -7.83
C GLN A 96 8.34 -7.82 -7.17
N LEU A 97 7.07 -8.16 -7.35
CA LEU A 97 6.53 -9.41 -6.84
C LEU A 97 6.32 -10.36 -8.01
N GLY A 98 7.17 -11.38 -8.08
CA GLY A 98 7.06 -12.37 -9.12
C GLY A 98 7.34 -11.78 -10.49
N ASP A 99 6.29 -11.56 -11.26
CA ASP A 99 6.43 -11.03 -12.62
C ASP A 99 5.79 -9.65 -12.75
N LYS A 100 5.35 -9.09 -11.63
CA LYS A 100 4.71 -7.77 -11.66
C LYS A 100 5.36 -6.84 -10.64
N LYS A 101 5.74 -5.65 -11.08
CA LYS A 101 6.31 -4.65 -10.18
C LYS A 101 5.44 -3.40 -10.16
N LEU A 102 5.33 -2.80 -8.99
CA LEU A 102 4.46 -1.66 -8.79
C LEU A 102 5.25 -0.36 -8.86
N LEU A 103 4.65 0.67 -9.41
CA LEU A 103 5.23 2.00 -9.39
C LEU A 103 4.62 2.81 -8.26
N VAL A 104 5.41 3.04 -7.22
CA VAL A 104 4.93 3.77 -6.06
C VAL A 104 5.51 5.18 -6.08
N GLN A 105 4.66 6.12 -6.37
CA GLN A 105 5.05 7.52 -6.45
C GLN A 105 4.09 8.36 -5.61
N ARG A 106 4.39 9.63 -5.43
CA ARG A 106 3.54 10.47 -4.59
C ARG A 106 2.43 11.11 -5.40
N ALA A 107 1.21 10.95 -4.90
CA ALA A 107 0.05 11.57 -5.51
C ALA A 107 -0.02 13.04 -5.14
N SER A 108 0.19 13.31 -3.85
CA SER A 108 0.28 14.68 -3.33
C SER A 108 -0.85 15.59 -3.84
N VAL A 109 -2.09 15.13 -3.66
CA VAL A 109 -3.27 15.91 -4.06
C VAL A 109 -3.22 16.21 -5.56
N GLY A 110 -2.86 15.21 -6.35
CA GLY A 110 -2.77 15.39 -7.78
C GLY A 110 -1.70 16.39 -8.16
N ALA A 111 -0.51 16.22 -7.60
CA ALA A 111 0.60 17.12 -7.83
C ALA A 111 1.17 16.95 -9.22
N LYS A 112 1.70 15.77 -9.49
CA LYS A 112 2.36 15.48 -10.75
C LYS A 112 2.74 14.02 -10.84
N ASN A 113 3.02 13.42 -9.68
CA ASN A 113 3.38 12.00 -9.58
C ASN A 113 4.78 11.77 -10.12
N ALA A 114 5.76 11.83 -9.22
CA ALA A 114 7.18 11.61 -9.52
C ALA A 114 7.80 12.82 -10.22
N GLY A 115 6.97 13.82 -10.52
CA GLY A 115 7.45 15.03 -11.15
C GLY A 115 7.73 14.85 -12.63
N SER A 116 8.80 14.13 -12.93
CA SER A 116 9.21 13.86 -14.31
C SER A 116 9.44 15.17 -15.06
N GLY A 117 10.28 16.03 -14.49
CA GLY A 117 10.58 17.30 -15.12
C GLY A 117 10.53 18.46 -14.14
N GLY A 118 11.58 18.59 -13.35
CA GLY A 118 11.69 19.70 -12.42
C GLY A 118 11.00 19.43 -11.09
N SER A 119 9.77 18.96 -11.16
CA SER A 119 8.95 18.74 -9.97
C SER A 119 9.23 17.38 -9.34
N GLY A 120 10.31 16.74 -9.75
CA GLY A 120 10.66 15.45 -9.19
C GLY A 120 12.14 15.35 -8.91
N SER A 121 12.66 16.35 -8.21
CA SER A 121 14.08 16.42 -7.92
C SER A 121 14.31 16.69 -6.44
N SER A 122 15.56 16.99 -6.08
CA SER A 122 15.94 17.32 -4.71
C SER A 122 15.83 16.10 -3.80
N GLY A 123 15.87 14.92 -4.40
CA GLY A 123 15.77 13.70 -3.63
C GLY A 123 16.68 12.61 -4.13
N SER A 124 17.67 12.98 -4.93
CA SER A 124 18.58 12.01 -5.52
C SER A 124 19.73 11.70 -4.56
N GLY A 125 19.36 11.28 -3.36
CA GLY A 125 20.34 10.95 -2.35
C GLY A 125 19.78 11.21 -0.97
N GLY A 126 20.53 10.83 0.06
CA GLY A 126 20.08 11.01 1.42
C GLY A 126 18.89 10.13 1.76
N SER A 127 18.84 8.97 1.12
CA SER A 127 17.77 8.02 1.36
C SER A 127 18.33 6.80 2.09
N GLY A 128 19.59 6.46 1.78
CA GLY A 128 20.26 5.37 2.43
C GLY A 128 20.59 5.70 3.87
N GLY A 129 20.15 4.85 4.78
CA GLY A 129 20.34 5.10 6.20
C GLY A 129 19.03 5.09 6.93
N GLY A 130 18.03 5.76 6.35
CA GLY A 130 16.74 5.85 6.99
C GLY A 130 15.77 4.81 6.47
N VAL A 131 15.99 4.34 5.25
CA VAL A 131 15.13 3.33 4.65
C VAL A 131 15.51 1.93 5.14
N ASN A 132 14.54 1.21 5.66
CA ASN A 132 14.76 -0.18 6.05
C ASN A 132 14.59 -1.08 4.83
N ASP A 133 15.71 -1.40 4.19
CA ASP A 133 15.69 -2.16 2.94
C ASP A 133 15.45 -3.65 3.20
N ALA A 134 14.28 -3.99 3.70
CA ALA A 134 13.90 -5.37 3.89
C ALA A 134 12.77 -5.74 2.94
N PHE A 135 12.90 -5.29 1.69
CA PHE A 135 11.94 -5.62 0.66
C PHE A 135 11.93 -7.13 0.41
N LYS A 136 12.99 -7.79 0.87
CA LYS A 136 13.03 -9.25 0.85
C LYS A 136 11.95 -9.82 1.76
N ASP A 137 11.86 -9.29 2.97
CA ASP A 137 10.90 -9.78 3.95
C ASP A 137 9.50 -9.38 3.51
N ALA A 138 9.38 -8.19 2.95
CA ALA A 138 8.11 -7.71 2.43
C ALA A 138 7.66 -8.56 1.24
N LEU A 139 8.60 -8.87 0.35
CA LEU A 139 8.32 -9.71 -0.80
C LEU A 139 7.77 -11.06 -0.38
N GLN A 140 8.55 -11.76 0.44
CA GLN A 140 8.16 -13.07 0.94
C GLN A 140 6.79 -13.02 1.60
N ARG A 141 6.58 -12.03 2.46
CA ARG A 141 5.32 -11.84 3.15
C ARG A 141 4.18 -11.64 2.15
N ALA A 142 4.37 -10.71 1.22
CA ALA A 142 3.34 -10.38 0.26
C ALA A 142 3.00 -11.56 -0.63
N ARG A 143 4.02 -12.21 -1.19
CA ARG A 143 3.79 -13.28 -2.14
C ARG A 143 3.17 -14.51 -1.45
N GLN A 144 3.56 -14.76 -0.19
CA GLN A 144 3.03 -15.91 0.52
C GLN A 144 1.59 -15.66 0.95
N ILE A 145 1.28 -14.41 1.27
CA ILE A 145 -0.08 -14.04 1.62
C ILE A 145 -0.97 -14.02 0.37
N ALA A 146 -0.41 -13.55 -0.74
CA ALA A 146 -1.11 -13.60 -2.01
C ALA A 146 -1.47 -15.04 -2.36
N ALA A 147 -0.52 -15.94 -2.11
CA ALA A 147 -0.75 -17.36 -2.29
C ALA A 147 -1.72 -17.91 -1.25
N LYS A 148 -1.64 -17.37 -0.04
CA LYS A 148 -2.54 -17.76 1.05
C LYS A 148 -3.99 -17.44 0.67
N ILE A 149 -4.21 -16.25 0.15
CA ILE A 149 -5.53 -15.85 -0.34
C ILE A 149 -5.88 -16.63 -1.59
N GLY A 150 -4.85 -17.09 -2.29
CA GLY A 150 -5.05 -17.88 -3.49
C GLY A 150 -5.27 -17.00 -4.70
N GLY A 151 -4.75 -15.79 -4.64
CA GLY A 151 -4.98 -14.84 -5.70
C GLY A 151 -6.45 -14.48 -5.82
N ASP A 152 -6.99 -13.95 -4.73
CA ASP A 152 -8.41 -13.58 -4.66
C ASP A 152 -9.29 -14.83 -4.74
N ALA A 153 -9.06 -15.75 -3.82
CA ALA A 153 -9.85 -16.98 -3.73
C ALA A 153 -10.04 -17.36 -2.26
N GLY A 154 -10.18 -16.36 -1.41
CA GLY A 154 -10.29 -16.60 0.00
C GLY A 154 -10.10 -15.32 0.79
N THR A 155 -9.60 -15.46 2.01
CA THR A 155 -9.42 -14.34 2.91
C THR A 155 -8.24 -14.57 3.84
N SER A 156 -7.75 -13.50 4.44
CA SER A 156 -6.69 -13.58 5.43
C SER A 156 -7.03 -12.70 6.63
N LEU A 157 -8.32 -12.40 6.79
CA LEU A 157 -8.78 -11.60 7.90
C LEU A 157 -8.94 -12.46 9.15
N ASN A 158 -7.82 -12.78 9.77
CA ASN A 158 -7.81 -13.59 10.98
C ASN A 158 -7.93 -12.70 12.21
N SER A 159 -9.12 -12.18 12.44
CA SER A 159 -9.37 -11.31 13.57
C SER A 159 -10.34 -11.97 14.55
N ASN A 160 -9.79 -12.62 15.56
CA ASN A 160 -10.59 -13.33 16.55
C ASN A 160 -10.14 -12.94 17.96
N ALA A 1 -14.41 8.85 18.60
CA ALA A 1 -13.29 9.53 19.30
C ALA A 1 -12.06 8.63 19.32
N MET A 2 -12.10 7.59 20.13
CA MET A 2 -10.98 6.67 20.25
C MET A 2 -11.37 5.28 19.74
N ASP A 3 -12.45 4.73 20.34
CA ASP A 3 -13.00 3.42 19.96
C ASP A 3 -11.93 2.39 19.62
N TYR A 4 -11.02 2.19 20.55
CA TYR A 4 -9.95 1.22 20.40
C TYR A 4 -9.49 0.73 21.75
N GLN A 5 -9.39 -0.57 21.89
CA GLN A 5 -8.87 -1.17 23.10
C GLN A 5 -7.47 -1.74 22.86
N PRO A 6 -6.46 -1.19 23.52
CA PRO A 6 -5.07 -1.67 23.40
C PRO A 6 -4.96 -3.12 23.85
N LEU A 7 -4.22 -3.92 23.07
CA LEU A 7 -4.06 -5.34 23.31
C LEU A 7 -5.38 -6.10 23.12
N PRO A 8 -5.38 -7.15 22.30
CA PRO A 8 -6.57 -7.95 22.04
C PRO A 8 -6.92 -8.89 23.19
N GLY A 9 -7.13 -8.31 24.38
CA GLY A 9 -7.52 -9.10 25.53
C GLY A 9 -8.95 -9.59 25.41
N MET A 10 -9.80 -8.75 24.85
CA MET A 10 -11.18 -9.11 24.60
C MET A 10 -11.62 -8.47 23.29
N SER A 11 -12.79 -8.87 22.78
CA SER A 11 -13.30 -8.42 21.50
C SER A 11 -12.23 -8.49 20.42
N GLU A 12 -11.84 -9.73 20.09
CA GLU A 12 -10.76 -9.97 19.12
C GLU A 12 -11.21 -9.72 17.68
N ASN A 13 -11.71 -8.51 17.43
CA ASN A 13 -12.12 -8.10 16.11
C ASN A 13 -10.99 -7.36 15.42
N PRO A 14 -10.91 -7.39 14.08
CA PRO A 14 -9.88 -6.67 13.34
C PRO A 14 -9.87 -5.18 13.68
N SER A 15 -11.05 -4.61 13.87
CA SER A 15 -11.21 -3.20 14.19
C SER A 15 -10.67 -2.87 15.58
N VAL A 16 -10.56 -3.89 16.42
CA VAL A 16 -10.02 -3.70 17.77
C VAL A 16 -8.53 -4.05 17.78
N TYR A 17 -8.10 -4.77 16.75
CA TYR A 17 -6.72 -5.18 16.64
C TYR A 17 -5.85 -4.04 16.11
N VAL A 18 -6.31 -3.39 15.05
CA VAL A 18 -5.58 -2.28 14.44
C VAL A 18 -6.09 -0.94 14.96
N PRO A 19 -5.19 -0.11 15.51
CA PRO A 19 -5.55 1.19 16.06
C PRO A 19 -5.94 2.20 14.98
N GLY A 20 -7.16 2.68 15.05
CA GLY A 20 -7.63 3.68 14.10
C GLY A 20 -8.31 3.05 12.90
N VAL A 21 -7.97 1.80 12.61
CA VAL A 21 -8.51 1.08 11.46
C VAL A 21 -8.16 1.75 10.13
N VAL A 22 -7.68 0.96 9.18
CA VAL A 22 -7.37 1.48 7.86
C VAL A 22 -8.64 1.89 7.13
N SER A 23 -8.80 3.19 6.95
CA SER A 23 -9.98 3.74 6.29
C SER A 23 -9.98 3.37 4.81
N THR A 24 -11.18 3.17 4.27
CA THR A 24 -11.35 2.83 2.87
C THR A 24 -11.21 4.07 2.01
N VAL A 25 -11.54 5.21 2.57
CA VAL A 25 -11.36 6.49 1.89
C VAL A 25 -10.08 7.16 2.35
N VAL A 26 -9.31 7.72 1.42
CA VAL A 26 -8.06 8.35 1.76
C VAL A 26 -8.18 9.88 1.64
N PRO A 27 -8.29 10.59 2.78
CA PRO A 27 -8.36 12.05 2.80
C PRO A 27 -7.12 12.67 2.15
N ASP A 28 -7.35 13.67 1.29
CA ASP A 28 -6.26 14.25 0.51
C ASP A 28 -5.23 14.94 1.39
N SER A 29 -3.98 14.55 1.21
CA SER A 29 -2.87 15.12 1.96
C SER A 29 -1.57 14.93 1.18
N ALA A 30 -0.46 15.39 1.73
CA ALA A 30 0.83 15.28 1.07
C ALA A 30 1.43 13.90 1.25
N HIS A 31 1.07 13.22 2.33
CA HIS A 31 1.63 11.90 2.63
C HIS A 31 0.79 10.79 1.97
N LYS A 32 0.09 11.14 0.90
CA LYS A 32 -0.66 10.16 0.12
C LYS A 32 0.22 9.58 -0.98
N LEU A 33 0.13 8.27 -1.13
CA LEU A 33 0.95 7.55 -2.11
C LEU A 33 0.10 7.03 -3.25
N PHE A 34 0.73 6.89 -4.40
CA PHE A 34 0.07 6.35 -5.59
C PHE A 34 0.75 5.06 -6.03
N ILE A 35 0.05 3.95 -5.93
CA ILE A 35 0.59 2.67 -6.35
C ILE A 35 0.04 2.32 -7.71
N GLY A 36 0.88 2.31 -8.73
CA GLY A 36 0.41 2.04 -10.07
C GLY A 36 1.07 0.82 -10.68
N GLY A 37 0.33 0.11 -11.51
CA GLY A 37 0.88 -1.06 -12.15
C GLY A 37 0.55 -2.33 -11.39
N LEU A 38 -0.40 -2.25 -10.49
CA LEU A 38 -0.81 -3.42 -9.73
C LEU A 38 -1.88 -4.17 -10.49
N PRO A 39 -1.76 -5.51 -10.56
CA PRO A 39 -2.72 -6.36 -11.27
C PRO A 39 -4.16 -6.02 -10.91
N ASN A 40 -5.00 -5.94 -11.94
CA ASN A 40 -6.39 -5.47 -11.81
C ASN A 40 -7.22 -6.33 -10.86
N TYR A 41 -6.68 -7.46 -10.44
CA TYR A 41 -7.44 -8.40 -9.63
C TYR A 41 -7.06 -8.30 -8.15
N LEU A 42 -6.06 -7.48 -7.84
CA LEU A 42 -5.64 -7.29 -6.45
C LEU A 42 -6.41 -6.14 -5.82
N ASN A 43 -7.02 -6.39 -4.68
CA ASN A 43 -7.80 -5.38 -3.99
C ASN A 43 -7.07 -4.79 -2.79
N ASP A 44 -7.60 -3.69 -2.26
CA ASP A 44 -6.97 -2.93 -1.20
C ASP A 44 -6.59 -3.83 -0.02
N ASP A 45 -7.54 -4.62 0.45
CA ASP A 45 -7.35 -5.51 1.61
C ASP A 45 -6.11 -6.39 1.44
N GLN A 46 -5.78 -6.70 0.21
CA GLN A 46 -4.64 -7.56 -0.09
C GLN A 46 -3.36 -6.76 -0.17
N VAL A 47 -3.42 -5.61 -0.85
CA VAL A 47 -2.23 -4.78 -1.04
C VAL A 47 -1.81 -4.11 0.28
N LYS A 48 -2.77 -3.93 1.19
CA LYS A 48 -2.50 -3.33 2.49
C LYS A 48 -1.39 -4.07 3.21
N GLU A 49 -1.33 -5.39 3.03
CA GLU A 49 -0.33 -6.20 3.70
C GLU A 49 1.06 -5.92 3.14
N LEU A 50 1.10 -5.48 1.89
CA LEU A 50 2.35 -5.08 1.25
C LEU A 50 2.79 -3.72 1.79
N LEU A 51 1.81 -2.86 2.04
CA LEU A 51 2.11 -1.50 2.53
C LEU A 51 2.39 -1.47 4.03
N THR A 52 1.44 -1.96 4.82
CA THR A 52 1.49 -1.86 6.29
C THR A 52 2.70 -2.61 6.87
N SER A 53 3.35 -3.40 6.02
CA SER A 53 4.56 -4.11 6.39
C SER A 53 5.63 -3.13 6.90
N PHE A 54 5.84 -2.07 6.13
CA PHE A 54 6.92 -1.13 6.40
C PHE A 54 6.55 -0.16 7.52
N GLY A 55 5.26 0.16 7.61
CA GLY A 55 4.80 1.09 8.63
C GLY A 55 3.29 1.07 8.79
N PRO A 56 2.76 1.72 9.82
CA PRO A 56 1.33 1.74 10.09
C PRO A 56 0.55 2.47 9.00
N LEU A 57 -0.46 1.80 8.47
CA LEU A 57 -1.27 2.36 7.40
C LEU A 57 -2.50 3.04 7.98
N LYS A 58 -2.89 4.17 7.41
CA LYS A 58 -4.03 4.92 7.89
C LYS A 58 -5.25 4.71 6.99
N ALA A 59 -5.04 4.80 5.68
CA ALA A 59 -6.13 4.67 4.74
C ALA A 59 -5.65 4.09 3.42
N PHE A 60 -6.50 3.31 2.79
CA PHE A 60 -6.17 2.70 1.50
C PHE A 60 -7.42 2.65 0.63
N ASN A 61 -7.38 3.34 -0.50
CA ASN A 61 -8.48 3.28 -1.46
C ASN A 61 -7.95 2.81 -2.80
N LEU A 62 -8.22 1.57 -3.14
CA LEU A 62 -7.85 1.06 -4.45
C LEU A 62 -8.78 1.66 -5.49
N VAL A 63 -8.22 2.03 -6.64
CA VAL A 63 -9.04 2.63 -7.67
C VAL A 63 -9.78 1.53 -8.42
N LYS A 64 -11.09 1.46 -8.21
CA LYS A 64 -11.89 0.37 -8.74
C LYS A 64 -12.76 0.85 -9.90
N ASP A 65 -12.87 0.00 -10.89
CA ASP A 65 -13.69 0.24 -12.07
C ASP A 65 -15.17 0.04 -11.73
N SER A 66 -16.01 0.93 -12.25
CA SER A 66 -17.44 0.89 -11.96
C SER A 66 -18.17 -0.07 -12.90
N ALA A 67 -17.57 -0.38 -14.04
CA ALA A 67 -18.22 -1.16 -15.07
C ALA A 67 -18.37 -2.63 -14.67
N THR A 68 -17.27 -3.27 -14.35
CA THR A 68 -17.29 -4.68 -13.98
C THR A 68 -16.86 -4.87 -12.52
N GLY A 69 -16.18 -3.88 -11.97
CA GLY A 69 -15.88 -3.89 -10.55
C GLY A 69 -14.54 -4.52 -10.22
N LEU A 70 -13.52 -4.23 -11.01
CA LEU A 70 -12.17 -4.69 -10.70
C LEU A 70 -11.26 -3.47 -10.56
N SER A 71 -10.07 -3.66 -10.03
CA SER A 71 -9.14 -2.55 -9.85
C SER A 71 -8.65 -2.05 -11.20
N LYS A 72 -8.48 -0.74 -11.35
CA LYS A 72 -8.04 -0.17 -12.63
C LYS A 72 -6.53 -0.18 -12.75
N GLY A 73 -5.87 -0.76 -11.75
CA GLY A 73 -4.43 -0.97 -11.84
C GLY A 73 -3.64 -0.05 -10.94
N TYR A 74 -4.32 0.86 -10.27
CA TYR A 74 -3.67 1.80 -9.37
C TYR A 74 -4.50 2.03 -8.11
N ALA A 75 -3.84 2.52 -7.07
CA ALA A 75 -4.49 2.74 -5.79
C ALA A 75 -3.87 3.93 -5.06
N PHE A 76 -4.63 4.47 -4.11
CA PHE A 76 -4.16 5.58 -3.28
C PHE A 76 -4.16 5.17 -1.82
N CYS A 77 -3.16 5.60 -1.08
CA CYS A 77 -3.03 5.24 0.34
C CYS A 77 -2.30 6.33 1.10
N GLU A 78 -2.48 6.36 2.41
CA GLU A 78 -1.67 7.22 3.28
C GLU A 78 -1.20 6.43 4.50
N TYR A 79 0.05 6.64 4.90
CA TYR A 79 0.56 6.03 6.13
C TYR A 79 0.23 6.90 7.34
N VAL A 80 0.23 6.31 8.52
CA VAL A 80 0.02 7.09 9.74
C VAL A 80 1.26 7.90 10.04
N ASP A 81 2.41 7.24 9.98
CA ASP A 81 3.67 7.91 10.17
C ASP A 81 4.03 8.71 8.94
N ILE A 82 3.60 9.96 8.92
CA ILE A 82 3.90 10.90 7.84
C ILE A 82 5.40 10.92 7.48
N ASN A 83 6.26 10.59 8.44
CA ASN A 83 7.70 10.56 8.22
C ASN A 83 8.10 9.31 7.46
N VAL A 84 7.38 8.22 7.72
CA VAL A 84 7.66 6.93 7.10
C VAL A 84 7.33 6.95 5.60
N THR A 85 6.47 7.89 5.21
CA THR A 85 6.06 8.05 3.81
C THR A 85 7.24 7.95 2.85
N ASP A 86 8.28 8.75 3.11
CA ASP A 86 9.44 8.81 2.22
C ASP A 86 10.24 7.50 2.22
N GLN A 87 10.31 6.85 3.37
CA GLN A 87 11.04 5.60 3.49
C GLN A 87 10.27 4.46 2.84
N ALA A 88 8.99 4.39 3.16
CA ALA A 88 8.14 3.33 2.65
C ALA A 88 8.01 3.41 1.13
N ILE A 89 7.87 4.62 0.61
CA ILE A 89 7.77 4.81 -0.83
C ILE A 89 9.07 4.40 -1.52
N ALA A 90 10.20 4.72 -0.87
CA ALA A 90 11.51 4.41 -1.41
C ALA A 90 11.77 2.91 -1.40
N GLY A 91 11.21 2.23 -0.42
CA GLY A 91 11.39 0.79 -0.33
C GLY A 91 10.43 0.01 -1.22
N LEU A 92 9.20 0.49 -1.35
CA LEU A 92 8.16 -0.28 -2.04
C LEU A 92 8.09 0.04 -3.53
N ASN A 93 8.51 1.25 -3.92
CA ASN A 93 8.46 1.62 -5.33
C ASN A 93 9.44 0.72 -6.10
N GLY A 94 8.92 0.06 -7.12
CA GLY A 94 9.75 -0.86 -7.88
C GLY A 94 9.57 -2.29 -7.45
N MET A 95 8.62 -2.53 -6.55
CA MET A 95 8.27 -3.89 -6.13
C MET A 95 8.05 -4.79 -7.33
N GLN A 96 8.99 -5.70 -7.56
CA GLN A 96 8.93 -6.59 -8.72
C GLN A 96 8.13 -7.84 -8.39
N LEU A 97 6.89 -7.87 -8.86
CA LEU A 97 6.02 -9.00 -8.65
C LEU A 97 5.90 -9.84 -9.91
N GLY A 98 6.62 -10.95 -9.96
CA GLY A 98 6.57 -11.81 -11.11
C GLY A 98 7.09 -11.14 -12.36
N ASP A 99 6.18 -10.69 -13.21
CA ASP A 99 6.56 -10.05 -14.45
C ASP A 99 6.27 -8.55 -14.44
N LYS A 100 5.60 -8.06 -13.41
CA LYS A 100 5.27 -6.64 -13.36
C LYS A 100 5.67 -6.02 -12.03
N LYS A 101 6.28 -4.85 -12.10
CA LYS A 101 6.71 -4.14 -10.90
C LYS A 101 5.80 -2.94 -10.64
N LEU A 102 5.49 -2.70 -9.37
CA LEU A 102 4.57 -1.63 -9.02
C LEU A 102 5.31 -0.32 -8.85
N LEU A 103 4.74 0.74 -9.40
CA LEU A 103 5.31 2.07 -9.31
C LEU A 103 4.61 2.86 -8.21
N VAL A 104 5.29 3.10 -7.12
CA VAL A 104 4.72 3.88 -6.04
C VAL A 104 5.24 5.31 -6.10
N GLN A 105 4.34 6.23 -6.40
CA GLN A 105 4.68 7.64 -6.53
C GLN A 105 4.00 8.44 -5.43
N ARG A 106 4.28 9.72 -5.36
CA ARG A 106 3.69 10.58 -4.35
C ARG A 106 2.41 11.20 -4.89
N ALA A 107 1.27 10.60 -4.54
CA ALA A 107 -0.02 11.13 -4.97
C ALA A 107 -0.15 12.58 -4.54
N SER A 108 0.18 12.83 -3.26
CA SER A 108 0.33 14.17 -2.71
C SER A 108 -0.73 15.15 -3.25
N VAL A 109 -2.00 14.76 -3.15
CA VAL A 109 -3.15 15.58 -3.58
C VAL A 109 -2.98 16.13 -5.02
N GLY A 110 -2.17 15.45 -5.82
CA GLY A 110 -2.01 15.83 -7.21
C GLY A 110 -0.98 16.93 -7.42
N ALA A 111 -0.20 17.22 -6.39
CA ALA A 111 0.82 18.26 -6.47
C ALA A 111 1.97 17.83 -7.39
N LYS A 112 2.85 16.97 -6.88
CA LYS A 112 3.94 16.45 -7.67
C LYS A 112 3.97 14.93 -7.57
N ASN A 113 3.20 14.30 -8.44
CA ASN A 113 3.04 12.85 -8.43
C ASN A 113 4.25 12.18 -9.06
N ALA A 114 4.51 12.52 -10.31
CA ALA A 114 5.64 11.96 -11.04
C ALA A 114 6.91 12.75 -10.75
N GLY A 115 7.50 12.49 -9.60
CA GLY A 115 8.71 13.16 -9.20
C GLY A 115 9.83 12.20 -8.86
N SER A 116 11.04 12.70 -8.81
CA SER A 116 12.20 11.88 -8.47
C SER A 116 12.88 12.43 -7.23
N GLY A 117 13.24 11.54 -6.31
CA GLY A 117 13.88 11.95 -5.07
C GLY A 117 15.32 12.36 -5.28
N GLY A 118 15.63 13.61 -4.96
CA GLY A 118 16.98 14.10 -5.08
C GLY A 118 17.02 15.56 -5.48
N SER A 119 17.73 15.86 -6.55
CA SER A 119 17.81 17.23 -7.06
C SER A 119 18.09 17.22 -8.55
N GLY A 120 19.24 16.69 -8.93
CA GLY A 120 19.60 16.59 -10.33
C GLY A 120 19.20 15.26 -10.93
N SER A 121 19.11 14.25 -10.06
CA SER A 121 18.69 12.91 -10.45
C SER A 121 19.64 12.31 -11.49
N SER A 122 20.94 12.49 -11.27
CA SER A 122 21.95 11.94 -12.17
C SER A 122 22.04 10.43 -12.02
N GLY A 123 21.86 9.96 -10.79
CA GLY A 123 21.92 8.54 -10.53
C GLY A 123 20.60 7.86 -10.84
N SER A 124 19.52 8.43 -10.33
CA SER A 124 18.18 7.88 -10.53
C SER A 124 18.11 6.45 -10.02
N GLY A 125 18.55 6.25 -8.79
CA GLY A 125 18.57 4.94 -8.19
C GLY A 125 19.35 4.91 -6.91
N GLY A 126 18.66 5.16 -5.80
CA GLY A 126 19.30 5.17 -4.50
C GLY A 126 18.97 3.94 -3.69
N SER A 127 18.73 2.84 -4.38
CA SER A 127 18.38 1.58 -3.73
C SER A 127 19.65 0.78 -3.42
N GLY A 128 19.52 -0.23 -2.57
CA GLY A 128 20.66 -1.04 -2.19
C GLY A 128 21.29 -0.53 -0.91
N GLY A 129 20.57 0.33 -0.22
CA GLY A 129 21.06 0.89 1.02
C GLY A 129 20.00 1.72 1.71
N GLY A 130 19.80 1.46 3.00
CA GLY A 130 18.75 2.12 3.73
C GLY A 130 17.40 1.49 3.49
N VAL A 131 16.36 2.06 4.11
CA VAL A 131 14.98 1.56 4.00
C VAL A 131 14.91 0.03 3.98
N ASN A 132 15.36 -0.56 5.07
CA ASN A 132 15.46 -2.01 5.16
C ASN A 132 14.51 -2.55 6.23
N ASP A 133 13.41 -3.13 5.79
CA ASP A 133 12.48 -3.80 6.69
C ASP A 133 12.46 -5.30 6.36
N ALA A 134 13.62 -5.79 5.90
CA ALA A 134 13.77 -7.15 5.41
C ALA A 134 12.98 -7.33 4.12
N PHE A 135 13.48 -6.67 3.06
CA PHE A 135 12.79 -6.63 1.78
C PHE A 135 12.58 -8.04 1.20
N LYS A 136 13.48 -8.95 1.53
CA LYS A 136 13.38 -10.32 1.05
C LYS A 136 12.12 -10.98 1.60
N ASP A 137 11.98 -10.99 2.92
CA ASP A 137 10.81 -11.58 3.58
C ASP A 137 9.55 -10.82 3.19
N ALA A 138 9.69 -9.52 3.04
CA ALA A 138 8.58 -8.67 2.63
C ALA A 138 8.08 -9.05 1.25
N LEU A 139 9.02 -9.29 0.33
CA LEU A 139 8.66 -9.74 -1.01
C LEU A 139 8.07 -11.14 -0.95
N GLN A 140 8.65 -12.00 -0.12
CA GLN A 140 8.15 -13.36 0.05
C GLN A 140 6.70 -13.32 0.49
N ARG A 141 6.43 -12.47 1.49
CA ARG A 141 5.10 -12.25 2.00
C ARG A 141 4.17 -11.80 0.86
N ALA A 142 4.61 -10.81 0.11
CA ALA A 142 3.79 -10.25 -0.96
C ALA A 142 3.51 -11.27 -2.06
N ARG A 143 4.54 -12.00 -2.48
CA ARG A 143 4.38 -12.95 -3.57
C ARG A 143 3.57 -14.17 -3.15
N GLN A 144 3.66 -14.55 -1.87
CA GLN A 144 2.89 -15.68 -1.37
C GLN A 144 1.43 -15.28 -1.18
N ILE A 145 1.21 -14.00 -0.84
CA ILE A 145 -0.14 -13.46 -0.75
C ILE A 145 -0.72 -13.28 -2.15
N ALA A 146 0.15 -12.99 -3.11
CA ALA A 146 -0.24 -12.96 -4.50
C ALA A 146 -0.64 -14.36 -4.96
N ALA A 147 0.14 -15.35 -4.57
CA ALA A 147 -0.18 -16.74 -4.88
C ALA A 147 -1.39 -17.21 -4.09
N LYS A 148 -1.63 -16.57 -2.95
CA LYS A 148 -2.77 -16.88 -2.09
C LYS A 148 -4.09 -16.63 -2.83
N ILE A 149 -4.18 -15.50 -3.51
CA ILE A 149 -5.38 -15.16 -4.27
C ILE A 149 -5.51 -16.06 -5.50
N GLY A 150 -4.36 -16.47 -6.03
CA GLY A 150 -4.34 -17.33 -7.18
C GLY A 150 -3.29 -16.92 -8.20
N GLY A 151 -2.44 -15.96 -7.82
CA GLY A 151 -1.42 -15.48 -8.72
C GLY A 151 -2.02 -14.73 -9.88
N ASP A 152 -3.05 -13.94 -9.59
CA ASP A 152 -3.78 -13.22 -10.63
C ASP A 152 -3.06 -11.95 -11.07
N ALA A 153 -1.89 -12.13 -11.68
CA ALA A 153 -1.18 -11.03 -12.31
C ALA A 153 -1.51 -11.01 -13.79
N GLY A 154 -2.12 -12.09 -14.24
CA GLY A 154 -2.53 -12.22 -15.62
C GLY A 154 -3.20 -13.55 -15.84
N THR A 155 -4.00 -13.67 -16.89
CA THR A 155 -4.69 -14.91 -17.17
C THR A 155 -4.77 -15.16 -18.67
N SER A 156 -4.59 -16.43 -19.06
CA SER A 156 -4.60 -16.87 -20.46
C SER A 156 -3.70 -15.99 -21.33
N LEU A 157 -2.50 -15.69 -20.82
CA LEU A 157 -1.55 -14.88 -21.56
C LEU A 157 -0.79 -15.76 -22.55
N ASN A 158 -1.51 -16.20 -23.59
CA ASN A 158 -0.93 -17.08 -24.59
C ASN A 158 -0.12 -16.26 -25.59
N SER A 159 1.02 -15.77 -25.12
CA SER A 159 1.92 -14.97 -25.94
C SER A 159 3.34 -15.11 -25.39
N ASN A 160 4.30 -15.24 -26.27
CA ASN A 160 5.69 -15.40 -25.86
C ASN A 160 6.54 -14.23 -26.38
N ALA A 1 -15.27 5.63 16.05
CA ALA A 1 -14.25 5.29 15.02
C ALA A 1 -12.87 5.31 15.64
N MET A 2 -11.95 4.56 15.04
CA MET A 2 -10.60 4.40 15.59
C MET A 2 -10.69 3.79 16.99
N ASP A 3 -11.59 2.83 17.14
CA ASP A 3 -11.78 2.12 18.38
C ASP A 3 -11.14 0.75 18.28
N TYR A 4 -9.90 0.65 18.73
CA TYR A 4 -9.17 -0.59 18.61
C TYR A 4 -9.43 -1.49 19.81
N GLN A 5 -10.26 -2.49 19.62
CA GLN A 5 -10.47 -3.53 20.62
C GLN A 5 -9.45 -4.64 20.40
N PRO A 6 -8.51 -4.80 21.33
CA PRO A 6 -7.51 -5.87 21.24
C PRO A 6 -8.07 -7.20 21.74
N LEU A 7 -7.65 -8.29 21.10
CA LEU A 7 -8.07 -9.63 21.49
C LEU A 7 -7.32 -10.08 22.73
N PRO A 8 -8.04 -10.59 23.73
CA PRO A 8 -7.44 -11.05 24.99
C PRO A 8 -6.72 -12.39 24.86
N GLY A 9 -5.68 -12.40 24.03
CA GLY A 9 -4.87 -13.60 23.90
C GLY A 9 -5.33 -14.47 22.76
N MET A 10 -5.27 -13.94 21.56
CA MET A 10 -5.64 -14.70 20.37
C MET A 10 -4.40 -14.99 19.52
N SER A 11 -3.46 -14.05 19.54
CA SER A 11 -2.19 -14.17 18.83
C SER A 11 -2.36 -14.13 17.31
N GLU A 12 -3.13 -15.08 16.78
CA GLU A 12 -3.38 -15.15 15.35
C GLU A 12 -4.60 -14.29 14.98
N ASN A 13 -4.46 -12.98 15.15
CA ASN A 13 -5.55 -12.06 14.88
C ASN A 13 -5.13 -10.88 13.98
N PRO A 14 -4.54 -11.14 12.81
CA PRO A 14 -4.10 -10.08 11.89
C PRO A 14 -5.27 -9.40 11.20
N SER A 15 -6.01 -10.15 10.38
CA SER A 15 -7.15 -9.61 9.67
C SER A 15 -8.38 -9.59 10.58
N VAL A 16 -8.22 -10.20 11.76
CA VAL A 16 -9.29 -10.23 12.75
C VAL A 16 -9.54 -8.82 13.29
N TYR A 17 -8.47 -8.14 13.64
CA TYR A 17 -8.56 -6.78 14.12
C TYR A 17 -7.29 -6.02 13.77
N VAL A 18 -7.43 -5.10 12.84
CA VAL A 18 -6.29 -4.33 12.35
C VAL A 18 -6.06 -3.10 13.22
N PRO A 19 -4.88 -3.01 13.87
CA PRO A 19 -4.53 -1.86 14.70
C PRO A 19 -4.30 -0.61 13.86
N GLY A 20 -5.09 0.42 14.12
CA GLY A 20 -4.98 1.65 13.36
C GLY A 20 -6.13 1.83 12.41
N VAL A 21 -6.92 0.76 12.26
CA VAL A 21 -8.10 0.70 11.37
C VAL A 21 -7.91 1.47 10.05
N VAL A 22 -7.53 0.74 9.02
CA VAL A 22 -7.30 1.32 7.70
C VAL A 22 -8.62 1.67 7.04
N SER A 23 -8.82 2.95 6.72
CA SER A 23 -10.05 3.38 6.07
C SER A 23 -9.96 3.13 4.56
N THR A 24 -11.10 3.13 3.89
CA THR A 24 -11.12 2.94 2.45
C THR A 24 -10.70 4.23 1.74
N VAL A 25 -11.54 5.24 1.80
CA VAL A 25 -11.28 6.50 1.16
C VAL A 25 -10.08 7.20 1.80
N VAL A 26 -9.21 7.74 0.96
CA VAL A 26 -8.01 8.39 1.44
C VAL A 26 -8.10 9.90 1.24
N PRO A 27 -8.02 10.67 2.34
CA PRO A 27 -8.04 12.14 2.29
C PRO A 27 -6.83 12.71 1.54
N ASP A 28 -6.98 13.92 1.03
CA ASP A 28 -5.89 14.60 0.32
C ASP A 28 -4.80 14.98 1.31
N SER A 29 -3.59 14.52 1.03
CA SER A 29 -2.45 14.71 1.93
C SER A 29 -1.16 14.54 1.15
N ALA A 30 -0.12 15.28 1.56
CA ALA A 30 1.17 15.25 0.89
C ALA A 30 1.83 13.88 1.04
N HIS A 31 1.38 13.10 2.01
CA HIS A 31 1.92 11.77 2.22
C HIS A 31 0.99 10.70 1.60
N LYS A 32 0.16 11.13 0.66
CA LYS A 32 -0.65 10.18 -0.10
C LYS A 32 0.18 9.56 -1.21
N LEU A 33 0.21 8.25 -1.25
CA LEU A 33 1.02 7.52 -2.21
C LEU A 33 0.20 7.09 -3.41
N PHE A 34 0.82 7.18 -4.58
CA PHE A 34 0.23 6.70 -5.81
C PHE A 34 0.84 5.36 -6.18
N ILE A 35 0.07 4.30 -6.02
CA ILE A 35 0.54 2.98 -6.39
C ILE A 35 0.02 2.63 -7.77
N GLY A 36 0.90 2.69 -8.76
CA GLY A 36 0.50 2.40 -10.10
C GLY A 36 1.20 1.19 -10.64
N GLY A 37 0.53 0.43 -11.49
CA GLY A 37 1.13 -0.76 -12.04
C GLY A 37 0.94 -1.96 -11.13
N LEU A 38 -0.19 -2.02 -10.45
CA LEU A 38 -0.49 -3.16 -9.60
C LEU A 38 -1.41 -4.13 -10.34
N PRO A 39 -1.28 -5.44 -10.08
CA PRO A 39 -2.11 -6.47 -10.72
C PRO A 39 -3.60 -6.18 -10.59
N ASN A 40 -4.32 -6.34 -11.70
CA ASN A 40 -5.73 -5.97 -11.76
C ASN A 40 -6.61 -6.88 -10.92
N TYR A 41 -6.03 -7.97 -10.43
CA TYR A 41 -6.78 -8.94 -9.66
C TYR A 41 -6.50 -8.80 -8.16
N LEU A 42 -5.61 -7.88 -7.82
CA LEU A 42 -5.27 -7.65 -6.43
C LEU A 42 -5.90 -6.36 -5.92
N ASN A 43 -6.81 -6.49 -4.97
CA ASN A 43 -7.43 -5.33 -4.35
C ASN A 43 -6.75 -4.97 -3.03
N ASP A 44 -7.25 -3.93 -2.38
CA ASP A 44 -6.66 -3.42 -1.15
C ASP A 44 -6.50 -4.52 -0.12
N ASP A 45 -7.48 -5.42 -0.03
CA ASP A 45 -7.46 -6.52 0.93
C ASP A 45 -6.13 -7.27 0.90
N GLN A 46 -5.56 -7.42 -0.30
CA GLN A 46 -4.28 -8.09 -0.46
C GLN A 46 -3.12 -7.10 -0.35
N VAL A 47 -3.23 -6.00 -1.08
CA VAL A 47 -2.11 -5.05 -1.20
C VAL A 47 -1.83 -4.33 0.12
N LYS A 48 -2.87 -4.09 0.91
CA LYS A 48 -2.75 -3.36 2.17
C LYS A 48 -1.60 -3.87 3.03
N GLU A 49 -1.57 -5.18 3.26
CA GLU A 49 -0.56 -5.75 4.13
C GLU A 49 0.82 -5.75 3.47
N LEU A 50 0.87 -5.63 2.14
CA LEU A 50 2.14 -5.48 1.45
C LEU A 50 2.73 -4.11 1.78
N LEU A 51 1.87 -3.11 1.74
CA LEU A 51 2.29 -1.74 2.04
C LEU A 51 2.50 -1.55 3.55
N THR A 52 1.67 -2.19 4.35
CA THR A 52 1.77 -2.08 5.81
C THR A 52 3.04 -2.80 6.31
N SER A 53 3.66 -3.59 5.44
CA SER A 53 4.90 -4.26 5.77
C SER A 53 6.01 -3.26 6.08
N PHE A 54 5.87 -2.02 5.59
CA PHE A 54 6.88 -1.00 5.81
C PHE A 54 6.54 -0.15 7.04
N GLY A 55 5.25 0.02 7.31
CA GLY A 55 4.84 0.84 8.42
C GLY A 55 3.32 0.91 8.57
N PRO A 56 2.83 1.63 9.59
CA PRO A 56 1.39 1.72 9.88
C PRO A 56 0.61 2.43 8.78
N LEU A 57 -0.38 1.73 8.21
CA LEU A 57 -1.20 2.28 7.14
C LEU A 57 -2.46 2.89 7.73
N LYS A 58 -2.89 4.03 7.18
CA LYS A 58 -4.07 4.71 7.70
C LYS A 58 -5.27 4.50 6.78
N ALA A 59 -5.05 4.58 5.48
CA ALA A 59 -6.13 4.44 4.51
C ALA A 59 -5.61 3.90 3.18
N PHE A 60 -6.46 3.13 2.51
CA PHE A 60 -6.11 2.54 1.22
C PHE A 60 -7.33 2.51 0.31
N ASN A 61 -7.29 3.32 -0.73
CA ASN A 61 -8.38 3.39 -1.70
C ASN A 61 -7.88 2.93 -3.07
N LEU A 62 -8.26 1.72 -3.46
CA LEU A 62 -7.88 1.21 -4.77
C LEU A 62 -8.88 1.71 -5.81
N VAL A 63 -8.39 2.00 -7.00
CA VAL A 63 -9.26 2.38 -8.09
C VAL A 63 -9.89 1.13 -8.68
N LYS A 64 -11.17 0.95 -8.43
CA LYS A 64 -11.87 -0.25 -8.84
C LYS A 64 -12.77 0.03 -10.02
N ASP A 65 -12.74 -0.86 -10.99
CA ASP A 65 -13.51 -0.75 -12.21
C ASP A 65 -15.00 -0.94 -11.95
N SER A 66 -15.81 -0.09 -12.56
CA SER A 66 -17.25 -0.13 -12.39
C SER A 66 -17.90 -1.13 -13.36
N ALA A 67 -17.20 -1.47 -14.44
CA ALA A 67 -17.79 -2.29 -15.50
C ALA A 67 -17.96 -3.75 -15.07
N THR A 68 -16.87 -4.39 -14.67
CA THR A 68 -16.92 -5.78 -14.26
C THR A 68 -16.54 -5.93 -12.79
N GLY A 69 -15.82 -4.93 -12.27
CA GLY A 69 -15.54 -4.90 -10.84
C GLY A 69 -14.20 -5.46 -10.46
N LEU A 70 -13.17 -5.17 -11.24
CA LEU A 70 -11.81 -5.56 -10.87
C LEU A 70 -10.97 -4.32 -10.61
N SER A 71 -9.71 -4.49 -10.27
CA SER A 71 -8.84 -3.36 -10.02
C SER A 71 -8.44 -2.70 -11.34
N LYS A 72 -8.34 -1.38 -11.34
CA LYS A 72 -7.99 -0.62 -12.53
C LYS A 72 -6.48 -0.60 -12.72
N GLY A 73 -5.75 -1.03 -11.70
CA GLY A 73 -4.31 -1.15 -11.82
C GLY A 73 -3.55 -0.09 -11.05
N TYR A 74 -4.28 0.79 -10.37
CA TYR A 74 -3.64 1.82 -9.56
C TYR A 74 -4.48 2.14 -8.33
N ALA A 75 -3.82 2.60 -7.28
CA ALA A 75 -4.48 2.85 -6.00
C ALA A 75 -3.83 4.01 -5.24
N PHE A 76 -4.53 4.47 -4.22
CA PHE A 76 -4.04 5.54 -3.36
C PHE A 76 -4.02 5.07 -1.91
N CYS A 77 -2.97 5.39 -1.17
CA CYS A 77 -2.89 5.03 0.24
C CYS A 77 -2.05 6.04 1.01
N GLU A 78 -2.28 6.15 2.30
CA GLU A 78 -1.45 7.00 3.13
C GLU A 78 -1.04 6.28 4.41
N TYR A 79 0.19 6.52 4.86
CA TYR A 79 0.66 6.01 6.13
C TYR A 79 0.25 6.93 7.26
N VAL A 80 0.23 6.44 8.48
CA VAL A 80 -0.03 7.28 9.63
C VAL A 80 1.20 8.16 9.89
N ASP A 81 2.35 7.53 9.92
CA ASP A 81 3.60 8.24 10.10
C ASP A 81 3.99 8.96 8.83
N ILE A 82 3.55 10.20 8.73
CA ILE A 82 3.95 11.12 7.65
C ILE A 82 5.45 11.02 7.33
N ASN A 83 6.27 10.84 8.36
CA ASN A 83 7.72 10.78 8.21
C ASN A 83 8.17 9.45 7.61
N VAL A 84 7.42 8.37 7.86
CA VAL A 84 7.76 7.06 7.34
C VAL A 84 7.52 7.00 5.83
N THR A 85 6.62 7.84 5.36
CA THR A 85 6.24 7.92 3.95
C THR A 85 7.46 7.93 3.03
N ASP A 86 8.43 8.79 3.31
CA ASP A 86 9.59 8.97 2.44
C ASP A 86 10.46 7.72 2.36
N GLN A 87 10.48 6.95 3.43
CA GLN A 87 11.24 5.70 3.44
C GLN A 87 10.43 4.61 2.75
N ALA A 88 9.16 4.54 3.11
CA ALA A 88 8.26 3.53 2.58
C ALA A 88 8.12 3.66 1.07
N ILE A 89 7.88 4.88 0.60
CA ILE A 89 7.73 5.14 -0.83
C ILE A 89 8.99 4.75 -1.59
N ALA A 90 10.15 5.07 -1.02
CA ALA A 90 11.42 4.76 -1.64
C ALA A 90 11.70 3.26 -1.61
N GLY A 91 11.12 2.59 -0.63
CA GLY A 91 11.29 1.16 -0.53
C GLY A 91 10.31 0.37 -1.38
N LEU A 92 9.08 0.87 -1.48
CA LEU A 92 8.02 0.12 -2.15
C LEU A 92 7.94 0.41 -3.64
N ASN A 93 8.41 1.57 -4.08
CA ASN A 93 8.37 1.87 -5.51
C ASN A 93 9.30 0.90 -6.25
N GLY A 94 8.72 0.14 -7.15
CA GLY A 94 9.47 -0.86 -7.87
C GLY A 94 9.27 -2.24 -7.27
N MET A 95 8.32 -2.36 -6.36
CA MET A 95 7.98 -3.65 -5.75
C MET A 95 7.52 -4.64 -6.82
N GLN A 96 8.39 -5.60 -7.11
CA GLN A 96 8.14 -6.58 -8.15
C GLN A 96 7.39 -7.79 -7.60
N LEU A 97 6.09 -7.84 -7.87
CA LEU A 97 5.28 -8.98 -7.48
C LEU A 97 5.00 -9.84 -8.69
N GLY A 98 5.66 -10.98 -8.77
CA GLY A 98 5.45 -11.89 -9.87
C GLY A 98 5.96 -11.31 -11.18
N ASP A 99 5.05 -10.87 -12.03
CA ASP A 99 5.41 -10.31 -13.32
C ASP A 99 5.00 -8.85 -13.41
N LYS A 100 4.46 -8.31 -12.32
CA LYS A 100 4.01 -6.93 -12.30
C LYS A 100 4.65 -6.18 -11.14
N LYS A 101 5.23 -5.01 -11.42
CA LYS A 101 5.90 -4.25 -10.39
C LYS A 101 5.15 -2.94 -10.12
N LEU A 102 4.96 -2.64 -8.85
CA LEU A 102 4.18 -1.47 -8.46
C LEU A 102 5.07 -0.25 -8.34
N LEU A 103 4.68 0.82 -9.01
CA LEU A 103 5.38 2.08 -8.91
C LEU A 103 4.66 2.99 -7.93
N VAL A 104 5.33 3.32 -6.83
CA VAL A 104 4.74 4.15 -5.80
C VAL A 104 5.36 5.55 -5.83
N GLN A 105 4.57 6.53 -6.26
CA GLN A 105 5.02 7.91 -6.34
C GLN A 105 4.17 8.79 -5.42
N ARG A 106 4.57 10.05 -5.25
CA ARG A 106 3.82 10.98 -4.40
C ARG A 106 2.57 11.44 -5.12
N ALA A 107 1.41 11.01 -4.64
CA ALA A 107 0.15 11.31 -5.29
C ALA A 107 -0.40 12.66 -4.86
N SER A 108 -0.29 12.95 -3.57
CA SER A 108 -0.80 14.18 -2.97
C SER A 108 -2.34 14.19 -2.96
N VAL A 109 -2.89 14.15 -4.16
CA VAL A 109 -4.33 14.18 -4.36
C VAL A 109 -4.63 13.66 -5.77
N GLY A 110 -3.73 13.96 -6.70
CA GLY A 110 -3.85 13.43 -8.04
C GLY A 110 -2.81 14.03 -8.97
N ALA A 111 -1.65 14.38 -8.41
CA ALA A 111 -0.61 15.02 -9.20
C ALA A 111 0.74 14.93 -8.50
N LYS A 112 1.76 15.55 -9.09
CA LYS A 112 3.11 15.57 -8.54
C LYS A 112 3.70 14.15 -8.54
N ASN A 113 3.14 13.29 -9.37
CA ASN A 113 3.58 11.90 -9.44
C ASN A 113 4.17 11.60 -10.81
N ALA A 114 4.89 12.57 -11.36
CA ALA A 114 5.57 12.39 -12.64
C ALA A 114 7.03 12.02 -12.39
N GLY A 115 7.73 12.88 -11.66
CA GLY A 115 9.12 12.63 -11.35
C GLY A 115 9.29 11.97 -10.00
N SER A 116 10.27 11.09 -9.89
CA SER A 116 10.56 10.40 -8.64
C SER A 116 12.01 9.96 -8.59
N GLY A 117 12.48 9.60 -7.40
CA GLY A 117 13.86 9.18 -7.23
C GLY A 117 14.82 10.35 -7.35
N GLY A 118 15.27 10.61 -8.55
CA GLY A 118 16.10 11.77 -8.80
C GLY A 118 15.48 12.69 -9.84
N SER A 119 14.31 12.28 -10.34
CA SER A 119 13.60 13.00 -11.40
C SER A 119 14.40 12.99 -12.71
N GLY A 120 15.38 13.86 -12.81
CA GLY A 120 16.26 13.87 -13.96
C GLY A 120 17.67 13.51 -13.57
N SER A 121 18.29 12.61 -14.34
CA SER A 121 19.60 12.06 -14.01
C SER A 121 19.51 11.21 -12.74
N SER A 122 19.58 9.89 -12.92
CA SER A 122 19.39 8.94 -11.82
C SER A 122 17.95 9.03 -11.31
N GLY A 123 17.00 8.69 -12.17
CA GLY A 123 15.61 8.78 -11.82
C GLY A 123 15.08 7.50 -11.20
N SER A 124 15.42 6.37 -11.80
CA SER A 124 14.94 5.08 -11.32
C SER A 124 15.98 4.39 -10.45
N GLY A 125 16.99 5.14 -10.04
CA GLY A 125 18.03 4.62 -9.20
C GLY A 125 18.89 5.72 -8.64
N GLY A 126 19.92 5.36 -7.88
CA GLY A 126 20.78 6.36 -7.31
C GLY A 126 21.36 5.92 -5.97
N SER A 127 20.77 6.40 -4.89
CA SER A 127 21.27 6.09 -3.55
C SER A 127 20.12 6.03 -2.55
N GLY A 128 19.53 4.85 -2.41
CA GLY A 128 18.48 4.64 -1.45
C GLY A 128 18.94 3.76 -0.30
N GLY A 129 19.23 4.38 0.84
CA GLY A 129 19.75 3.64 1.97
C GLY A 129 18.70 3.38 3.03
N GLY A 130 18.64 2.14 3.50
CA GLY A 130 17.69 1.78 4.55
C GLY A 130 16.30 1.59 4.02
N VAL A 131 16.19 1.19 2.76
CA VAL A 131 14.89 0.99 2.13
C VAL A 131 14.77 -0.41 1.54
N ASN A 132 13.54 -0.94 1.59
CA ASN A 132 13.21 -2.28 1.08
C ASN A 132 14.21 -3.35 1.54
N ASP A 133 14.59 -3.29 2.80
CA ASP A 133 15.47 -4.29 3.38
C ASP A 133 14.72 -5.57 3.65
N ALA A 134 13.45 -5.42 4.05
CA ALA A 134 12.60 -6.56 4.35
C ALA A 134 11.87 -7.02 3.10
N PHE A 135 12.56 -6.95 1.96
CA PHE A 135 11.96 -7.29 0.69
C PHE A 135 11.71 -8.80 0.58
N LYS A 136 12.50 -9.59 1.31
CA LYS A 136 12.34 -11.04 1.29
C LYS A 136 10.98 -11.41 1.87
N ASP A 137 10.71 -10.87 3.05
CA ASP A 137 9.43 -11.09 3.72
C ASP A 137 8.30 -10.55 2.87
N ALA A 138 8.47 -9.31 2.41
CA ALA A 138 7.47 -8.64 1.60
C ALA A 138 7.16 -9.42 0.32
N LEU A 139 8.20 -9.76 -0.43
CA LEU A 139 8.02 -10.50 -1.69
C LEU A 139 7.32 -11.83 -1.44
N GLN A 140 7.81 -12.58 -0.47
CA GLN A 140 7.24 -13.89 -0.17
C GLN A 140 5.77 -13.77 0.23
N ARG A 141 5.49 -12.91 1.20
CA ARG A 141 4.13 -12.76 1.67
C ARG A 141 3.24 -12.24 0.54
N ALA A 142 3.72 -11.25 -0.20
CA ALA A 142 2.91 -10.67 -1.26
C ALA A 142 2.59 -11.70 -2.34
N ARG A 143 3.54 -12.56 -2.68
CA ARG A 143 3.30 -13.54 -3.73
C ARG A 143 2.34 -14.63 -3.26
N GLN A 144 2.42 -15.04 -1.99
CA GLN A 144 1.50 -16.07 -1.50
C GLN A 144 0.15 -15.49 -1.15
N ILE A 145 0.13 -14.21 -0.78
CA ILE A 145 -1.12 -13.52 -0.52
C ILE A 145 -1.86 -13.28 -1.83
N ALA A 146 -1.11 -13.03 -2.90
CA ALA A 146 -1.68 -12.91 -4.23
C ALA A 146 -2.18 -14.27 -4.73
N ALA A 147 -1.38 -15.31 -4.52
CA ALA A 147 -1.75 -16.67 -4.92
C ALA A 147 -2.87 -17.20 -4.04
N LYS A 148 -2.99 -16.63 -2.84
CA LYS A 148 -4.04 -17.00 -1.89
C LYS A 148 -5.42 -16.88 -2.54
N ILE A 149 -5.65 -15.76 -3.20
CA ILE A 149 -6.91 -15.54 -3.91
C ILE A 149 -6.81 -16.02 -5.36
N GLY A 150 -5.59 -16.07 -5.87
CA GLY A 150 -5.38 -16.49 -7.24
C GLY A 150 -5.74 -15.40 -8.22
N GLY A 151 -7.02 -15.11 -8.31
CA GLY A 151 -7.50 -14.04 -9.16
C GLY A 151 -8.94 -13.70 -8.90
N ASP A 152 -9.43 -14.05 -7.72
CA ASP A 152 -10.82 -13.82 -7.36
C ASP A 152 -11.01 -12.46 -6.72
N ALA A 153 -9.91 -11.94 -6.16
CA ALA A 153 -9.90 -10.67 -5.42
C ALA A 153 -10.63 -10.79 -4.08
N GLY A 154 -11.83 -11.36 -4.13
CA GLY A 154 -12.64 -11.53 -2.94
C GLY A 154 -14.10 -11.67 -3.30
N THR A 155 -14.87 -10.64 -3.02
CA THR A 155 -16.27 -10.60 -3.39
C THR A 155 -16.48 -9.71 -4.61
N SER A 156 -16.12 -10.22 -5.77
CA SER A 156 -16.23 -9.48 -7.02
C SER A 156 -17.55 -9.80 -7.72
N LEU A 157 -18.58 -9.03 -7.40
CA LEU A 157 -19.89 -9.21 -8.02
C LEU A 157 -19.84 -8.71 -9.46
N ASN A 158 -20.40 -9.49 -10.38
CA ASN A 158 -20.41 -9.12 -11.79
C ASN A 158 -21.49 -9.91 -12.54
N SER A 159 -22.25 -9.20 -13.37
CA SER A 159 -23.30 -9.80 -14.19
C SER A 159 -24.44 -10.33 -13.32
N ASN A 160 -25.57 -9.64 -13.35
CA ASN A 160 -26.72 -10.04 -12.56
C ASN A 160 -27.85 -10.51 -13.47
N ALA A 1 -19.94 9.43 11.79
CA ALA A 1 -18.63 8.85 12.19
C ALA A 1 -18.71 7.33 12.18
N MET A 2 -17.73 6.71 11.54
CA MET A 2 -17.73 5.25 11.41
C MET A 2 -17.56 4.58 12.77
N ASP A 3 -18.46 3.68 13.09
CA ASP A 3 -18.39 2.93 14.34
C ASP A 3 -18.27 1.45 14.06
N TYR A 4 -17.35 0.79 14.73
CA TYR A 4 -17.12 -0.62 14.53
C TYR A 4 -18.22 -1.44 15.17
N GLN A 5 -19.10 -2.00 14.33
CA GLN A 5 -20.21 -2.81 14.82
C GLN A 5 -20.07 -4.24 14.34
N PRO A 6 -19.88 -5.18 15.29
CA PRO A 6 -19.77 -6.61 14.97
C PRO A 6 -21.11 -7.23 14.62
N LEU A 7 -21.60 -6.93 13.43
CA LEU A 7 -22.89 -7.42 12.98
C LEU A 7 -22.72 -8.58 12.01
N PRO A 8 -23.63 -9.58 12.06
CA PRO A 8 -23.61 -10.72 11.14
C PRO A 8 -24.15 -10.34 9.76
N GLY A 9 -23.46 -9.44 9.10
CA GLY A 9 -23.91 -8.93 7.83
C GLY A 9 -23.81 -7.41 7.79
N MET A 10 -22.93 -6.90 6.97
CA MET A 10 -22.67 -5.46 6.92
C MET A 10 -22.43 -5.01 5.48
N SER A 11 -22.97 -5.79 4.54
CA SER A 11 -22.80 -5.54 3.11
C SER A 11 -21.35 -5.80 2.67
N GLU A 12 -20.45 -4.94 3.11
CA GLU A 12 -19.04 -5.04 2.77
C GLU A 12 -18.18 -4.53 3.92
N ASN A 13 -16.92 -4.92 3.96
CA ASN A 13 -16.03 -4.53 5.05
C ASN A 13 -14.58 -4.33 4.60
N PRO A 14 -14.32 -3.57 3.52
CA PRO A 14 -12.98 -3.35 3.02
C PRO A 14 -12.20 -2.41 3.93
N SER A 15 -11.25 -2.98 4.68
CA SER A 15 -10.47 -2.23 5.67
C SER A 15 -11.35 -1.90 6.87
N VAL A 16 -12.37 -2.72 7.12
CA VAL A 16 -13.29 -2.48 8.22
C VAL A 16 -13.29 -3.69 9.18
N TYR A 17 -12.33 -4.58 8.98
CA TYR A 17 -12.24 -5.78 9.82
C TYR A 17 -11.59 -5.45 11.17
N VAL A 18 -10.73 -4.45 11.16
CA VAL A 18 -10.05 -4.03 12.39
C VAL A 18 -10.50 -2.61 12.75
N PRO A 19 -11.01 -2.42 13.99
CA PRO A 19 -11.60 -1.15 14.41
C PRO A 19 -10.63 0.02 14.34
N GLY A 20 -10.99 1.01 13.55
CA GLY A 20 -10.22 2.24 13.46
C GLY A 20 -8.90 2.07 12.72
N VAL A 21 -8.76 0.99 11.96
CA VAL A 21 -7.51 0.73 11.25
C VAL A 21 -7.70 0.79 9.74
N VAL A 22 -7.18 1.86 9.14
CA VAL A 22 -7.17 2.03 7.68
C VAL A 22 -8.57 2.29 7.13
N SER A 23 -8.78 3.49 6.63
CA SER A 23 -10.04 3.83 5.98
C SER A 23 -9.89 3.68 4.46
N THR A 24 -10.94 3.19 3.82
CA THR A 24 -10.90 2.92 2.40
C THR A 24 -11.05 4.18 1.57
N VAL A 25 -11.67 5.20 2.15
CA VAL A 25 -11.77 6.49 1.48
C VAL A 25 -10.67 7.41 2.00
N VAL A 26 -9.58 7.47 1.23
CA VAL A 26 -8.38 8.17 1.67
C VAL A 26 -8.50 9.68 1.46
N PRO A 27 -8.24 10.47 2.52
CA PRO A 27 -8.16 11.93 2.44
C PRO A 27 -6.93 12.37 1.65
N ASP A 28 -6.84 13.66 1.33
CA ASP A 28 -5.73 14.17 0.54
C ASP A 28 -4.71 14.91 1.39
N SER A 29 -3.45 14.72 1.05
CA SER A 29 -2.33 15.36 1.74
C SER A 29 -1.04 15.09 0.98
N ALA A 30 0.08 15.61 1.46
CA ALA A 30 1.36 15.40 0.79
C ALA A 30 1.79 13.93 0.87
N HIS A 31 1.46 13.28 1.99
CA HIS A 31 1.86 11.90 2.23
C HIS A 31 0.98 10.90 1.47
N LYS A 32 0.39 11.35 0.37
CA LYS A 32 -0.48 10.50 -0.43
C LYS A 32 0.31 9.71 -1.45
N LEU A 33 0.29 8.40 -1.30
CA LEU A 33 1.03 7.51 -2.18
C LEU A 33 0.14 6.99 -3.30
N PHE A 34 0.69 7.02 -4.50
CA PHE A 34 0.04 6.46 -5.67
C PHE A 34 0.72 5.15 -6.05
N ILE A 35 -0.02 4.06 -5.97
CA ILE A 35 0.52 2.76 -6.33
C ILE A 35 0.00 2.38 -7.72
N GLY A 36 0.89 2.35 -8.69
CA GLY A 36 0.49 2.04 -10.04
C GLY A 36 1.15 0.77 -10.54
N GLY A 37 0.44 0.03 -11.38
CA GLY A 37 0.99 -1.18 -11.92
C GLY A 37 0.66 -2.39 -11.09
N LEU A 38 -0.43 -2.31 -10.34
CA LEU A 38 -0.85 -3.42 -9.49
C LEU A 38 -1.87 -4.29 -10.22
N PRO A 39 -1.91 -5.59 -9.90
CA PRO A 39 -2.85 -6.54 -10.51
C PRO A 39 -4.29 -6.03 -10.46
N ASN A 40 -5.01 -6.21 -11.56
CA ASN A 40 -6.36 -5.68 -11.69
C ASN A 40 -7.36 -6.46 -10.85
N TYR A 41 -6.90 -7.55 -10.26
CA TYR A 41 -7.74 -8.34 -9.36
C TYR A 41 -7.36 -8.07 -7.90
N LEU A 42 -6.44 -7.15 -7.69
CA LEU A 42 -5.93 -6.85 -6.37
C LEU A 42 -6.74 -5.72 -5.72
N ASN A 43 -7.47 -6.05 -4.67
CA ASN A 43 -8.26 -5.07 -3.94
C ASN A 43 -7.59 -4.66 -2.63
N ASP A 44 -8.08 -3.59 -1.99
CA ASP A 44 -7.47 -3.04 -0.78
C ASP A 44 -7.25 -4.11 0.28
N ASP A 45 -8.17 -5.06 0.35
CA ASP A 45 -8.12 -6.11 1.35
C ASP A 45 -6.81 -6.89 1.26
N GLN A 46 -6.39 -7.20 0.05
CA GLN A 46 -5.21 -8.03 -0.15
C GLN A 46 -3.94 -7.18 -0.20
N VAL A 47 -4.04 -6.03 -0.84
CA VAL A 47 -2.87 -5.16 -1.04
C VAL A 47 -2.47 -4.46 0.26
N LYS A 48 -3.39 -4.35 1.22
CA LYS A 48 -3.04 -3.79 2.52
C LYS A 48 -1.87 -4.53 3.15
N GLU A 49 -1.87 -5.85 3.03
CA GLU A 49 -0.77 -6.67 3.56
C GLU A 49 0.56 -6.30 2.91
N LEU A 50 0.47 -5.75 1.71
CA LEU A 50 1.65 -5.41 0.93
C LEU A 50 2.21 -4.06 1.36
N LEU A 51 1.33 -3.06 1.47
CA LEU A 51 1.76 -1.70 1.85
C LEU A 51 2.11 -1.62 3.33
N THR A 52 1.21 -2.10 4.18
CA THR A 52 1.37 -2.00 5.63
C THR A 52 2.64 -2.73 6.11
N SER A 53 3.22 -3.52 5.21
CA SER A 53 4.43 -4.26 5.48
C SER A 53 5.58 -3.32 5.89
N PHE A 54 5.58 -2.09 5.37
CA PHE A 54 6.67 -1.16 5.65
C PHE A 54 6.43 -0.41 6.96
N GLY A 55 5.17 -0.16 7.28
CA GLY A 55 4.87 0.61 8.46
C GLY A 55 3.38 0.77 8.69
N PRO A 56 2.98 1.60 9.68
CA PRO A 56 1.58 1.79 10.06
C PRO A 56 0.77 2.53 8.98
N LEU A 57 -0.28 1.88 8.51
CA LEU A 57 -1.10 2.44 7.44
C LEU A 57 -2.34 3.14 8.00
N LYS A 58 -2.74 4.24 7.36
CA LYS A 58 -3.88 5.02 7.83
C LYS A 58 -5.08 4.85 6.90
N ALA A 59 -4.84 4.79 5.60
CA ALA A 59 -5.93 4.68 4.63
C ALA A 59 -5.45 4.07 3.32
N PHE A 60 -6.32 3.31 2.67
CA PHE A 60 -5.99 2.66 1.41
C PHE A 60 -7.22 2.62 0.50
N ASN A 61 -7.13 3.28 -0.65
CA ASN A 61 -8.21 3.34 -1.62
C ASN A 61 -7.74 2.82 -2.97
N LEU A 62 -8.24 1.65 -3.37
CA LEU A 62 -7.95 1.13 -4.70
C LEU A 62 -9.02 1.62 -5.67
N VAL A 63 -8.65 1.95 -6.90
CA VAL A 63 -9.63 2.48 -7.83
C VAL A 63 -10.31 1.34 -8.61
N LYS A 64 -11.63 1.37 -8.63
CA LYS A 64 -12.41 0.34 -9.30
C LYS A 64 -13.03 0.87 -10.58
N ASP A 65 -13.06 0.00 -11.58
CA ASP A 65 -13.67 0.30 -12.86
C ASP A 65 -15.19 0.19 -12.77
N SER A 66 -15.89 1.13 -13.37
CA SER A 66 -17.34 1.21 -13.27
C SER A 66 -18.01 0.28 -14.29
N ALA A 67 -17.26 -0.12 -15.30
CA ALA A 67 -17.81 -0.93 -16.39
C ALA A 67 -18.08 -2.37 -15.97
N THR A 68 -17.05 -3.04 -15.48
CA THR A 68 -17.19 -4.43 -15.06
C THR A 68 -16.90 -4.60 -13.57
N GLY A 69 -16.18 -3.65 -13.00
CA GLY A 69 -15.98 -3.65 -11.56
C GLY A 69 -14.72 -4.37 -11.11
N LEU A 70 -13.59 -4.02 -11.70
CA LEU A 70 -12.31 -4.55 -11.25
C LEU A 70 -11.36 -3.39 -10.96
N SER A 71 -10.21 -3.67 -10.38
CA SER A 71 -9.24 -2.63 -10.09
C SER A 71 -8.65 -2.09 -11.40
N LYS A 72 -8.46 -0.77 -11.47
CA LYS A 72 -7.96 -0.14 -12.69
C LYS A 72 -6.44 -0.19 -12.75
N GLY A 73 -5.83 -0.87 -11.80
CA GLY A 73 -4.40 -1.07 -11.82
C GLY A 73 -3.64 -0.10 -10.95
N TYR A 74 -4.36 0.80 -10.28
CA TYR A 74 -3.73 1.75 -9.37
C TYR A 74 -4.56 2.00 -8.12
N ALA A 75 -3.88 2.45 -7.07
CA ALA A 75 -4.52 2.72 -5.79
C ALA A 75 -3.81 3.86 -5.07
N PHE A 76 -4.44 4.37 -4.02
CA PHE A 76 -3.90 5.45 -3.22
C PHE A 76 -3.87 5.05 -1.75
N CYS A 77 -2.77 5.32 -1.07
CA CYS A 77 -2.66 4.98 0.35
C CYS A 77 -1.82 6.00 1.09
N GLU A 78 -2.07 6.14 2.39
CA GLU A 78 -1.22 6.97 3.23
C GLU A 78 -0.87 6.25 4.52
N TYR A 79 0.35 6.48 5.02
CA TYR A 79 0.77 5.92 6.29
C TYR A 79 0.51 6.92 7.42
N VAL A 80 0.43 6.43 8.64
CA VAL A 80 0.26 7.30 9.79
C VAL A 80 1.52 8.14 9.98
N ASP A 81 2.65 7.45 9.94
CA ASP A 81 3.93 8.11 10.06
C ASP A 81 4.27 8.82 8.76
N ILE A 82 3.87 10.08 8.70
CA ILE A 82 4.22 10.98 7.60
C ILE A 82 5.72 10.93 7.28
N ASN A 83 6.51 10.67 8.29
CA ASN A 83 7.97 10.60 8.16
C ASN A 83 8.41 9.26 7.58
N VAL A 84 7.60 8.23 7.78
CA VAL A 84 7.87 6.92 7.20
C VAL A 84 7.47 6.90 5.74
N THR A 85 6.58 7.82 5.36
CA THR A 85 6.11 7.94 3.99
C THR A 85 7.29 8.09 3.02
N ASP A 86 8.27 8.92 3.40
CA ASP A 86 9.44 9.16 2.56
C ASP A 86 10.21 7.87 2.31
N GLN A 87 10.38 7.08 3.37
CA GLN A 87 11.15 5.86 3.28
C GLN A 87 10.35 4.76 2.60
N ALA A 88 9.08 4.67 2.94
CA ALA A 88 8.20 3.66 2.38
C ALA A 88 8.06 3.82 0.89
N ILE A 89 7.92 5.06 0.44
CA ILE A 89 7.77 5.33 -0.98
C ILE A 89 9.08 5.04 -1.73
N ALA A 90 10.20 5.46 -1.14
CA ALA A 90 11.51 5.26 -1.76
C ALA A 90 11.89 3.78 -1.73
N GLY A 91 11.31 3.04 -0.80
CA GLY A 91 11.59 1.63 -0.69
C GLY A 91 10.65 0.77 -1.51
N LEU A 92 9.38 1.12 -1.52
CA LEU A 92 8.36 0.29 -2.15
C LEU A 92 8.14 0.65 -3.61
N ASN A 93 8.64 1.79 -4.07
CA ASN A 93 8.55 2.07 -5.50
C ASN A 93 9.41 1.05 -6.24
N GLY A 94 8.77 0.29 -7.12
CA GLY A 94 9.46 -0.79 -7.79
C GLY A 94 9.25 -2.11 -7.07
N MET A 95 8.32 -2.11 -6.13
CA MET A 95 8.00 -3.30 -5.33
C MET A 95 7.80 -4.53 -6.19
N GLN A 96 8.79 -5.42 -6.18
CA GLN A 96 8.75 -6.62 -6.99
C GLN A 96 8.02 -7.74 -6.26
N LEU A 97 6.81 -8.01 -6.67
CA LEU A 97 6.08 -9.17 -6.18
C LEU A 97 5.67 -10.03 -7.37
N GLY A 98 6.06 -11.28 -7.33
CA GLY A 98 5.76 -12.20 -8.40
C GLY A 98 6.45 -11.79 -9.70
N ASP A 99 5.67 -11.32 -10.65
CA ASP A 99 6.19 -10.92 -11.94
C ASP A 99 6.01 -9.43 -12.19
N LYS A 100 5.48 -8.71 -11.20
CA LYS A 100 5.15 -7.31 -11.42
C LYS A 100 5.74 -6.41 -10.34
N LYS A 101 6.20 -5.24 -10.74
CA LYS A 101 6.78 -4.26 -9.82
C LYS A 101 5.87 -3.03 -9.74
N LEU A 102 5.36 -2.76 -8.55
CA LEU A 102 4.43 -1.65 -8.37
C LEU A 102 5.19 -0.33 -8.29
N LEU A 103 4.70 0.65 -9.04
CA LEU A 103 5.30 1.96 -9.05
C LEU A 103 4.59 2.88 -8.04
N VAL A 104 5.26 3.14 -6.93
CA VAL A 104 4.69 3.99 -5.88
C VAL A 104 5.26 5.40 -5.99
N GLN A 105 4.39 6.37 -6.23
CA GLN A 105 4.80 7.75 -6.41
C GLN A 105 3.93 8.68 -5.58
N ARG A 106 4.34 9.95 -5.49
CA ARG A 106 3.61 10.95 -4.72
C ARG A 106 2.42 11.46 -5.51
N ALA A 107 1.22 11.12 -5.06
CA ALA A 107 0.00 11.47 -5.79
C ALA A 107 -0.29 12.95 -5.66
N SER A 108 -0.27 13.45 -4.43
CA SER A 108 -0.49 14.88 -4.14
C SER A 108 -1.65 15.46 -4.97
N VAL A 109 -2.86 14.97 -4.70
CA VAL A 109 -4.10 15.36 -5.42
C VAL A 109 -3.97 15.28 -6.94
N GLY A 110 -3.09 14.39 -7.40
CA GLY A 110 -2.87 14.25 -8.83
C GLY A 110 -1.95 15.33 -9.37
N ALA A 111 -0.80 15.47 -8.72
CA ALA A 111 0.15 16.51 -9.07
C ALA A 111 0.91 16.18 -10.34
N LYS A 112 1.84 15.23 -10.25
CA LYS A 112 2.72 14.92 -11.37
C LYS A 112 2.70 13.42 -11.69
N ASN A 113 3.26 12.61 -10.80
CA ASN A 113 3.47 11.19 -11.05
C ASN A 113 4.43 10.99 -12.22
N ALA A 114 4.79 9.73 -12.49
CA ALA A 114 5.76 9.40 -13.53
C ALA A 114 7.09 10.11 -13.28
N GLY A 115 7.49 10.14 -12.02
CA GLY A 115 8.70 10.82 -11.62
C GLY A 115 8.86 10.85 -10.12
N SER A 116 10.02 11.28 -9.65
CA SER A 116 10.28 11.34 -8.22
C SER A 116 9.95 12.73 -7.69
N GLY A 117 10.71 13.73 -8.14
CA GLY A 117 10.47 15.08 -7.71
C GLY A 117 11.76 15.81 -7.36
N GLY A 118 12.03 15.92 -6.07
CA GLY A 118 13.20 16.64 -5.63
C GLY A 118 12.86 18.06 -5.25
N SER A 119 12.42 18.27 -4.02
CA SER A 119 12.02 19.59 -3.55
C SER A 119 13.23 20.40 -3.11
N GLY A 120 14.28 19.71 -2.68
CA GLY A 120 15.50 20.39 -2.24
C GLY A 120 15.36 20.95 -0.85
N SER A 121 14.62 22.03 -0.73
CA SER A 121 14.41 22.69 0.56
C SER A 121 13.41 21.92 1.41
N SER A 122 13.87 20.81 1.96
CA SER A 122 13.06 19.96 2.82
C SER A 122 13.93 19.40 3.94
N GLY A 123 13.95 20.09 5.07
CA GLY A 123 14.82 19.70 6.17
C GLY A 123 14.35 18.45 6.87
N SER A 124 13.05 18.38 7.13
CA SER A 124 12.47 17.27 7.89
C SER A 124 12.33 16.01 7.03
N GLY A 125 12.26 16.20 5.71
CA GLY A 125 12.10 15.07 4.82
C GLY A 125 12.81 15.27 3.50
N GLY A 126 14.13 15.36 3.55
CA GLY A 126 14.91 15.56 2.35
C GLY A 126 16.34 15.08 2.50
N SER A 127 16.49 13.83 2.92
CA SER A 127 17.81 13.25 3.13
C SER A 127 18.40 12.75 1.82
N GLY A 128 19.72 12.64 1.77
CA GLY A 128 20.38 12.12 0.59
C GLY A 128 20.47 10.61 0.62
N GLY A 129 19.34 9.96 0.39
CA GLY A 129 19.28 8.52 0.46
C GLY A 129 18.58 8.07 1.73
N GLY A 130 18.62 6.78 2.00
CA GLY A 130 17.99 6.25 3.20
C GLY A 130 17.30 4.94 2.95
N VAL A 131 16.34 4.61 3.81
CA VAL A 131 15.56 3.36 3.73
C VAL A 131 16.39 2.17 4.22
N ASN A 132 17.68 2.18 3.89
CA ASN A 132 18.65 1.21 4.40
C ASN A 132 18.33 -0.21 3.95
N ASP A 133 17.62 -0.95 4.79
CA ASP A 133 17.23 -2.32 4.48
C ASP A 133 15.78 -2.55 4.83
N ALA A 134 15.08 -1.47 5.14
CA ALA A 134 13.68 -1.55 5.52
C ALA A 134 12.81 -1.97 4.36
N PHE A 135 13.18 -1.54 3.16
CA PHE A 135 12.47 -1.94 1.96
C PHE A 135 12.66 -3.44 1.75
N LYS A 136 13.78 -3.93 2.25
CA LYS A 136 14.11 -5.34 2.15
C LYS A 136 13.31 -6.13 3.18
N ASP A 137 13.22 -5.58 4.38
CA ASP A 137 12.43 -6.18 5.43
C ASP A 137 10.97 -6.25 5.01
N ALA A 138 10.47 -5.14 4.49
CA ALA A 138 9.10 -5.07 3.97
C ALA A 138 8.92 -6.04 2.81
N LEU A 139 9.91 -6.09 1.93
CA LEU A 139 9.89 -7.02 0.80
C LEU A 139 9.79 -8.46 1.29
N GLN A 140 10.68 -8.81 2.20
CA GLN A 140 10.73 -10.17 2.73
C GLN A 140 9.46 -10.51 3.50
N ARG A 141 9.00 -9.55 4.30
CA ARG A 141 7.81 -9.74 5.12
C ARG A 141 6.57 -9.92 4.24
N ALA A 142 6.40 -9.03 3.28
CA ALA A 142 5.24 -9.09 2.40
C ALA A 142 5.29 -10.34 1.53
N ARG A 143 6.49 -10.70 1.10
CA ARG A 143 6.71 -11.90 0.32
C ARG A 143 6.24 -13.13 1.08
N GLN A 144 6.69 -13.26 2.33
CA GLN A 144 6.34 -14.43 3.13
C GLN A 144 4.88 -14.35 3.62
N ILE A 145 4.35 -13.12 3.71
CA ILE A 145 2.94 -12.96 4.05
C ILE A 145 2.06 -13.54 2.95
N ALA A 146 2.38 -13.22 1.70
CA ALA A 146 1.66 -13.77 0.57
C ALA A 146 1.92 -15.27 0.43
N ALA A 147 3.15 -15.67 0.66
CA ALA A 147 3.57 -17.06 0.53
C ALA A 147 2.85 -17.95 1.55
N LYS A 148 2.79 -17.52 2.80
CA LYS A 148 2.19 -18.32 3.86
C LYS A 148 0.68 -18.48 3.65
N ILE A 149 0.09 -17.54 2.93
CA ILE A 149 -1.33 -17.62 2.63
C ILE A 149 -1.57 -18.51 1.41
N GLY A 150 -0.85 -18.23 0.33
CA GLY A 150 -0.95 -19.04 -0.88
C GLY A 150 -2.23 -18.78 -1.66
N GLY A 151 -3.30 -18.49 -0.95
CA GLY A 151 -4.59 -18.27 -1.58
C GLY A 151 -5.70 -18.83 -0.74
N ASP A 152 -5.86 -18.29 0.46
CA ASP A 152 -6.83 -18.80 1.41
C ASP A 152 -7.39 -17.65 2.24
N ALA A 153 -8.67 -17.74 2.59
CA ALA A 153 -9.36 -16.66 3.28
C ALA A 153 -9.00 -16.62 4.76
N GLY A 154 -8.38 -17.68 5.25
CA GLY A 154 -7.98 -17.73 6.64
C GLY A 154 -9.09 -18.18 7.56
N THR A 155 -8.73 -18.82 8.66
CA THR A 155 -9.69 -19.26 9.66
C THR A 155 -9.00 -19.58 10.98
N SER A 156 -7.76 -20.07 10.90
CA SER A 156 -6.99 -20.39 12.08
C SER A 156 -5.69 -19.59 12.10
N LEU A 157 -5.76 -18.38 12.61
CA LEU A 157 -4.59 -17.51 12.66
C LEU A 157 -4.35 -16.96 14.07
N ASN A 158 -5.09 -17.49 15.04
CA ASN A 158 -4.96 -17.05 16.43
C ASN A 158 -5.69 -18.01 17.34
N SER A 159 -5.08 -18.30 18.48
CA SER A 159 -5.67 -19.20 19.46
C SER A 159 -5.50 -18.63 20.87
N ASN A 160 -6.60 -18.19 21.45
CA ASN A 160 -6.59 -17.64 22.79
C ASN A 160 -6.60 -18.76 23.83
N ALA A 1 -7.20 -4.81 15.47
CA ALA A 1 -7.98 -3.85 14.67
C ALA A 1 -9.12 -3.24 15.48
N MET A 2 -9.61 -3.98 16.47
CA MET A 2 -10.63 -3.45 17.37
C MET A 2 -9.98 -2.49 18.36
N ASP A 3 -8.69 -2.68 18.57
CA ASP A 3 -7.89 -1.77 19.37
C ASP A 3 -7.91 -0.38 18.76
N TYR A 4 -7.99 0.64 19.60
CA TYR A 4 -8.01 2.01 19.13
C TYR A 4 -7.76 2.99 20.26
N GLN A 5 -6.70 3.77 20.13
CA GLN A 5 -6.42 4.82 21.08
C GLN A 5 -6.78 6.18 20.48
N PRO A 6 -7.79 6.86 21.05
CA PRO A 6 -8.19 8.19 20.59
C PRO A 6 -7.19 9.25 21.01
N LEU A 7 -6.47 9.80 20.03
CA LEU A 7 -5.39 10.76 20.25
C LEU A 7 -4.23 10.12 21.02
N PRO A 8 -3.00 10.34 20.56
CA PRO A 8 -1.80 9.80 21.21
C PRO A 8 -1.48 10.52 22.52
N GLY A 9 -2.26 11.55 22.82
CA GLY A 9 -2.08 12.29 24.05
C GLY A 9 -0.99 13.33 23.95
N MET A 10 -0.65 13.72 22.73
CA MET A 10 0.41 14.69 22.49
C MET A 10 0.28 15.26 21.09
N SER A 11 0.63 16.53 20.95
CA SER A 11 0.62 17.24 19.66
C SER A 11 -0.81 17.48 19.17
N GLU A 12 -0.99 18.58 18.44
CA GLU A 12 -2.28 18.92 17.88
C GLU A 12 -2.41 18.34 16.48
N ASN A 13 -2.42 17.02 16.40
CA ASN A 13 -2.48 16.31 15.13
C ASN A 13 -3.86 16.47 14.49
N PRO A 14 -3.91 16.58 13.15
CA PRO A 14 -5.15 16.64 12.40
C PRO A 14 -5.81 15.26 12.27
N SER A 15 -5.05 14.29 11.76
CA SER A 15 -5.57 12.94 11.57
C SER A 15 -4.44 11.91 11.67
N VAL A 16 -4.39 11.19 12.79
CA VAL A 16 -3.37 10.17 12.98
C VAL A 16 -4.00 8.84 13.40
N TYR A 17 -4.99 8.91 14.28
CA TYR A 17 -5.67 7.75 14.78
C TYR A 17 -7.13 7.75 14.39
N VAL A 18 -7.42 7.09 13.30
CA VAL A 18 -8.79 6.99 12.79
C VAL A 18 -9.37 5.61 13.09
N PRO A 19 -10.56 5.57 13.73
CA PRO A 19 -11.20 4.32 14.11
C PRO A 19 -11.73 3.55 12.91
N GLY A 20 -11.68 2.23 12.99
CA GLY A 20 -12.15 1.41 11.90
C GLY A 20 -11.01 0.70 11.18
N VAL A 21 -9.81 1.23 11.36
CA VAL A 21 -8.61 0.67 10.74
C VAL A 21 -8.66 0.70 9.21
N VAL A 22 -7.79 1.52 8.63
CA VAL A 22 -7.68 1.67 7.18
C VAL A 22 -8.95 2.29 6.60
N SER A 23 -8.97 3.61 6.54
CA SER A 23 -10.07 4.32 5.91
C SER A 23 -10.12 4.00 4.41
N THR A 24 -11.33 3.78 3.90
CA THR A 24 -11.51 3.45 2.49
C THR A 24 -11.28 4.64 1.59
N VAL A 25 -11.46 5.83 2.14
CA VAL A 25 -11.16 7.06 1.43
C VAL A 25 -9.92 7.71 2.03
N VAL A 26 -9.07 8.27 1.17
CA VAL A 26 -7.82 8.85 1.61
C VAL A 26 -7.82 10.38 1.39
N PRO A 27 -7.89 11.15 2.49
CA PRO A 27 -7.83 12.62 2.43
C PRO A 27 -6.55 13.09 1.75
N ASP A 28 -6.67 14.11 0.92
CA ASP A 28 -5.54 14.59 0.13
C ASP A 28 -4.55 15.36 0.98
N SER A 29 -3.33 14.85 1.03
CA SER A 29 -2.27 15.44 1.83
C SER A 29 -0.92 15.10 1.20
N ALA A 30 0.15 15.65 1.77
CA ALA A 30 1.48 15.52 1.20
C ALA A 30 2.16 14.21 1.58
N HIS A 31 1.48 13.40 2.39
CA HIS A 31 2.02 12.11 2.79
C HIS A 31 1.28 10.95 2.12
N LYS A 32 0.66 11.24 0.98
CA LYS A 32 -0.10 10.23 0.24
C LYS A 32 0.78 9.52 -0.79
N LEU A 33 0.58 8.22 -0.93
CA LEU A 33 1.32 7.44 -1.90
C LEU A 33 0.41 7.01 -3.05
N PHE A 34 0.99 6.93 -4.24
CA PHE A 34 0.30 6.46 -5.42
C PHE A 34 0.95 5.15 -5.89
N ILE A 35 0.20 4.08 -5.85
CA ILE A 35 0.70 2.78 -6.27
C ILE A 35 0.12 2.43 -7.63
N GLY A 36 0.95 2.43 -8.65
CA GLY A 36 0.47 2.15 -9.99
C GLY A 36 1.09 0.90 -10.55
N GLY A 37 0.33 0.18 -11.36
CA GLY A 37 0.84 -1.03 -11.97
C GLY A 37 0.67 -2.23 -11.08
N LEU A 38 -0.39 -2.23 -10.28
CA LEU A 38 -0.69 -3.35 -9.40
C LEU A 38 -1.70 -4.28 -10.06
N PRO A 39 -1.65 -5.58 -9.72
CA PRO A 39 -2.57 -6.58 -10.28
C PRO A 39 -4.03 -6.17 -10.10
N ASN A 40 -4.77 -6.20 -11.20
CA ASN A 40 -6.16 -5.75 -11.21
C ASN A 40 -7.03 -6.66 -10.35
N TYR A 41 -6.55 -7.86 -10.06
CA TYR A 41 -7.28 -8.81 -9.24
C TYR A 41 -7.00 -8.58 -7.75
N LEU A 42 -6.05 -7.70 -7.45
CA LEU A 42 -5.73 -7.39 -6.08
C LEU A 42 -6.30 -6.03 -5.68
N ASN A 43 -7.16 -6.04 -4.68
CA ASN A 43 -7.75 -4.81 -4.17
C ASN A 43 -7.08 -4.42 -2.86
N ASP A 44 -7.61 -3.37 -2.23
CA ASP A 44 -7.02 -2.82 -1.00
C ASP A 44 -6.83 -3.90 0.06
N ASP A 45 -7.85 -4.75 0.22
CA ASP A 45 -7.81 -5.85 1.19
C ASP A 45 -6.57 -6.71 1.00
N GLN A 46 -6.15 -6.89 -0.25
CA GLN A 46 -5.03 -7.77 -0.55
C GLN A 46 -3.71 -7.03 -0.45
N VAL A 47 -3.66 -5.83 -1.03
CA VAL A 47 -2.43 -5.06 -1.12
C VAL A 47 -2.01 -4.47 0.24
N LYS A 48 -2.98 -4.36 1.16
CA LYS A 48 -2.73 -3.85 2.50
C LYS A 48 -1.49 -4.48 3.12
N GLU A 49 -1.40 -5.81 3.08
CA GLU A 49 -0.33 -6.53 3.74
C GLU A 49 1.03 -6.24 3.12
N LEU A 50 1.03 -5.77 1.87
CA LEU A 50 2.27 -5.41 1.18
C LEU A 50 2.71 -4.02 1.59
N LEU A 51 1.76 -3.09 1.60
CA LEU A 51 2.06 -1.70 1.93
C LEU A 51 2.28 -1.51 3.44
N THR A 52 1.41 -2.11 4.24
CA THR A 52 1.51 -1.99 5.70
C THR A 52 2.73 -2.75 6.23
N SER A 53 3.34 -3.54 5.37
CA SER A 53 4.51 -4.33 5.73
C SER A 53 5.68 -3.42 6.14
N PHE A 54 5.68 -2.17 5.67
CA PHE A 54 6.77 -1.26 5.99
C PHE A 54 6.47 -0.47 7.27
N GLY A 55 5.18 -0.21 7.50
CA GLY A 55 4.79 0.58 8.65
C GLY A 55 3.29 0.71 8.76
N PRO A 56 2.79 1.37 9.80
CA PRO A 56 1.35 1.50 10.05
C PRO A 56 0.64 2.28 8.94
N LEU A 57 -0.34 1.64 8.32
CA LEU A 57 -1.13 2.26 7.28
C LEU A 57 -2.44 2.75 7.86
N LYS A 58 -2.86 3.96 7.49
CA LYS A 58 -4.07 4.52 8.06
C LYS A 58 -5.24 4.48 7.07
N ALA A 59 -4.97 4.76 5.81
CA ALA A 59 -6.02 4.81 4.81
C ALA A 59 -5.58 4.17 3.50
N PHE A 60 -6.49 3.47 2.85
CA PHE A 60 -6.20 2.79 1.59
C PHE A 60 -7.41 2.90 0.66
N ASN A 61 -7.23 3.66 -0.42
CA ASN A 61 -8.27 3.83 -1.42
C ASN A 61 -7.79 3.31 -2.77
N LEU A 62 -8.33 2.18 -3.21
CA LEU A 62 -7.98 1.65 -4.51
C LEU A 62 -8.87 2.25 -5.57
N VAL A 63 -8.32 2.47 -6.75
CA VAL A 63 -9.11 2.94 -7.86
C VAL A 63 -9.86 1.76 -8.46
N LYS A 64 -11.18 1.79 -8.35
CA LYS A 64 -12.00 0.67 -8.73
C LYS A 64 -12.71 0.95 -10.05
N ASP A 65 -12.76 -0.05 -10.91
CA ASP A 65 -13.35 0.09 -12.23
C ASP A 65 -14.87 0.11 -12.16
N SER A 66 -15.47 1.03 -12.88
CA SER A 66 -16.92 1.19 -12.88
C SER A 66 -17.58 0.24 -13.89
N ALA A 67 -16.80 -0.27 -14.83
CA ALA A 67 -17.34 -1.13 -15.88
C ALA A 67 -17.72 -2.49 -15.33
N THR A 68 -16.77 -3.18 -14.72
CA THR A 68 -17.02 -4.50 -14.16
C THR A 68 -16.77 -4.52 -12.65
N GLY A 69 -15.88 -3.67 -12.15
CA GLY A 69 -15.73 -3.52 -10.72
C GLY A 69 -14.37 -3.88 -10.17
N LEU A 70 -13.50 -4.48 -10.99
CA LEU A 70 -12.20 -4.89 -10.48
C LEU A 70 -11.28 -3.68 -10.30
N SER A 71 -10.09 -3.89 -9.78
CA SER A 71 -9.14 -2.81 -9.57
C SER A 71 -8.70 -2.25 -10.93
N LYS A 72 -8.52 -0.93 -10.97
CA LYS A 72 -8.10 -0.25 -12.18
C LYS A 72 -6.60 -0.43 -12.40
N GLY A 73 -5.91 -0.89 -11.37
CA GLY A 73 -4.49 -1.16 -11.49
C GLY A 73 -3.65 -0.13 -10.77
N TYR A 74 -4.30 0.78 -10.06
CA TYR A 74 -3.61 1.78 -9.29
C TYR A 74 -4.43 2.20 -8.07
N ALA A 75 -3.75 2.63 -7.02
CA ALA A 75 -4.42 2.96 -5.77
C ALA A 75 -3.71 4.09 -5.04
N PHE A 76 -4.37 4.61 -4.02
CA PHE A 76 -3.86 5.67 -3.18
C PHE A 76 -3.90 5.24 -1.71
N CYS A 77 -2.85 5.49 -0.98
CA CYS A 77 -2.83 5.13 0.44
C CYS A 77 -1.94 6.11 1.22
N GLU A 78 -2.20 6.22 2.52
CA GLU A 78 -1.35 7.04 3.38
C GLU A 78 -1.00 6.27 4.65
N TYR A 79 0.24 6.43 5.10
CA TYR A 79 0.68 5.81 6.35
C TYR A 79 0.25 6.67 7.53
N VAL A 80 0.18 6.06 8.70
CA VAL A 80 -0.08 6.81 9.92
C VAL A 80 1.10 7.74 10.20
N ASP A 81 2.29 7.16 10.12
CA ASP A 81 3.49 7.94 10.27
C ASP A 81 3.76 8.70 9.00
N ILE A 82 3.23 9.91 8.95
CA ILE A 82 3.37 10.82 7.80
C ILE A 82 4.77 10.81 7.17
N ASN A 83 5.82 10.74 7.99
CA ASN A 83 7.20 10.79 7.47
C ASN A 83 7.62 9.45 6.89
N VAL A 84 7.04 8.36 7.38
CA VAL A 84 7.37 7.02 6.91
C VAL A 84 7.04 6.88 5.42
N THR A 85 6.11 7.71 4.95
CA THR A 85 5.76 7.79 3.53
C THR A 85 7.01 7.89 2.66
N ASP A 86 7.95 8.76 3.04
CA ASP A 86 9.12 9.03 2.22
C ASP A 86 10.13 7.88 2.26
N GLN A 87 10.13 7.13 3.35
CA GLN A 87 10.98 5.95 3.44
C GLN A 87 10.35 4.80 2.67
N ALA A 88 9.08 4.54 2.96
CA ALA A 88 8.35 3.44 2.36
C ALA A 88 8.31 3.58 0.84
N ILE A 89 8.01 4.78 0.36
CA ILE A 89 7.96 5.04 -1.07
C ILE A 89 9.31 4.69 -1.73
N ALA A 90 10.41 5.05 -1.07
CA ALA A 90 11.74 4.83 -1.62
C ALA A 90 12.14 3.35 -1.54
N GLY A 91 11.52 2.64 -0.62
CA GLY A 91 11.77 1.21 -0.52
C GLY A 91 10.86 0.38 -1.41
N LEU A 92 9.58 0.74 -1.43
CA LEU A 92 8.56 -0.08 -2.10
C LEU A 92 8.48 0.21 -3.60
N ASN A 93 8.89 1.40 -4.04
CA ASN A 93 8.87 1.70 -5.47
C ASN A 93 9.74 0.70 -6.24
N GLY A 94 9.12 0.00 -7.18
CA GLY A 94 9.82 -1.03 -7.92
C GLY A 94 9.57 -2.42 -7.36
N MET A 95 8.61 -2.52 -6.44
CA MET A 95 8.19 -3.82 -5.90
C MET A 95 7.77 -4.76 -7.02
N GLN A 96 8.60 -5.77 -7.27
CA GLN A 96 8.40 -6.70 -8.36
C GLN A 96 7.91 -8.04 -7.83
N LEU A 97 6.62 -8.29 -7.98
CA LEU A 97 6.02 -9.56 -7.58
C LEU A 97 5.71 -10.39 -8.80
N GLY A 98 6.47 -11.45 -8.99
CA GLY A 98 6.25 -12.34 -10.12
C GLY A 98 6.42 -11.64 -11.45
N ASP A 99 5.30 -11.35 -12.11
CA ASP A 99 5.31 -10.71 -13.42
C ASP A 99 4.67 -9.33 -13.35
N LYS A 100 4.49 -8.80 -12.15
CA LYS A 100 3.90 -7.49 -11.98
C LYS A 100 4.77 -6.62 -11.07
N LYS A 101 5.08 -5.42 -11.52
CA LYS A 101 5.91 -4.51 -10.74
C LYS A 101 5.16 -3.21 -10.46
N LEU A 102 5.15 -2.81 -9.20
CA LEU A 102 4.38 -1.64 -8.79
C LEU A 102 5.24 -0.40 -8.79
N LEU A 103 4.71 0.67 -9.33
CA LEU A 103 5.37 1.97 -9.31
C LEU A 103 4.76 2.82 -8.21
N VAL A 104 5.51 3.02 -7.14
CA VAL A 104 5.02 3.82 -6.02
C VAL A 104 5.53 5.24 -6.13
N GLN A 105 4.61 6.16 -6.41
CA GLN A 105 4.93 7.57 -6.50
C GLN A 105 4.20 8.33 -5.41
N ARG A 106 4.43 9.62 -5.31
CA ARG A 106 3.72 10.44 -4.34
C ARG A 106 2.48 11.04 -4.98
N ALA A 107 1.35 10.89 -4.29
CA ALA A 107 0.06 11.31 -4.82
C ALA A 107 -0.05 12.83 -4.85
N SER A 108 0.35 13.46 -3.75
CA SER A 108 0.46 14.92 -3.66
C SER A 108 -0.80 15.63 -4.19
N VAL A 109 -1.95 15.24 -3.65
CA VAL A 109 -3.26 15.80 -4.05
C VAL A 109 -3.38 15.94 -5.58
N GLY A 110 -3.08 14.84 -6.27
CA GLY A 110 -3.22 14.81 -7.72
C GLY A 110 -2.12 15.57 -8.43
N ALA A 111 -0.90 15.42 -7.94
CA ALA A 111 0.25 16.09 -8.53
C ALA A 111 1.51 15.26 -8.32
N LYS A 112 2.60 15.67 -8.97
CA LYS A 112 3.88 14.97 -8.88
C LYS A 112 3.78 13.54 -9.41
N ASN A 113 2.84 13.34 -10.33
CA ASN A 113 2.61 12.02 -10.90
C ASN A 113 3.23 11.95 -12.30
N ALA A 114 3.10 10.78 -12.94
CA ALA A 114 3.63 10.57 -14.28
C ALA A 114 5.12 10.88 -14.36
N GLY A 115 5.86 10.46 -13.33
CA GLY A 115 7.27 10.76 -13.28
C GLY A 115 8.13 9.53 -13.47
N SER A 116 8.48 8.88 -12.35
CA SER A 116 9.35 7.70 -12.34
C SER A 116 10.63 7.94 -13.16
N GLY A 117 11.26 9.08 -12.91
CA GLY A 117 12.49 9.42 -13.60
C GLY A 117 13.35 10.33 -12.77
N GLY A 118 13.41 10.06 -11.47
CA GLY A 118 14.17 10.88 -10.55
C GLY A 118 15.24 10.08 -9.85
N SER A 119 16.16 9.51 -10.62
CA SER A 119 17.25 8.74 -10.06
C SER A 119 18.30 9.68 -9.46
N GLY A 120 18.44 10.86 -10.04
CA GLY A 120 19.43 11.81 -9.58
C GLY A 120 18.90 12.70 -8.48
N SER A 121 18.15 12.12 -7.56
CA SER A 121 17.58 12.86 -6.46
C SER A 121 18.28 12.52 -5.16
N SER A 122 19.50 12.00 -5.27
CA SER A 122 20.30 11.60 -4.12
C SER A 122 20.70 12.84 -3.32
N GLY A 123 19.88 13.18 -2.33
CA GLY A 123 20.08 14.38 -1.56
C GLY A 123 18.76 14.97 -1.14
N SER A 124 17.71 14.59 -1.86
CA SER A 124 16.36 15.00 -1.53
C SER A 124 15.86 14.20 -0.34
N GLY A 125 15.96 14.78 0.84
CA GLY A 125 15.56 14.09 2.05
C GLY A 125 16.50 12.96 2.39
N GLY A 126 15.96 11.82 2.76
CA GLY A 126 16.78 10.68 3.10
C GLY A 126 17.38 10.04 1.86
N SER A 127 16.59 9.97 0.78
CA SER A 127 17.04 9.43 -0.49
C SER A 127 17.51 7.98 -0.37
N GLY A 128 16.93 7.25 0.59
CA GLY A 128 17.31 5.87 0.80
C GLY A 128 18.32 5.72 1.93
N GLY A 129 18.80 6.83 2.44
CA GLY A 129 19.75 6.79 3.54
C GLY A 129 19.07 6.49 4.87
N GLY A 130 17.83 6.92 5.00
CA GLY A 130 17.12 6.75 6.25
C GLY A 130 16.04 5.70 6.17
N VAL A 131 16.00 4.95 5.07
CA VAL A 131 15.00 3.92 4.89
C VAL A 131 15.45 2.62 5.56
N ASN A 132 14.53 2.00 6.29
CA ASN A 132 14.81 0.73 6.94
C ASN A 132 14.81 -0.40 5.90
N ASP A 133 15.86 -1.22 5.93
CA ASP A 133 16.00 -2.30 4.96
C ASP A 133 15.07 -3.46 5.31
N ALA A 134 13.88 -3.44 4.71
CA ALA A 134 12.94 -4.54 4.88
C ALA A 134 12.09 -4.72 3.63
N PHE A 135 12.54 -4.19 2.50
CA PHE A 135 11.80 -4.30 1.25
C PHE A 135 11.81 -5.74 0.78
N LYS A 136 12.87 -6.46 1.13
CA LYS A 136 12.99 -7.87 0.81
C LYS A 136 11.99 -8.69 1.62
N ASP A 137 11.78 -8.28 2.87
CA ASP A 137 10.86 -8.97 3.75
C ASP A 137 9.43 -8.75 3.26
N ALA A 138 9.14 -7.52 2.85
CA ALA A 138 7.85 -7.19 2.26
C ALA A 138 7.65 -7.98 0.97
N LEU A 139 8.69 -8.00 0.14
CA LEU A 139 8.69 -8.77 -1.10
C LEU A 139 8.37 -10.24 -0.83
N GLN A 140 9.13 -10.84 0.08
CA GLN A 140 8.94 -12.24 0.42
C GLN A 140 7.56 -12.47 1.03
N ARG A 141 7.09 -11.49 1.78
CA ARG A 141 5.82 -11.58 2.46
C ARG A 141 4.67 -11.58 1.47
N ALA A 142 4.69 -10.66 0.53
CA ALA A 142 3.65 -10.59 -0.48
C ALA A 142 3.73 -11.79 -1.39
N ARG A 143 4.94 -12.24 -1.65
CA ARG A 143 5.18 -13.43 -2.46
C ARG A 143 4.55 -14.65 -1.79
N GLN A 144 4.84 -14.85 -0.52
CA GLN A 144 4.32 -16.00 0.20
C GLN A 144 2.81 -15.89 0.43
N ILE A 145 2.32 -14.66 0.54
CA ILE A 145 0.88 -14.43 0.65
C ILE A 145 0.18 -14.74 -0.67
N ALA A 146 0.80 -14.32 -1.76
CA ALA A 146 0.26 -14.60 -3.10
C ALA A 146 0.24 -16.10 -3.36
N ALA A 147 1.27 -16.79 -2.88
CA ALA A 147 1.36 -18.24 -3.02
C ALA A 147 0.47 -18.94 -2.01
N LYS A 148 0.20 -18.27 -0.90
CA LYS A 148 -0.69 -18.79 0.14
C LYS A 148 -2.09 -19.02 -0.42
N ILE A 149 -2.57 -18.07 -1.20
CA ILE A 149 -3.87 -18.19 -1.83
C ILE A 149 -3.75 -18.93 -3.16
N GLY A 150 -2.76 -18.55 -3.98
CA GLY A 150 -2.52 -19.22 -5.25
C GLY A 150 -3.77 -19.37 -6.10
N GLY A 151 -4.43 -18.26 -6.37
CA GLY A 151 -5.66 -18.29 -7.14
C GLY A 151 -6.80 -18.93 -6.38
N ASP A 152 -6.58 -19.14 -5.08
CA ASP A 152 -7.56 -19.78 -4.19
C ASP A 152 -7.83 -21.21 -4.65
N ALA A 153 -6.87 -22.07 -4.37
CA ALA A 153 -6.97 -23.48 -4.74
C ALA A 153 -6.28 -24.36 -3.70
N GLY A 154 -6.73 -24.25 -2.46
CA GLY A 154 -6.16 -25.03 -1.38
C GLY A 154 -6.83 -26.38 -1.23
N THR A 155 -7.48 -26.83 -2.29
CA THR A 155 -8.15 -28.11 -2.28
C THR A 155 -7.13 -29.25 -2.36
N SER A 156 -7.49 -30.40 -1.80
CA SER A 156 -6.62 -31.58 -1.78
C SER A 156 -5.35 -31.31 -0.97
N LEU A 157 -4.41 -32.25 -1.04
CA LEU A 157 -3.11 -32.14 -0.35
C LEU A 157 -3.27 -32.32 1.16
N ASN A 158 -4.04 -31.44 1.76
CA ASN A 158 -4.30 -31.48 3.19
C ASN A 158 -5.78 -31.16 3.43
N SER A 159 -6.62 -32.16 3.24
CA SER A 159 -8.06 -31.98 3.36
C SER A 159 -8.57 -32.58 4.67
N ASN A 160 -7.72 -33.33 5.35
CA ASN A 160 -8.09 -33.97 6.58
C ASN A 160 -6.97 -33.86 7.60
N ALA A 1 -2.62 10.75 15.03
CA ALA A 1 -2.32 9.32 14.85
C ALA A 1 -3.58 8.47 14.99
N MET A 2 -4.12 8.43 16.20
CA MET A 2 -5.28 7.61 16.49
C MET A 2 -6.53 8.48 16.68
N ASP A 3 -7.29 8.64 15.61
CA ASP A 3 -8.53 9.41 15.68
C ASP A 3 -9.70 8.51 16.05
N TYR A 4 -9.98 7.54 15.18
CA TYR A 4 -11.06 6.57 15.38
C TYR A 4 -12.42 7.26 15.54
N GLN A 5 -13.10 7.47 14.43
CA GLN A 5 -14.44 8.03 14.46
C GLN A 5 -15.48 6.93 14.35
N PRO A 6 -16.29 6.75 15.42
CA PRO A 6 -17.34 5.72 15.45
C PRO A 6 -18.37 5.91 14.34
N LEU A 7 -18.66 4.82 13.65
CA LEU A 7 -19.57 4.85 12.50
C LEU A 7 -21.02 4.98 12.94
N PRO A 8 -21.72 6.02 12.47
CA PRO A 8 -23.13 6.26 12.84
C PRO A 8 -24.08 5.23 12.24
N GLY A 9 -24.38 4.21 13.01
CA GLY A 9 -25.28 3.17 12.55
C GLY A 9 -25.02 1.85 13.24
N MET A 10 -23.75 1.46 13.28
CA MET A 10 -23.33 0.24 13.95
C MET A 10 -22.07 0.49 14.77
N SER A 11 -21.02 0.97 14.09
CA SER A 11 -19.73 1.23 14.74
C SER A 11 -19.22 -0.04 15.40
N GLU A 12 -19.09 -1.09 14.60
CA GLU A 12 -18.68 -2.38 15.10
C GLU A 12 -17.23 -2.65 14.76
N ASN A 13 -16.94 -2.65 13.46
CA ASN A 13 -15.61 -2.96 12.95
C ASN A 13 -15.18 -4.35 13.39
N PRO A 14 -15.64 -5.39 12.67
CA PRO A 14 -15.38 -6.79 13.01
C PRO A 14 -13.91 -7.12 13.19
N SER A 15 -13.55 -7.52 14.42
CA SER A 15 -12.20 -7.96 14.74
C SER A 15 -11.18 -6.85 14.50
N VAL A 16 -11.57 -5.61 14.77
CA VAL A 16 -10.66 -4.48 14.65
C VAL A 16 -10.38 -3.87 16.01
N TYR A 17 -11.36 -3.11 16.53
CA TYR A 17 -11.29 -2.50 17.87
C TYR A 17 -10.21 -1.42 18.02
N VAL A 18 -9.10 -1.57 17.30
CA VAL A 18 -7.95 -0.70 17.48
C VAL A 18 -8.09 0.59 16.67
N PRO A 19 -7.92 1.74 17.34
CA PRO A 19 -8.02 3.05 16.69
C PRO A 19 -6.90 3.25 15.66
N GLY A 20 -7.21 3.98 14.60
CA GLY A 20 -6.26 4.10 13.51
C GLY A 20 -6.63 3.18 12.38
N VAL A 21 -7.88 2.73 12.38
CA VAL A 21 -8.41 1.82 11.37
C VAL A 21 -8.15 2.37 9.98
N VAL A 22 -7.58 1.52 9.13
CA VAL A 22 -7.31 1.91 7.75
C VAL A 22 -8.61 2.27 7.04
N SER A 23 -8.82 3.55 6.84
CA SER A 23 -10.03 4.04 6.22
C SER A 23 -9.96 3.84 4.71
N THR A 24 -11.10 3.95 4.04
CA THR A 24 -11.11 3.81 2.59
C THR A 24 -10.77 5.13 1.92
N VAL A 25 -11.67 6.10 2.02
CA VAL A 25 -11.45 7.41 1.41
C VAL A 25 -10.22 8.09 1.99
N VAL A 26 -9.27 8.41 1.12
CA VAL A 26 -8.01 9.02 1.54
C VAL A 26 -8.01 10.53 1.26
N PRO A 27 -8.05 11.36 2.31
CA PRO A 27 -8.02 12.82 2.19
C PRO A 27 -6.69 13.31 1.61
N ASP A 28 -6.75 14.30 0.73
CA ASP A 28 -5.58 14.78 0.00
C ASP A 28 -4.57 15.44 0.93
N SER A 29 -3.38 14.86 0.97
CA SER A 29 -2.28 15.35 1.79
C SER A 29 -0.96 14.84 1.22
N ALA A 30 0.13 15.51 1.57
CA ALA A 30 1.43 15.26 0.96
C ALA A 30 1.99 13.88 1.30
N HIS A 31 1.37 13.18 2.24
CA HIS A 31 1.81 11.85 2.63
C HIS A 31 0.95 10.77 1.97
N LYS A 32 0.31 11.12 0.85
CA LYS A 32 -0.45 10.15 0.07
C LYS A 32 0.45 9.49 -0.97
N LEU A 33 0.29 8.19 -1.11
CA LEU A 33 1.08 7.41 -2.05
C LEU A 33 0.21 6.88 -3.17
N PHE A 34 0.80 6.77 -4.34
CA PHE A 34 0.12 6.25 -5.51
C PHE A 34 0.76 4.96 -5.96
N ILE A 35 0.02 3.86 -5.90
CA ILE A 35 0.52 2.58 -6.35
C ILE A 35 -0.06 2.27 -7.71
N GLY A 36 0.79 2.29 -8.73
CA GLY A 36 0.32 2.06 -10.08
C GLY A 36 0.95 0.85 -10.70
N GLY A 37 0.26 0.22 -11.63
CA GLY A 37 0.80 -0.95 -12.30
C GLY A 37 0.56 -2.22 -11.53
N LEU A 38 -0.48 -2.23 -10.70
CA LEU A 38 -0.80 -3.39 -9.91
C LEU A 38 -1.84 -4.25 -10.63
N PRO A 39 -1.78 -5.57 -10.44
CA PRO A 39 -2.72 -6.50 -11.06
C PRO A 39 -4.16 -6.21 -10.68
N ASN A 40 -5.05 -6.31 -11.66
CA ASN A 40 -6.45 -5.96 -11.48
C ASN A 40 -7.14 -6.87 -10.47
N TYR A 41 -6.49 -7.99 -10.16
CA TYR A 41 -7.04 -8.96 -9.22
C TYR A 41 -6.69 -8.59 -7.78
N LEU A 42 -5.77 -7.65 -7.60
CA LEU A 42 -5.34 -7.25 -6.27
C LEU A 42 -6.04 -5.97 -5.82
N ASN A 43 -6.85 -6.10 -4.78
CA ASN A 43 -7.53 -4.95 -4.21
C ASN A 43 -6.86 -4.51 -2.91
N ASP A 44 -7.38 -3.45 -2.31
CA ASP A 44 -6.79 -2.84 -1.12
C ASP A 44 -6.56 -3.87 -0.01
N ASP A 45 -7.52 -4.78 0.14
CA ASP A 45 -7.44 -5.83 1.17
C ASP A 45 -6.12 -6.58 1.10
N GLN A 46 -5.65 -6.86 -0.11
CA GLN A 46 -4.43 -7.64 -0.28
C GLN A 46 -3.21 -6.73 -0.28
N VAL A 47 -3.30 -5.60 -0.97
CA VAL A 47 -2.17 -4.69 -1.09
C VAL A 47 -1.81 -4.09 0.28
N LYS A 48 -2.80 -4.01 1.16
CA LYS A 48 -2.59 -3.56 2.54
C LYS A 48 -1.48 -4.35 3.22
N GLU A 49 -1.40 -5.63 2.90
CA GLU A 49 -0.39 -6.50 3.50
C GLU A 49 1.01 -6.10 3.03
N LEU A 50 1.07 -5.55 1.83
CA LEU A 50 2.34 -5.12 1.26
C LEU A 50 2.78 -3.82 1.91
N LEU A 51 1.85 -2.88 2.01
CA LEU A 51 2.15 -1.56 2.55
C LEU A 51 2.42 -1.58 4.05
N THR A 52 1.49 -2.13 4.81
CA THR A 52 1.58 -2.07 6.27
C THR A 52 2.79 -2.84 6.80
N SER A 53 3.40 -3.63 5.93
CA SER A 53 4.61 -4.36 6.27
C SER A 53 5.78 -3.39 6.43
N PHE A 54 5.64 -2.17 5.93
CA PHE A 54 6.69 -1.18 6.05
C PHE A 54 6.44 -0.26 7.23
N GLY A 55 5.16 -0.03 7.53
CA GLY A 55 4.79 0.86 8.61
C GLY A 55 3.29 0.94 8.82
N PRO A 56 2.83 1.74 9.77
CA PRO A 56 1.41 1.86 10.10
C PRO A 56 0.62 2.64 9.04
N LEU A 57 -0.44 2.03 8.53
CA LEU A 57 -1.23 2.62 7.47
C LEU A 57 -2.42 3.37 8.05
N LYS A 58 -2.77 4.49 7.42
CA LYS A 58 -3.90 5.31 7.88
C LYS A 58 -5.15 5.04 7.03
N ALA A 59 -4.99 5.12 5.72
CA ALA A 59 -6.11 4.93 4.81
C ALA A 59 -5.63 4.32 3.50
N PHE A 60 -6.49 3.54 2.86
CA PHE A 60 -6.18 2.88 1.61
C PHE A 60 -7.42 2.84 0.72
N ASN A 61 -7.35 3.54 -0.41
CA ASN A 61 -8.45 3.54 -1.36
C ASN A 61 -8.00 3.03 -2.71
N LEU A 62 -8.46 1.85 -3.07
CA LEU A 62 -8.16 1.28 -4.38
C LEU A 62 -8.97 2.00 -5.46
N VAL A 63 -8.41 2.14 -6.64
CA VAL A 63 -9.17 2.70 -7.75
C VAL A 63 -9.92 1.58 -8.46
N LYS A 64 -11.23 1.58 -8.29
CA LYS A 64 -12.06 0.48 -8.75
C LYS A 64 -12.88 0.89 -9.97
N ASP A 65 -13.03 -0.03 -10.90
CA ASP A 65 -13.84 0.20 -12.10
C ASP A 65 -15.31 0.02 -11.79
N SER A 66 -16.11 1.00 -12.15
CA SER A 66 -17.53 1.00 -11.83
C SER A 66 -18.34 0.20 -12.85
N ALA A 67 -17.72 -0.18 -13.95
CA ALA A 67 -18.42 -0.88 -15.02
C ALA A 67 -18.57 -2.36 -14.69
N THR A 68 -17.46 -3.04 -14.43
CA THR A 68 -17.51 -4.47 -14.15
C THR A 68 -17.13 -4.76 -12.69
N GLY A 69 -16.55 -3.76 -12.03
CA GLY A 69 -16.31 -3.85 -10.60
C GLY A 69 -15.03 -4.58 -10.23
N LEU A 70 -13.91 -4.14 -10.79
CA LEU A 70 -12.62 -4.70 -10.40
C LEU A 70 -11.60 -3.58 -10.24
N SER A 71 -10.41 -3.91 -9.78
CA SER A 71 -9.36 -2.91 -9.62
C SER A 71 -8.90 -2.43 -11.01
N LYS A 72 -8.69 -1.13 -11.14
CA LYS A 72 -8.30 -0.55 -12.41
C LYS A 72 -6.78 -0.61 -12.59
N GLY A 73 -6.09 -1.07 -11.55
CA GLY A 73 -4.66 -1.30 -11.66
C GLY A 73 -3.84 -0.26 -10.93
N TYR A 74 -4.50 0.57 -10.14
CA TYR A 74 -3.81 1.57 -9.34
C TYR A 74 -4.63 1.94 -8.12
N ALA A 75 -3.96 2.43 -7.08
CA ALA A 75 -4.62 2.74 -5.83
C ALA A 75 -3.95 3.91 -5.11
N PHE A 76 -4.65 4.46 -4.14
CA PHE A 76 -4.14 5.57 -3.34
C PHE A 76 -4.16 5.19 -1.86
N CYS A 77 -3.21 5.69 -1.10
CA CYS A 77 -3.11 5.37 0.31
C CYS A 77 -2.31 6.43 1.04
N GLU A 78 -2.47 6.52 2.35
CA GLU A 78 -1.61 7.36 3.16
C GLU A 78 -1.15 6.61 4.42
N TYR A 79 0.11 6.80 4.79
CA TYR A 79 0.60 6.29 6.07
C TYR A 79 0.29 7.30 7.16
N VAL A 80 -0.10 6.81 8.33
CA VAL A 80 -0.35 7.67 9.48
C VAL A 80 0.95 8.28 9.97
N ASP A 81 2.00 7.46 9.96
CA ASP A 81 3.33 7.95 10.22
C ASP A 81 3.83 8.73 9.01
N ILE A 82 3.45 10.00 8.96
CA ILE A 82 3.81 10.90 7.86
C ILE A 82 5.28 10.79 7.45
N ASN A 83 6.14 10.58 8.43
CA ASN A 83 7.58 10.51 8.21
C ASN A 83 7.99 9.18 7.57
N VAL A 84 7.21 8.13 7.82
CA VAL A 84 7.49 6.79 7.27
C VAL A 84 7.21 6.76 5.78
N THR A 85 6.31 7.63 5.34
CA THR A 85 5.94 7.76 3.93
C THR A 85 7.17 7.79 3.03
N ASP A 86 8.17 8.58 3.42
CA ASP A 86 9.37 8.77 2.59
C ASP A 86 10.19 7.50 2.50
N GLN A 87 10.22 6.72 3.57
CA GLN A 87 10.97 5.47 3.57
C GLN A 87 10.19 4.41 2.81
N ALA A 88 8.91 4.31 3.10
CA ALA A 88 8.05 3.31 2.49
C ALA A 88 7.98 3.49 0.98
N ILE A 89 7.80 4.72 0.53
CA ILE A 89 7.72 5.00 -0.90
C ILE A 89 9.02 4.65 -1.60
N ALA A 90 10.14 5.00 -0.97
CA ALA A 90 11.46 4.77 -1.54
C ALA A 90 11.83 3.29 -1.50
N GLY A 91 11.24 2.57 -0.57
CA GLY A 91 11.51 1.15 -0.45
C GLY A 91 10.60 0.29 -1.32
N LEU A 92 9.34 0.70 -1.43
CA LEU A 92 8.34 -0.12 -2.11
C LEU A 92 8.23 0.20 -3.61
N ASN A 93 8.61 1.42 -3.99
CA ASN A 93 8.53 1.79 -5.41
C ASN A 93 9.39 0.85 -6.25
N GLY A 94 8.78 0.26 -7.27
CA GLY A 94 9.50 -0.65 -8.12
C GLY A 94 9.41 -2.08 -7.63
N MET A 95 8.52 -2.32 -6.66
CA MET A 95 8.28 -3.67 -6.13
C MET A 95 8.10 -4.67 -7.27
N GLN A 96 9.09 -5.55 -7.44
CA GLN A 96 9.08 -6.53 -8.50
C GLN A 96 8.51 -7.86 -8.01
N LEU A 97 7.27 -8.12 -8.36
CA LEU A 97 6.62 -9.37 -8.01
C LEU A 97 6.47 -10.24 -9.26
N GLY A 98 7.27 -11.28 -9.34
CA GLY A 98 7.23 -12.16 -10.51
C GLY A 98 7.57 -11.42 -11.78
N ASP A 99 6.56 -11.08 -12.57
CA ASP A 99 6.77 -10.38 -13.81
C ASP A 99 6.27 -8.93 -13.74
N LYS A 100 5.50 -8.63 -12.69
CA LYS A 100 4.89 -7.30 -12.58
C LYS A 100 5.58 -6.48 -11.49
N LYS A 101 5.92 -5.24 -11.81
CA LYS A 101 6.51 -4.35 -10.82
C LYS A 101 5.61 -3.13 -10.62
N LEU A 102 5.34 -2.80 -9.36
CA LEU A 102 4.43 -1.72 -9.04
C LEU A 102 5.18 -0.40 -8.94
N LEU A 103 4.60 0.66 -9.48
CA LEU A 103 5.19 1.98 -9.43
C LEU A 103 4.54 2.78 -8.31
N VAL A 104 5.26 2.98 -7.22
CA VAL A 104 4.76 3.75 -6.11
C VAL A 104 5.28 5.18 -6.19
N GLN A 105 4.36 6.12 -6.39
CA GLN A 105 4.72 7.52 -6.54
C GLN A 105 4.05 8.36 -5.46
N ARG A 106 4.45 9.61 -5.38
CA ARG A 106 3.87 10.54 -4.42
C ARG A 106 2.54 11.06 -4.98
N ALA A 107 1.43 10.54 -4.44
CA ALA A 107 0.10 10.87 -4.95
C ALA A 107 -0.22 12.33 -4.74
N SER A 108 0.23 12.87 -3.60
CA SER A 108 0.11 14.29 -3.27
C SER A 108 -1.36 14.72 -3.13
N VAL A 109 -1.99 14.96 -4.27
CA VAL A 109 -3.40 15.37 -4.31
C VAL A 109 -4.10 14.69 -5.48
N GLY A 110 -3.45 13.66 -6.02
CA GLY A 110 -3.94 13.01 -7.21
C GLY A 110 -3.16 13.46 -8.43
N ALA A 111 -1.92 13.84 -8.18
CA ALA A 111 -1.05 14.37 -9.22
C ALA A 111 0.39 14.40 -8.71
N LYS A 112 1.30 14.95 -9.52
CA LYS A 112 2.71 15.05 -9.13
C LYS A 112 3.30 13.65 -8.94
N ASN A 113 2.98 12.77 -9.89
CA ASN A 113 3.42 11.39 -9.83
C ASN A 113 4.94 11.30 -10.01
N ALA A 114 5.64 11.23 -8.89
CA ALA A 114 7.10 11.15 -8.90
C ALA A 114 7.58 10.36 -7.69
N GLY A 115 8.78 9.80 -7.80
CA GLY A 115 9.34 9.02 -6.70
C GLY A 115 10.01 9.91 -5.67
N SER A 116 9.26 10.85 -5.15
CA SER A 116 9.78 11.76 -4.13
C SER A 116 9.82 11.07 -2.78
N GLY A 117 10.99 10.60 -2.38
CA GLY A 117 11.15 9.97 -1.10
C GLY A 117 12.27 10.58 -0.29
N GLY A 118 11.92 11.35 0.73
CA GLY A 118 12.92 12.00 1.55
C GLY A 118 12.53 13.42 1.88
N SER A 119 11.70 13.56 2.88
CA SER A 119 11.23 14.87 3.31
C SER A 119 11.99 15.32 4.55
N GLY A 120 11.92 16.62 4.84
CA GLY A 120 12.59 17.15 6.00
C GLY A 120 12.92 18.61 5.83
N SER A 121 13.15 19.28 6.95
CA SER A 121 13.49 20.69 6.94
C SER A 121 14.85 20.88 6.27
N SER A 122 14.83 21.39 5.04
CA SER A 122 16.03 21.56 4.24
C SER A 122 16.75 20.23 4.01
N GLY A 123 15.95 19.18 3.83
CA GLY A 123 16.52 17.86 3.64
C GLY A 123 15.79 17.07 2.58
N SER A 124 16.51 16.22 1.87
CA SER A 124 15.94 15.39 0.83
C SER A 124 16.02 13.91 1.21
N GLY A 125 16.30 13.64 2.47
CA GLY A 125 16.38 12.28 2.95
C GLY A 125 17.51 12.07 3.93
N GLY A 126 18.73 12.32 3.49
CA GLY A 126 19.89 12.15 4.32
C GLY A 126 20.77 11.01 3.84
N SER A 127 20.80 9.92 4.60
CA SER A 127 21.55 8.75 4.22
C SER A 127 21.10 7.54 5.04
N GLY A 128 21.06 6.39 4.40
CA GLY A 128 20.64 5.18 5.08
C GLY A 128 19.14 5.02 5.07
N GLY A 129 18.47 5.79 5.93
CA GLY A 129 17.02 5.74 6.00
C GLY A 129 16.52 4.72 6.99
N GLY A 130 17.25 3.61 7.13
CA GLY A 130 16.84 2.57 8.04
C GLY A 130 15.89 1.60 7.37
N VAL A 131 16.13 1.31 6.09
CA VAL A 131 15.27 0.44 5.33
C VAL A 131 16.04 -0.76 4.78
N ASN A 132 15.55 -1.95 5.09
CA ASN A 132 16.14 -3.18 4.59
C ASN A 132 15.15 -4.34 4.77
N ASP A 133 15.01 -4.80 6.00
CA ASP A 133 14.15 -5.93 6.31
C ASP A 133 12.71 -5.45 6.49
N ALA A 134 12.20 -4.79 5.46
CA ALA A 134 10.84 -4.28 5.47
C ALA A 134 10.21 -4.46 4.10
N PHE A 135 10.76 -3.78 3.09
CA PHE A 135 10.29 -3.94 1.72
C PHE A 135 10.56 -5.36 1.23
N LYS A 136 11.67 -5.93 1.71
CA LYS A 136 12.00 -7.31 1.40
C LYS A 136 10.98 -8.25 2.03
N ASP A 137 10.79 -8.13 3.34
CA ASP A 137 9.82 -8.95 4.06
C ASP A 137 8.43 -8.79 3.47
N ALA A 138 8.10 -7.55 3.11
CA ALA A 138 6.83 -7.25 2.45
C ALA A 138 6.72 -7.99 1.13
N LEU A 139 7.81 -8.02 0.38
CA LEU A 139 7.84 -8.72 -0.89
C LEU A 139 7.59 -10.22 -0.70
N GLN A 140 8.23 -10.81 0.30
CA GLN A 140 8.04 -12.25 0.57
C GLN A 140 6.60 -12.54 0.94
N ARG A 141 6.02 -11.71 1.79
CA ARG A 141 4.66 -11.96 2.23
C ARG A 141 3.67 -11.80 1.07
N ALA A 142 3.90 -10.82 0.21
CA ALA A 142 3.09 -10.66 -0.97
C ALA A 142 3.33 -11.84 -1.91
N ARG A 143 4.56 -12.30 -1.96
CA ARG A 143 4.95 -13.43 -2.78
C ARG A 143 4.25 -14.71 -2.32
N GLN A 144 4.24 -14.98 -1.02
CA GLN A 144 3.60 -16.20 -0.52
C GLN A 144 2.08 -16.11 -0.61
N ILE A 145 1.55 -14.90 -0.45
CA ILE A 145 0.14 -14.67 -0.62
C ILE A 145 -0.27 -14.98 -2.06
N ALA A 146 0.57 -14.59 -3.00
CA ALA A 146 0.34 -14.89 -4.41
C ALA A 146 0.59 -16.38 -4.68
N ALA A 147 1.48 -16.97 -3.91
CA ALA A 147 1.81 -18.39 -4.04
C ALA A 147 0.68 -19.25 -3.49
N LYS A 148 -0.13 -18.68 -2.60
CA LYS A 148 -1.30 -19.39 -2.07
C LYS A 148 -2.25 -19.79 -3.19
N ILE A 149 -2.54 -18.85 -4.09
CA ILE A 149 -3.34 -19.16 -5.26
C ILE A 149 -2.48 -19.89 -6.30
N GLY A 150 -1.22 -19.47 -6.41
CA GLY A 150 -0.27 -20.20 -7.23
C GLY A 150 -0.38 -19.89 -8.70
N GLY A 151 -1.51 -20.23 -9.29
CA GLY A 151 -1.70 -20.08 -10.73
C GLY A 151 -1.96 -18.64 -11.14
N ASP A 152 -1.90 -17.73 -10.19
CA ASP A 152 -2.10 -16.32 -10.46
C ASP A 152 -0.85 -15.72 -11.09
N ALA A 153 -0.99 -15.20 -12.30
CA ALA A 153 0.13 -14.58 -13.03
C ALA A 153 1.27 -15.57 -13.21
N GLY A 154 1.00 -16.64 -13.93
CA GLY A 154 1.99 -17.68 -14.13
C GLY A 154 1.52 -19.00 -13.58
N THR A 155 0.81 -19.76 -14.39
CA THR A 155 0.22 -21.00 -13.97
C THR A 155 1.23 -22.15 -13.96
N SER A 156 2.17 -22.08 -13.01
CA SER A 156 3.21 -23.09 -12.82
C SER A 156 4.27 -23.04 -13.91
N LEU A 157 3.85 -23.19 -15.15
CA LEU A 157 4.77 -23.20 -16.27
C LEU A 157 5.28 -21.80 -16.56
N ASN A 158 6.60 -21.64 -16.55
CA ASN A 158 7.22 -20.35 -16.82
C ASN A 158 7.20 -20.07 -18.31
N SER A 159 6.19 -19.36 -18.74
CA SER A 159 6.04 -19.00 -20.15
C SER A 159 5.42 -17.62 -20.26
N ASN A 160 4.12 -17.53 -20.01
CA ASN A 160 3.41 -16.27 -20.06
C ASN A 160 2.33 -16.27 -18.98
N ALA A 1 -4.48 -10.78 5.33
CA ALA A 1 -5.59 -10.70 6.31
C ALA A 1 -6.72 -11.64 5.92
N MET A 2 -6.52 -12.94 6.15
CA MET A 2 -7.54 -13.93 5.81
C MET A 2 -8.52 -14.09 6.96
N ASP A 3 -8.01 -13.99 8.17
CA ASP A 3 -8.84 -14.00 9.36
C ASP A 3 -8.82 -12.62 10.00
N TYR A 4 -9.94 -11.94 9.92
CA TYR A 4 -10.04 -10.58 10.45
C TYR A 4 -10.70 -10.58 11.82
N GLN A 5 -9.97 -10.06 12.80
CA GLN A 5 -10.50 -9.85 14.12
C GLN A 5 -10.89 -8.38 14.27
N PRO A 6 -12.20 -8.09 14.41
CA PRO A 6 -12.69 -6.73 14.67
C PRO A 6 -12.45 -6.32 16.11
N LEU A 7 -11.17 -6.30 16.51
CA LEU A 7 -10.76 -6.05 17.88
C LEU A 7 -11.24 -7.14 18.83
N PRO A 8 -10.31 -7.93 19.38
CA PRO A 8 -10.64 -9.09 20.21
C PRO A 8 -11.24 -8.71 21.56
N GLY A 9 -10.89 -7.52 22.01
CA GLY A 9 -11.39 -7.04 23.28
C GLY A 9 -12.61 -6.17 23.10
N MET A 10 -12.40 -4.92 22.75
CA MET A 10 -13.49 -3.99 22.53
C MET A 10 -13.94 -4.03 21.08
N SER A 11 -14.84 -4.95 20.77
CA SER A 11 -15.39 -5.03 19.42
C SER A 11 -16.58 -4.08 19.30
N GLU A 12 -16.99 -3.55 20.45
CA GLU A 12 -18.10 -2.62 20.53
C GLU A 12 -17.65 -1.21 20.12
N ASN A 13 -17.26 -1.07 18.87
CA ASN A 13 -16.82 0.20 18.34
C ASN A 13 -17.85 0.75 17.37
N PRO A 14 -17.95 2.08 17.25
CA PRO A 14 -18.95 2.73 16.39
C PRO A 14 -19.00 2.11 14.99
N SER A 15 -17.91 2.21 14.25
CA SER A 15 -17.85 1.66 12.90
C SER A 15 -16.41 1.41 12.48
N VAL A 16 -16.03 0.15 12.33
CA VAL A 16 -14.74 -0.22 11.80
C VAL A 16 -14.91 -1.04 10.53
N TYR A 17 -15.25 -2.32 10.71
CA TYR A 17 -15.55 -3.24 9.63
C TYR A 17 -14.35 -3.56 8.72
N VAL A 18 -13.50 -2.57 8.47
CA VAL A 18 -12.41 -2.73 7.52
C VAL A 18 -11.18 -3.34 8.19
N PRO A 19 -10.68 -4.46 7.64
CA PRO A 19 -9.50 -5.15 8.16
C PRO A 19 -8.24 -4.29 8.09
N GLY A 20 -7.42 -4.37 9.13
CA GLY A 20 -6.21 -3.59 9.19
C GLY A 20 -6.44 -2.21 9.81
N VAL A 21 -7.69 -1.96 10.17
CA VAL A 21 -8.12 -0.67 10.69
C VAL A 21 -7.62 0.48 9.82
N VAL A 22 -8.30 0.67 8.71
CA VAL A 22 -7.95 1.68 7.74
C VAL A 22 -9.22 2.25 7.11
N SER A 23 -9.18 3.49 6.69
CA SER A 23 -10.34 4.10 6.06
C SER A 23 -10.38 3.75 4.59
N THR A 24 -11.59 3.44 4.11
CA THR A 24 -11.81 3.06 2.72
C THR A 24 -11.65 4.25 1.79
N VAL A 25 -11.97 5.43 2.30
CA VAL A 25 -11.79 6.66 1.56
C VAL A 25 -10.60 7.43 2.11
N VAL A 26 -9.67 7.77 1.24
CA VAL A 26 -8.43 8.39 1.67
C VAL A 26 -8.51 9.92 1.56
N PRO A 27 -8.27 10.62 2.67
CA PRO A 27 -8.20 12.08 2.70
C PRO A 27 -6.93 12.60 2.02
N ASP A 28 -6.87 13.90 1.79
CA ASP A 28 -5.67 14.50 1.22
C ASP A 28 -4.65 14.77 2.30
N SER A 29 -3.38 14.59 1.95
CA SER A 29 -2.28 14.78 2.89
C SER A 29 -0.96 14.82 2.14
N ALA A 30 0.06 15.36 2.78
CA ALA A 30 1.37 15.51 2.15
C ALA A 30 2.09 14.16 2.05
N HIS A 31 1.47 13.11 2.58
CA HIS A 31 2.06 11.78 2.56
C HIS A 31 1.18 10.82 1.76
N LYS A 32 0.40 11.37 0.83
CA LYS A 32 -0.45 10.57 -0.05
C LYS A 32 0.37 9.83 -1.09
N LEU A 33 0.15 8.52 -1.18
CA LEU A 33 0.90 7.68 -2.12
C LEU A 33 0.03 7.22 -3.27
N PHE A 34 0.67 6.98 -4.38
CA PHE A 34 0.03 6.42 -5.57
C PHE A 34 0.64 5.06 -5.89
N ILE A 35 -0.15 4.02 -5.84
CA ILE A 35 0.31 2.68 -6.16
C ILE A 35 -0.15 2.31 -7.56
N GLY A 36 0.76 2.34 -8.52
CA GLY A 36 0.40 2.04 -9.88
C GLY A 36 1.03 0.75 -10.36
N GLY A 37 0.46 0.17 -11.41
CA GLY A 37 1.03 -1.05 -11.96
C GLY A 37 0.74 -2.26 -11.10
N LEU A 38 -0.43 -2.28 -10.48
CA LEU A 38 -0.85 -3.42 -9.68
C LEU A 38 -1.85 -4.28 -10.46
N PRO A 39 -1.90 -5.59 -10.17
CA PRO A 39 -2.80 -6.50 -10.88
C PRO A 39 -4.26 -6.16 -10.63
N ASN A 40 -5.03 -6.12 -11.70
CA ASN A 40 -6.43 -5.67 -11.66
C ASN A 40 -7.29 -6.55 -10.77
N TYR A 41 -6.79 -7.74 -10.45
CA TYR A 41 -7.56 -8.70 -9.66
C TYR A 41 -7.19 -8.64 -8.18
N LEU A 42 -6.23 -7.80 -7.83
CA LEU A 42 -5.83 -7.66 -6.43
C LEU A 42 -6.37 -6.39 -5.82
N ASN A 43 -7.10 -6.55 -4.73
CA ASN A 43 -7.78 -5.44 -4.10
C ASN A 43 -6.91 -4.74 -3.05
N ASP A 44 -7.45 -3.67 -2.47
CA ASP A 44 -6.72 -2.88 -1.49
C ASP A 44 -6.29 -3.75 -0.31
N ASP A 45 -7.20 -4.59 0.17
CA ASP A 45 -6.92 -5.50 1.29
C ASP A 45 -5.77 -6.46 0.95
N GLN A 46 -5.50 -6.62 -0.33
CA GLN A 46 -4.48 -7.53 -0.78
C GLN A 46 -3.12 -6.84 -0.79
N VAL A 47 -3.10 -5.64 -1.37
CA VAL A 47 -1.88 -4.83 -1.38
C VAL A 47 -1.60 -4.26 0.01
N LYS A 48 -2.66 -4.18 0.80
CA LYS A 48 -2.61 -3.64 2.15
C LYS A 48 -1.51 -4.29 2.97
N GLU A 49 -1.46 -5.62 2.90
CA GLU A 49 -0.49 -6.40 3.68
C GLU A 49 0.94 -6.07 3.25
N LEU A 50 1.09 -5.62 2.01
CA LEU A 50 2.40 -5.28 1.48
C LEU A 50 2.83 -3.90 2.01
N LEU A 51 1.94 -2.93 1.85
CA LEU A 51 2.23 -1.56 2.25
C LEU A 51 2.41 -1.44 3.76
N THR A 52 1.45 -1.99 4.51
CA THR A 52 1.42 -1.84 5.97
C THR A 52 2.61 -2.53 6.64
N SER A 53 3.33 -3.35 5.88
CA SER A 53 4.48 -4.05 6.42
C SER A 53 5.65 -3.07 6.67
N PHE A 54 5.62 -1.94 5.98
CA PHE A 54 6.67 -0.94 6.13
C PHE A 54 6.29 0.07 7.20
N GLY A 55 4.99 0.30 7.35
CA GLY A 55 4.52 1.25 8.34
C GLY A 55 3.02 1.17 8.52
N PRO A 56 2.48 1.76 9.60
CA PRO A 56 1.05 1.74 9.89
C PRO A 56 0.26 2.48 8.82
N LEU A 57 -0.82 1.86 8.36
CA LEU A 57 -1.62 2.44 7.29
C LEU A 57 -2.82 3.17 7.86
N LYS A 58 -3.07 4.37 7.33
CA LYS A 58 -4.19 5.19 7.79
C LYS A 58 -5.43 4.91 6.94
N ALA A 59 -5.25 5.01 5.63
CA ALA A 59 -6.36 4.82 4.71
C ALA A 59 -5.86 4.25 3.40
N PHE A 60 -6.65 3.38 2.80
CA PHE A 60 -6.28 2.75 1.53
C PHE A 60 -7.50 2.69 0.61
N ASN A 61 -7.39 3.34 -0.53
CA ASN A 61 -8.45 3.34 -1.52
C ASN A 61 -7.92 2.83 -2.85
N LEU A 62 -8.41 1.68 -3.27
CA LEU A 62 -8.05 1.13 -4.56
C LEU A 62 -8.96 1.74 -5.62
N VAL A 63 -8.40 2.04 -6.78
CA VAL A 63 -9.18 2.62 -7.85
C VAL A 63 -9.91 1.53 -8.61
N LYS A 64 -11.22 1.53 -8.50
CA LYS A 64 -12.03 0.48 -9.07
C LYS A 64 -12.75 0.99 -10.31
N ASP A 65 -13.09 0.10 -11.21
CA ASP A 65 -13.87 0.43 -12.39
C ASP A 65 -15.34 0.18 -12.12
N SER A 66 -16.17 1.18 -12.37
CA SER A 66 -17.59 1.10 -12.03
C SER A 66 -18.38 0.30 -13.07
N ALA A 67 -17.75 -0.01 -14.19
CA ALA A 67 -18.42 -0.71 -15.28
C ALA A 67 -18.31 -2.22 -15.13
N THR A 68 -17.09 -2.72 -15.05
CA THR A 68 -16.86 -4.16 -14.98
C THR A 68 -16.50 -4.61 -13.57
N GLY A 69 -16.24 -3.65 -12.68
CA GLY A 69 -16.11 -3.94 -11.26
C GLY A 69 -14.80 -4.60 -10.86
N LEU A 70 -13.69 -4.09 -11.39
CA LEU A 70 -12.37 -4.57 -10.96
C LEU A 70 -11.45 -3.38 -10.74
N SER A 71 -10.23 -3.63 -10.30
CA SER A 71 -9.27 -2.55 -10.10
C SER A 71 -8.79 -2.05 -11.45
N LYS A 72 -8.55 -0.75 -11.56
CA LYS A 72 -8.08 -0.16 -12.81
C LYS A 72 -6.55 -0.19 -12.87
N GLY A 73 -5.94 -0.82 -11.87
CA GLY A 73 -4.51 -1.05 -11.92
C GLY A 73 -3.71 -0.10 -11.05
N TYR A 74 -4.41 0.76 -10.31
CA TYR A 74 -3.75 1.71 -9.44
C TYR A 74 -4.60 2.03 -8.21
N ALA A 75 -3.96 2.53 -7.17
CA ALA A 75 -4.63 2.80 -5.91
C ALA A 75 -3.99 3.98 -5.18
N PHE A 76 -4.68 4.47 -4.16
CA PHE A 76 -4.20 5.59 -3.33
C PHE A 76 -4.19 5.19 -1.86
N CYS A 77 -3.09 5.43 -1.17
CA CYS A 77 -2.99 5.12 0.25
C CYS A 77 -2.13 6.14 0.98
N GLU A 78 -2.36 6.30 2.27
CA GLU A 78 -1.48 7.11 3.10
C GLU A 78 -1.14 6.39 4.40
N TYR A 79 0.12 6.46 4.81
CA TYR A 79 0.53 5.87 6.09
C TYR A 79 0.24 6.82 7.24
N VAL A 80 0.18 6.28 8.44
CA VAL A 80 0.00 7.10 9.63
C VAL A 80 1.29 7.86 9.94
N ASP A 81 2.39 7.13 9.92
CA ASP A 81 3.70 7.72 10.12
C ASP A 81 4.09 8.56 8.91
N ILE A 82 3.69 9.82 8.95
CA ILE A 82 3.98 10.81 7.92
C ILE A 82 5.43 10.71 7.41
N ASN A 83 6.38 10.56 8.31
CA ASN A 83 7.79 10.54 7.95
C ASN A 83 8.22 9.18 7.43
N VAL A 84 7.47 8.13 7.77
CA VAL A 84 7.75 6.79 7.26
C VAL A 84 7.40 6.70 5.78
N THR A 85 6.44 7.53 5.39
CA THR A 85 5.98 7.59 4.00
C THR A 85 7.15 7.79 3.03
N ASP A 86 8.07 8.68 3.38
CA ASP A 86 9.21 8.99 2.51
C ASP A 86 10.14 7.80 2.36
N GLN A 87 10.27 7.00 3.40
CA GLN A 87 11.13 5.82 3.33
C GLN A 87 10.39 4.67 2.66
N ALA A 88 9.12 4.50 3.05
CA ALA A 88 8.30 3.43 2.50
C ALA A 88 8.17 3.56 0.99
N ILE A 89 7.93 4.77 0.51
CA ILE A 89 7.78 5.01 -0.91
C ILE A 89 9.09 4.69 -1.65
N ALA A 90 10.21 5.08 -1.04
CA ALA A 90 11.52 4.89 -1.64
C ALA A 90 11.93 3.42 -1.61
N GLY A 91 11.37 2.67 -0.68
CA GLY A 91 11.69 1.26 -0.58
C GLY A 91 10.73 0.37 -1.36
N LEU A 92 9.47 0.79 -1.47
CA LEU A 92 8.45 -0.03 -2.08
C LEU A 92 8.25 0.25 -3.56
N ASN A 93 8.72 1.40 -4.05
CA ASN A 93 8.64 1.67 -5.49
C ASN A 93 9.46 0.63 -6.24
N GLY A 94 8.83 -0.09 -7.15
CA GLY A 94 9.51 -1.13 -7.87
C GLY A 94 9.28 -2.50 -7.26
N MET A 95 8.39 -2.55 -6.26
CA MET A 95 8.03 -3.81 -5.60
C MET A 95 7.66 -4.88 -6.61
N GLN A 96 8.52 -5.89 -6.73
CA GLN A 96 8.31 -6.97 -7.68
C GLN A 96 7.69 -8.18 -6.99
N LEU A 97 6.44 -8.46 -7.31
CA LEU A 97 5.78 -9.63 -6.77
C LEU A 97 5.23 -10.49 -7.91
N GLY A 98 5.75 -11.69 -8.02
CA GLY A 98 5.30 -12.60 -9.04
C GLY A 98 5.61 -12.10 -10.43
N ASP A 99 4.56 -11.73 -11.16
CA ASP A 99 4.69 -11.28 -12.54
C ASP A 99 4.48 -9.76 -12.63
N LYS A 100 4.15 -9.14 -11.52
CA LYS A 100 3.80 -7.73 -11.52
C LYS A 100 4.73 -6.94 -10.60
N LYS A 101 4.96 -5.67 -10.93
CA LYS A 101 5.76 -4.81 -10.08
C LYS A 101 5.11 -3.44 -9.95
N LEU A 102 4.98 -2.96 -8.72
CA LEU A 102 4.21 -1.76 -8.46
C LEU A 102 5.08 -0.52 -8.49
N LEU A 103 4.51 0.56 -9.01
CA LEU A 103 5.16 1.86 -9.01
C LEU A 103 4.52 2.75 -7.96
N VAL A 104 5.25 3.01 -6.89
CA VAL A 104 4.72 3.83 -5.81
C VAL A 104 5.23 5.26 -5.93
N GLN A 105 4.33 6.15 -6.27
CA GLN A 105 4.64 7.56 -6.42
C GLN A 105 3.91 8.38 -5.37
N ARG A 106 4.15 9.69 -5.37
CA ARG A 106 3.45 10.58 -4.44
C ARG A 106 2.20 11.16 -5.11
N ALA A 107 1.05 10.89 -4.53
CA ALA A 107 -0.23 11.28 -5.10
C ALA A 107 -0.60 12.71 -4.74
N SER A 108 -0.10 13.15 -3.59
CA SER A 108 -0.35 14.50 -3.08
C SER A 108 -1.79 14.67 -2.63
N VAL A 109 -2.69 14.73 -3.59
CA VAL A 109 -4.11 14.87 -3.32
C VAL A 109 -4.90 14.32 -4.50
N GLY A 110 -4.51 14.73 -5.69
CA GLY A 110 -5.16 14.25 -6.88
C GLY A 110 -4.27 14.39 -8.09
N ALA A 111 -2.97 14.20 -7.89
CA ALA A 111 -1.98 14.30 -8.96
C ALA A 111 -2.37 13.44 -10.15
N LYS A 112 -2.83 12.22 -9.88
CA LYS A 112 -3.14 11.26 -10.93
C LYS A 112 -1.90 11.10 -11.82
N ASN A 113 -0.79 10.85 -11.16
CA ASN A 113 0.50 10.76 -11.81
C ASN A 113 0.83 9.32 -12.18
N ALA A 114 1.77 9.16 -13.10
CA ALA A 114 2.16 7.85 -13.60
C ALA A 114 3.33 7.99 -14.56
N GLY A 115 4.34 8.73 -14.16
CA GLY A 115 5.48 8.98 -15.02
C GLY A 115 6.80 8.60 -14.38
N SER A 116 7.02 7.30 -14.21
CA SER A 116 8.30 6.81 -13.71
C SER A 116 8.61 5.43 -14.30
N GLY A 117 7.76 4.99 -15.24
CA GLY A 117 7.94 3.69 -15.85
C GLY A 117 7.85 2.56 -14.86
N GLY A 118 8.99 2.02 -14.48
CA GLY A 118 9.03 0.96 -13.51
C GLY A 118 10.09 1.22 -12.47
N SER A 119 10.50 2.48 -12.35
CA SER A 119 11.53 2.91 -11.42
C SER A 119 12.90 2.33 -11.78
N GLY A 120 13.11 1.05 -11.47
CA GLY A 120 14.40 0.44 -11.72
C GLY A 120 15.48 1.08 -10.89
N SER A 121 15.10 1.49 -9.68
CA SER A 121 15.99 2.21 -8.78
C SER A 121 16.41 3.55 -9.39
N SER A 122 17.56 3.56 -10.08
CA SER A 122 18.10 4.78 -10.69
C SER A 122 18.20 5.89 -9.66
N GLY A 123 18.56 5.52 -8.44
CA GLY A 123 18.57 6.47 -7.35
C GLY A 123 17.27 6.42 -6.57
N SER A 124 17.34 5.94 -5.34
CA SER A 124 16.16 5.78 -4.51
C SER A 124 15.81 7.07 -3.79
N GLY A 125 16.61 8.11 -3.99
CA GLY A 125 16.35 9.39 -3.35
C GLY A 125 17.61 10.20 -3.11
N GLY A 126 18.71 9.50 -2.87
CA GLY A 126 19.97 10.16 -2.61
C GLY A 126 21.00 9.20 -2.05
N SER A 127 21.89 9.70 -1.22
CA SER A 127 22.93 8.87 -0.63
C SER A 127 22.42 8.19 0.64
N GLY A 128 21.58 7.18 0.48
CA GLY A 128 21.04 6.47 1.62
C GLY A 128 19.63 5.97 1.35
N GLY A 129 18.65 6.66 1.91
CA GLY A 129 17.27 6.29 1.71
C GLY A 129 16.56 6.05 3.01
N GLY A 130 17.20 5.28 3.89
CA GLY A 130 16.59 4.95 5.17
C GLY A 130 15.57 3.85 5.03
N VAL A 131 15.70 3.07 3.96
CA VAL A 131 14.74 2.03 3.65
C VAL A 131 15.16 0.69 4.25
N ASN A 132 15.81 0.76 5.40
CA ASN A 132 16.30 -0.44 6.08
C ASN A 132 15.24 -0.98 7.01
N ASP A 133 14.06 -1.23 6.46
CA ASP A 133 12.95 -1.76 7.23
C ASP A 133 12.71 -3.21 6.85
N ALA A 134 11.54 -3.74 7.18
CA ALA A 134 11.22 -5.14 6.92
C ALA A 134 10.66 -5.31 5.51
N PHE A 135 11.44 -4.94 4.50
CA PHE A 135 11.02 -5.04 3.11
C PHE A 135 11.06 -6.49 2.65
N LYS A 136 12.00 -7.26 3.19
CA LYS A 136 12.09 -8.68 2.89
C LYS A 136 10.88 -9.40 3.50
N ASP A 137 10.51 -8.96 4.71
CA ASP A 137 9.34 -9.48 5.40
C ASP A 137 8.08 -9.16 4.60
N ALA A 138 8.03 -7.94 4.07
CA ALA A 138 6.92 -7.51 3.22
C ALA A 138 6.80 -8.42 2.01
N LEU A 139 7.91 -8.60 1.30
CA LEU A 139 7.97 -9.48 0.15
C LEU A 139 7.54 -10.90 0.52
N GLN A 140 8.05 -11.38 1.65
CA GLN A 140 7.78 -12.73 2.10
C GLN A 140 6.32 -12.91 2.49
N ARG A 141 5.76 -11.95 3.20
CA ARG A 141 4.37 -12.06 3.65
C ARG A 141 3.43 -11.99 2.46
N ALA A 142 3.80 -11.18 1.46
CA ALA A 142 3.01 -11.10 0.24
C ALA A 142 3.07 -12.43 -0.51
N ARG A 143 4.27 -13.01 -0.53
CA ARG A 143 4.50 -14.29 -1.19
C ARG A 143 3.69 -15.41 -0.52
N GLN A 144 3.78 -15.49 0.81
CA GLN A 144 3.09 -16.54 1.54
C GLN A 144 1.57 -16.37 1.47
N ILE A 145 1.10 -15.13 1.52
CA ILE A 145 -0.33 -14.87 1.44
C ILE A 145 -0.84 -15.16 0.03
N ALA A 146 -0.02 -14.85 -0.98
CA ALA A 146 -0.36 -15.17 -2.36
C ALA A 146 -0.51 -16.68 -2.54
N ALA A 147 0.41 -17.43 -1.94
CA ALA A 147 0.35 -18.89 -1.99
C ALA A 147 -0.77 -19.41 -1.10
N LYS A 148 -1.04 -18.71 -0.02
CA LYS A 148 -2.10 -19.08 0.91
C LYS A 148 -3.46 -19.00 0.22
N ILE A 149 -3.71 -17.89 -0.45
CA ILE A 149 -4.97 -17.67 -1.14
C ILE A 149 -5.03 -18.44 -2.44
N GLY A 150 -3.98 -18.34 -3.23
CA GLY A 150 -3.95 -18.97 -4.53
C GLY A 150 -4.57 -18.11 -5.60
N GLY A 151 -5.11 -16.96 -5.19
CA GLY A 151 -5.76 -16.07 -6.11
C GLY A 151 -7.17 -16.54 -6.42
N ASP A 152 -8.03 -16.51 -5.41
CA ASP A 152 -9.41 -16.97 -5.57
C ASP A 152 -10.16 -16.12 -6.58
N ALA A 153 -10.88 -16.77 -7.47
CA ALA A 153 -11.63 -16.06 -8.49
C ALA A 153 -13.13 -16.29 -8.29
N GLY A 154 -13.60 -15.92 -7.12
CA GLY A 154 -15.00 -16.09 -6.79
C GLY A 154 -15.24 -16.01 -5.29
N THR A 155 -15.79 -17.07 -4.72
CA THR A 155 -16.05 -17.12 -3.29
C THR A 155 -15.50 -18.43 -2.70
N SER A 156 -16.22 -19.52 -2.94
CA SER A 156 -15.81 -20.83 -2.47
C SER A 156 -16.72 -21.88 -3.09
N LEU A 157 -16.13 -22.95 -3.59
CA LEU A 157 -16.88 -24.06 -4.21
C LEU A 157 -17.75 -23.54 -5.35
N ASN A 158 -17.16 -22.68 -6.19
CA ASN A 158 -17.90 -22.06 -7.29
C ASN A 158 -18.03 -23.01 -8.49
N SER A 159 -18.32 -24.26 -8.18
CA SER A 159 -18.50 -25.27 -9.21
C SER A 159 -19.45 -26.35 -8.71
N ASN A 160 -20.56 -25.94 -8.12
CA ASN A 160 -21.52 -26.86 -7.55
C ASN A 160 -22.87 -26.71 -8.24
N ALA A 1 -3.57 7.42 20.40
CA ALA A 1 -4.08 8.33 19.34
C ALA A 1 -2.91 8.98 18.60
N MET A 2 -2.40 8.30 17.59
CA MET A 2 -1.29 8.82 16.80
C MET A 2 -1.77 9.94 15.89
N ASP A 3 -2.85 9.69 15.17
CA ASP A 3 -3.44 10.70 14.32
C ASP A 3 -4.94 10.80 14.58
N TYR A 4 -5.55 9.66 14.88
CA TYR A 4 -6.98 9.61 15.20
C TYR A 4 -7.28 10.53 16.39
N GLN A 5 -8.23 11.42 16.20
CA GLN A 5 -8.63 12.33 17.27
C GLN A 5 -9.82 11.77 18.02
N PRO A 6 -9.65 11.45 19.31
CA PRO A 6 -10.74 10.93 20.16
C PRO A 6 -11.61 12.04 20.74
N LEU A 7 -11.52 13.23 20.14
CA LEU A 7 -12.33 14.37 20.53
C LEU A 7 -13.74 14.23 19.94
N PRO A 8 -14.71 15.01 20.44
CA PRO A 8 -16.07 15.01 19.89
C PRO A 8 -16.16 15.66 18.51
N GLY A 9 -15.35 15.18 17.58
CA GLY A 9 -15.35 15.69 16.23
C GLY A 9 -15.12 14.59 15.21
N MET A 10 -16.19 13.88 14.89
CA MET A 10 -16.11 12.75 13.96
C MET A 10 -15.86 13.22 12.52
N SER A 11 -16.62 14.24 12.10
CA SER A 11 -16.52 14.82 10.75
C SER A 11 -16.96 13.84 9.67
N GLU A 12 -16.22 12.74 9.53
CA GLU A 12 -16.45 11.77 8.48
C GLU A 12 -17.45 10.70 8.94
N ASN A 13 -17.88 9.87 8.01
CA ASN A 13 -18.80 8.76 8.30
C ASN A 13 -18.27 7.91 9.45
N PRO A 14 -19.14 7.59 10.43
CA PRO A 14 -18.74 6.91 11.67
C PRO A 14 -18.25 5.49 11.45
N SER A 15 -18.60 4.89 10.32
CA SER A 15 -18.16 3.54 10.00
C SER A 15 -16.77 3.58 9.39
N VAL A 16 -16.35 4.78 8.97
CA VAL A 16 -15.03 4.98 8.39
C VAL A 16 -14.07 5.53 9.45
N TYR A 17 -14.58 6.45 10.27
CA TYR A 17 -13.78 7.07 11.31
C TYR A 17 -13.78 6.20 12.56
N VAL A 18 -13.03 5.14 12.47
CA VAL A 18 -12.92 4.16 13.56
C VAL A 18 -11.45 3.97 13.93
N PRO A 19 -11.12 4.05 15.23
CA PRO A 19 -9.73 3.94 15.70
C PRO A 19 -9.14 2.56 15.49
N GLY A 20 -8.06 2.50 14.71
CA GLY A 20 -7.39 1.23 14.47
C GLY A 20 -7.82 0.58 13.17
N VAL A 21 -8.79 1.20 12.50
CA VAL A 21 -9.28 0.68 11.24
C VAL A 21 -8.79 1.53 10.08
N VAL A 22 -8.32 0.87 9.03
CA VAL A 22 -7.86 1.57 7.84
C VAL A 22 -9.04 2.28 7.17
N SER A 23 -8.87 3.58 6.97
CA SER A 23 -9.89 4.40 6.35
C SER A 23 -10.05 4.02 4.88
N THR A 24 -11.28 3.81 4.47
CA THR A 24 -11.60 3.47 3.09
C THR A 24 -11.40 4.68 2.18
N VAL A 25 -11.65 5.86 2.72
CA VAL A 25 -11.44 7.10 2.00
C VAL A 25 -10.05 7.65 2.31
N VAL A 26 -9.27 7.91 1.26
CA VAL A 26 -7.93 8.46 1.44
C VAL A 26 -7.94 9.97 1.22
N PRO A 27 -7.82 10.76 2.30
CA PRO A 27 -7.75 12.22 2.21
C PRO A 27 -6.54 12.67 1.39
N ASP A 28 -6.65 13.84 0.79
CA ASP A 28 -5.59 14.36 -0.05
C ASP A 28 -4.48 14.99 0.78
N SER A 29 -3.76 14.13 1.46
CA SER A 29 -2.67 14.55 2.33
C SER A 29 -1.37 14.61 1.55
N ALA A 30 -0.43 15.40 2.06
CA ALA A 30 0.87 15.58 1.41
C ALA A 30 1.70 14.30 1.47
N HIS A 31 1.20 13.31 2.19
CA HIS A 31 1.84 12.00 2.27
C HIS A 31 0.97 10.94 1.59
N LYS A 32 0.10 11.38 0.68
CA LYS A 32 -0.70 10.45 -0.11
C LYS A 32 0.15 9.80 -1.19
N LEU A 33 0.14 8.48 -1.22
CA LEU A 33 0.93 7.73 -2.17
C LEU A 33 0.06 7.21 -3.30
N PHE A 34 0.64 7.14 -4.48
CA PHE A 34 -0.02 6.58 -5.64
C PHE A 34 0.68 5.29 -6.06
N ILE A 35 -0.03 4.19 -5.99
CA ILE A 35 0.52 2.89 -6.34
C ILE A 35 0.01 2.48 -7.71
N GLY A 36 0.88 2.49 -8.71
CA GLY A 36 0.45 2.13 -10.04
C GLY A 36 1.12 0.85 -10.51
N GLY A 37 0.39 0.08 -11.29
CA GLY A 37 0.94 -1.16 -11.81
C GLY A 37 0.70 -2.33 -10.89
N LEU A 38 -0.50 -2.40 -10.33
CA LEU A 38 -0.88 -3.55 -9.51
C LEU A 38 -1.87 -4.41 -10.28
N PRO A 39 -1.95 -5.71 -9.96
CA PRO A 39 -2.83 -6.64 -10.68
C PRO A 39 -4.30 -6.29 -10.48
N ASN A 40 -5.05 -6.29 -11.58
CA ASN A 40 -6.46 -5.90 -11.58
C ASN A 40 -7.29 -6.90 -10.77
N TYR A 41 -6.70 -8.04 -10.46
CA TYR A 41 -7.38 -9.09 -9.71
C TYR A 41 -7.06 -9.01 -8.22
N LEU A 42 -6.13 -8.13 -7.86
CA LEU A 42 -5.73 -7.97 -6.47
C LEU A 42 -6.31 -6.69 -5.91
N ASN A 43 -6.98 -6.80 -4.76
CA ASN A 43 -7.65 -5.66 -4.17
C ASN A 43 -6.89 -5.06 -2.99
N ASP A 44 -7.35 -3.92 -2.50
CA ASP A 44 -6.67 -3.19 -1.43
C ASP A 44 -6.40 -4.09 -0.24
N ASP A 45 -7.37 -4.96 0.07
CA ASP A 45 -7.27 -5.83 1.23
C ASP A 45 -5.99 -6.66 1.22
N GLN A 46 -5.58 -7.09 0.03
CA GLN A 46 -4.40 -7.92 -0.10
C GLN A 46 -3.16 -7.03 -0.19
N VAL A 47 -3.29 -5.94 -0.94
CA VAL A 47 -2.18 -5.01 -1.12
C VAL A 47 -1.81 -4.34 0.21
N LYS A 48 -2.79 -4.20 1.11
CA LYS A 48 -2.55 -3.64 2.44
C LYS A 48 -1.43 -4.39 3.15
N GLU A 49 -1.42 -5.70 2.99
CA GLU A 49 -0.42 -6.54 3.66
C GLU A 49 0.98 -6.27 3.13
N LEU A 50 1.07 -5.73 1.93
CA LEU A 50 2.37 -5.38 1.35
C LEU A 50 2.80 -3.99 1.79
N LEU A 51 1.88 -3.04 1.69
CA LEU A 51 2.19 -1.65 2.01
C LEU A 51 2.35 -1.42 3.50
N THR A 52 1.47 -1.99 4.31
CA THR A 52 1.52 -1.77 5.75
C THR A 52 2.74 -2.46 6.36
N SER A 53 3.40 -3.32 5.58
CA SER A 53 4.59 -4.01 6.04
C SER A 53 5.78 -3.05 6.10
N PHE A 54 5.59 -1.84 5.58
CA PHE A 54 6.63 -0.82 5.61
C PHE A 54 6.33 0.26 6.65
N GLY A 55 5.14 0.20 7.24
CA GLY A 55 4.80 1.17 8.28
C GLY A 55 3.30 1.23 8.54
N PRO A 56 2.89 1.94 9.60
CA PRO A 56 1.47 2.07 9.97
C PRO A 56 0.67 2.82 8.92
N LEU A 57 -0.36 2.17 8.39
CA LEU A 57 -1.16 2.74 7.33
C LEU A 57 -2.45 3.33 7.90
N LYS A 58 -2.85 4.49 7.38
CA LYS A 58 -4.07 5.14 7.85
C LYS A 58 -5.23 4.86 6.92
N ALA A 59 -5.01 5.09 5.63
CA ALA A 59 -6.07 4.96 4.65
C ALA A 59 -5.57 4.28 3.39
N PHE A 60 -6.41 3.43 2.81
CA PHE A 60 -6.07 2.72 1.58
C PHE A 60 -7.31 2.60 0.71
N ASN A 61 -7.30 3.28 -0.44
CA ASN A 61 -8.39 3.16 -1.39
C ASN A 61 -7.86 2.73 -2.74
N LEU A 62 -8.23 1.53 -3.16
CA LEU A 62 -7.89 1.04 -4.48
C LEU A 62 -8.81 1.69 -5.51
N VAL A 63 -8.28 1.94 -6.69
CA VAL A 63 -9.09 2.54 -7.74
C VAL A 63 -9.87 1.45 -8.46
N LYS A 64 -11.18 1.48 -8.30
CA LYS A 64 -12.04 0.47 -8.88
C LYS A 64 -12.80 1.04 -10.07
N ASP A 65 -12.86 0.26 -11.13
CA ASP A 65 -13.55 0.64 -12.35
C ASP A 65 -15.04 0.76 -12.11
N SER A 66 -15.62 1.84 -12.61
CA SER A 66 -17.03 2.14 -12.38
C SER A 66 -17.94 1.41 -13.37
N ALA A 67 -17.34 0.84 -14.42
CA ALA A 67 -18.13 0.18 -15.46
C ALA A 67 -18.45 -1.27 -15.08
N THR A 68 -17.41 -2.05 -14.81
CA THR A 68 -17.62 -3.46 -14.46
C THR A 68 -17.32 -3.72 -12.98
N GLY A 69 -16.40 -2.95 -12.41
CA GLY A 69 -16.15 -3.06 -10.99
C GLY A 69 -14.85 -3.76 -10.63
N LEU A 70 -13.95 -3.92 -11.59
CA LEU A 70 -12.66 -4.51 -11.28
C LEU A 70 -11.65 -3.41 -10.99
N SER A 71 -10.50 -3.77 -10.44
CA SER A 71 -9.48 -2.79 -10.12
C SER A 71 -8.88 -2.21 -11.40
N LYS A 72 -8.61 -0.91 -11.37
CA LYS A 72 -8.06 -0.20 -12.52
C LYS A 72 -6.59 -0.50 -12.71
N GLY A 73 -5.96 -1.00 -11.64
CA GLY A 73 -4.54 -1.31 -11.71
C GLY A 73 -3.70 -0.32 -10.93
N TYR A 74 -4.35 0.57 -10.20
CA TYR A 74 -3.64 1.52 -9.35
C TYR A 74 -4.49 1.86 -8.13
N ALA A 75 -3.83 2.37 -7.10
CA ALA A 75 -4.49 2.66 -5.83
C ALA A 75 -3.86 3.87 -5.14
N PHE A 76 -4.56 4.38 -4.13
CA PHE A 76 -4.07 5.49 -3.33
C PHE A 76 -4.08 5.12 -1.85
N CYS A 77 -3.06 5.53 -1.12
CA CYS A 77 -2.98 5.23 0.31
C CYS A 77 -2.11 6.26 1.01
N GLU A 78 -2.37 6.48 2.29
CA GLU A 78 -1.52 7.36 3.08
C GLU A 78 -1.16 6.70 4.41
N TYR A 79 0.11 6.80 4.81
CA TYR A 79 0.57 6.27 6.09
C TYR A 79 0.19 7.20 7.23
N VAL A 80 0.26 6.70 8.46
CA VAL A 80 0.07 7.54 9.63
C VAL A 80 1.34 8.34 9.88
N ASP A 81 2.46 7.63 9.88
CA ASP A 81 3.75 8.27 10.04
C ASP A 81 4.16 8.96 8.76
N ILE A 82 3.81 10.23 8.67
CA ILE A 82 4.22 11.10 7.57
C ILE A 82 5.71 10.94 7.24
N ASN A 83 6.51 10.72 8.28
CA ASN A 83 7.96 10.57 8.14
C ASN A 83 8.31 9.20 7.55
N VAL A 84 7.50 8.19 7.83
CA VAL A 84 7.72 6.85 7.29
C VAL A 84 7.39 6.82 5.81
N THR A 85 6.50 7.72 5.39
CA THR A 85 6.10 7.83 3.99
C THR A 85 7.30 7.91 3.06
N ASP A 86 8.32 8.68 3.46
CA ASP A 86 9.52 8.88 2.64
C ASP A 86 10.30 7.59 2.46
N GLN A 87 10.37 6.78 3.52
CA GLN A 87 11.10 5.53 3.48
C GLN A 87 10.28 4.46 2.79
N ALA A 88 9.03 4.34 3.19
CA ALA A 88 8.12 3.34 2.66
C ALA A 88 8.01 3.45 1.15
N ILE A 89 7.79 4.66 0.66
CA ILE A 89 7.67 4.88 -0.78
C ILE A 89 8.97 4.53 -1.50
N ALA A 90 10.09 4.78 -0.83
CA ALA A 90 11.40 4.52 -1.41
C ALA A 90 11.65 3.02 -1.52
N GLY A 91 11.07 2.25 -0.60
CA GLY A 91 11.22 0.82 -0.63
C GLY A 91 10.18 0.14 -1.52
N LEU A 92 8.99 0.72 -1.58
CA LEU A 92 7.88 0.09 -2.30
C LEU A 92 7.86 0.44 -3.79
N ASN A 93 8.44 1.57 -4.17
CA ASN A 93 8.48 1.93 -5.59
C ASN A 93 9.36 0.93 -6.34
N GLY A 94 8.79 0.29 -7.34
CA GLY A 94 9.50 -0.71 -8.09
C GLY A 94 9.38 -2.08 -7.45
N MET A 95 8.47 -2.21 -6.49
CA MET A 95 8.25 -3.49 -5.81
C MET A 95 7.83 -4.56 -6.80
N GLN A 96 8.78 -5.41 -7.15
CA GLN A 96 8.55 -6.49 -8.09
C GLN A 96 8.12 -7.75 -7.35
N LEU A 97 6.87 -8.14 -7.53
CA LEU A 97 6.40 -9.40 -6.99
C LEU A 97 5.81 -10.24 -8.11
N GLY A 98 6.33 -11.45 -8.27
CA GLY A 98 5.87 -12.31 -9.33
C GLY A 98 6.13 -11.74 -10.70
N ASP A 99 5.07 -11.36 -11.40
CA ASP A 99 5.18 -10.80 -12.74
C ASP A 99 4.66 -9.36 -12.77
N LYS A 100 4.49 -8.77 -11.60
CA LYS A 100 3.94 -7.42 -11.52
C LYS A 100 4.77 -6.57 -10.57
N LYS A 101 5.03 -5.33 -10.95
CA LYS A 101 5.80 -4.41 -10.12
C LYS A 101 5.01 -3.13 -9.90
N LEU A 102 4.99 -2.67 -8.66
CA LEU A 102 4.20 -1.48 -8.33
C LEU A 102 5.07 -0.24 -8.31
N LEU A 103 4.64 0.79 -9.02
CA LEU A 103 5.32 2.07 -9.01
C LEU A 103 4.60 3.01 -8.05
N VAL A 104 5.21 3.28 -6.91
CA VAL A 104 4.62 4.15 -5.92
C VAL A 104 5.28 5.52 -5.93
N GLN A 105 4.51 6.54 -6.28
CA GLN A 105 5.03 7.91 -6.27
C GLN A 105 4.09 8.79 -5.44
N ARG A 106 4.59 9.94 -5.02
CA ARG A 106 3.84 10.80 -4.12
C ARG A 106 2.76 11.57 -4.87
N ALA A 107 1.55 11.02 -4.83
CA ALA A 107 0.41 11.66 -5.47
C ALA A 107 0.13 13.02 -4.84
N SER A 108 0.17 13.05 -3.51
CA SER A 108 0.02 14.29 -2.72
C SER A 108 -1.41 14.84 -2.78
N VAL A 109 -2.17 14.37 -3.74
CA VAL A 109 -3.50 14.89 -4.07
C VAL A 109 -3.85 14.43 -5.48
N GLY A 110 -2.81 14.18 -6.25
CA GLY A 110 -2.96 13.81 -7.64
C GLY A 110 -2.18 14.75 -8.52
N ALA A 111 -1.15 15.38 -7.95
CA ALA A 111 -0.39 16.39 -8.65
C ALA A 111 0.65 15.76 -9.56
N LYS A 112 1.62 15.08 -8.96
CA LYS A 112 2.72 14.51 -9.72
C LYS A 112 2.72 13.00 -9.61
N ASN A 113 1.78 12.36 -10.30
CA ASN A 113 1.64 10.91 -10.24
C ASN A 113 2.51 10.26 -11.30
N ALA A 114 2.91 11.03 -12.31
CA ALA A 114 3.77 10.51 -13.36
C ALA A 114 5.23 10.56 -12.93
N GLY A 115 5.56 11.55 -12.11
CA GLY A 115 6.90 11.68 -11.60
C GLY A 115 7.83 12.35 -12.60
N SER A 116 8.09 11.66 -13.69
CA SER A 116 8.97 12.18 -14.73
C SER A 116 8.18 13.01 -15.73
N GLY A 117 8.71 14.17 -16.07
CA GLY A 117 8.04 15.05 -17.00
C GLY A 117 8.22 16.50 -16.64
N GLY A 118 9.38 17.04 -16.97
CA GLY A 118 9.68 18.43 -16.67
C GLY A 118 10.89 18.57 -15.80
N SER A 119 11.29 19.80 -15.51
CA SER A 119 12.43 20.05 -14.66
C SER A 119 11.98 20.21 -13.21
N GLY A 120 12.91 20.12 -12.29
CA GLY A 120 12.57 20.19 -10.89
C GLY A 120 12.22 18.84 -10.32
N SER A 121 10.93 18.65 -10.02
CA SER A 121 10.44 17.40 -9.45
C SER A 121 11.17 17.10 -8.15
N SER A 122 11.18 18.08 -7.26
CA SER A 122 11.87 17.96 -5.99
C SER A 122 11.15 16.95 -5.10
N GLY A 123 11.65 15.73 -5.09
CA GLY A 123 11.07 14.69 -4.28
C GLY A 123 12.11 13.78 -3.69
N SER A 124 12.44 12.71 -4.40
CA SER A 124 13.42 11.75 -3.93
C SER A 124 14.30 11.26 -5.09
N GLY A 125 14.45 12.11 -6.10
CA GLY A 125 15.26 11.76 -7.26
C GLY A 125 16.74 11.78 -6.93
N GLY A 126 17.36 10.61 -6.96
CA GLY A 126 18.77 10.51 -6.64
C GLY A 126 19.03 10.46 -5.16
N SER A 127 17.95 10.41 -4.39
CA SER A 127 18.06 10.40 -2.93
C SER A 127 18.26 8.97 -2.42
N GLY A 128 19.49 8.49 -2.53
CA GLY A 128 19.80 7.15 -2.07
C GLY A 128 19.87 7.07 -0.56
N GLY A 129 19.49 5.92 -0.03
CA GLY A 129 19.50 5.74 1.41
C GLY A 129 18.16 6.08 2.04
N GLY A 130 18.16 6.29 3.33
CA GLY A 130 16.94 6.66 4.02
C GLY A 130 16.09 5.45 4.35
N VAL A 131 15.65 4.75 3.32
CA VAL A 131 14.84 3.55 3.48
C VAL A 131 15.69 2.41 4.02
N ASN A 132 15.12 1.64 4.95
CA ASN A 132 15.81 0.52 5.55
C ASN A 132 15.74 -0.69 4.63
N ASP A 133 16.81 -1.46 4.59
CA ASP A 133 16.86 -2.65 3.74
C ASP A 133 16.05 -3.79 4.37
N ALA A 134 14.73 -3.62 4.37
CA ALA A 134 13.82 -4.65 4.84
C ALA A 134 12.86 -5.05 3.72
N PHE A 135 13.17 -4.59 2.51
CA PHE A 135 12.34 -4.88 1.35
C PHE A 135 12.39 -6.37 1.02
N LYS A 136 13.49 -7.02 1.36
CA LYS A 136 13.62 -8.45 1.20
C LYS A 136 12.61 -9.18 2.07
N ASP A 137 12.50 -8.74 3.32
CA ASP A 137 11.58 -9.33 4.27
C ASP A 137 10.14 -9.08 3.82
N ALA A 138 9.89 -7.87 3.35
CA ALA A 138 8.59 -7.50 2.83
C ALA A 138 8.24 -8.36 1.60
N LEU A 139 9.23 -8.57 0.74
CA LEU A 139 9.04 -9.42 -0.44
C LEU A 139 8.68 -10.84 -0.04
N GLN A 140 9.45 -11.41 0.87
CA GLN A 140 9.21 -12.78 1.30
C GLN A 140 7.85 -12.93 1.97
N ARG A 141 7.43 -11.91 2.70
CA ARG A 141 6.13 -11.89 3.32
C ARG A 141 5.02 -11.76 2.26
N ALA A 142 5.23 -10.87 1.31
CA ALA A 142 4.27 -10.66 0.23
C ALA A 142 4.17 -11.90 -0.64
N ARG A 143 5.32 -12.47 -0.97
CA ARG A 143 5.39 -13.72 -1.73
C ARG A 143 4.67 -14.83 -1.00
N GLN A 144 4.90 -14.90 0.32
CA GLN A 144 4.24 -15.86 1.17
C GLN A 144 2.72 -15.71 1.08
N ILE A 145 2.24 -14.49 1.28
CA ILE A 145 0.81 -14.21 1.24
C ILE A 145 0.25 -14.45 -0.15
N ALA A 146 1.03 -14.10 -1.17
CA ALA A 146 0.65 -14.36 -2.55
C ALA A 146 0.55 -15.87 -2.79
N ALA A 147 1.48 -16.62 -2.22
CA ALA A 147 1.46 -18.07 -2.30
C ALA A 147 0.30 -18.65 -1.51
N LYS A 148 0.01 -18.04 -0.36
CA LYS A 148 -1.13 -18.42 0.45
C LYS A 148 -2.43 -18.27 -0.34
N ILE A 149 -2.55 -17.14 -1.04
CA ILE A 149 -3.72 -16.88 -1.88
C ILE A 149 -3.67 -17.75 -3.14
N GLY A 150 -2.47 -17.98 -3.63
CA GLY A 150 -2.28 -18.85 -4.79
C GLY A 150 -2.66 -18.18 -6.08
N GLY A 151 -2.97 -16.89 -6.01
CA GLY A 151 -3.47 -16.18 -7.16
C GLY A 151 -4.95 -16.47 -7.36
N ASP A 152 -5.63 -16.71 -6.24
CA ASP A 152 -7.04 -17.07 -6.23
C ASP A 152 -7.24 -18.42 -6.89
N ALA A 153 -6.89 -19.46 -6.15
CA ALA A 153 -6.96 -20.80 -6.67
C ALA A 153 -7.86 -21.67 -5.80
N GLY A 154 -9.15 -21.40 -5.85
CA GLY A 154 -10.11 -22.21 -5.12
C GLY A 154 -10.52 -23.42 -5.93
N THR A 155 -10.73 -23.22 -7.22
CA THR A 155 -11.12 -24.30 -8.11
C THR A 155 -9.90 -25.03 -8.66
N SER A 156 -9.94 -26.37 -8.58
CA SER A 156 -8.90 -27.24 -9.13
C SER A 156 -7.60 -27.16 -8.33
N LEU A 157 -6.97 -26.00 -8.30
CA LEU A 157 -5.70 -25.84 -7.62
C LEU A 157 -5.89 -25.32 -6.20
N ASN A 158 -6.77 -25.98 -5.46
CA ASN A 158 -7.03 -25.59 -4.06
C ASN A 158 -5.86 -26.02 -3.19
N SER A 159 -5.35 -27.22 -3.45
CA SER A 159 -4.17 -27.71 -2.79
C SER A 159 -2.93 -26.98 -3.31
N ASN A 160 -2.35 -26.15 -2.46
CA ASN A 160 -1.20 -25.35 -2.86
C ASN A 160 0.03 -25.79 -2.09
N ALA A 1 -13.03 9.50 19.80
CA ALA A 1 -13.45 8.91 18.52
C ALA A 1 -12.24 8.39 17.75
N MET A 2 -12.33 7.14 17.28
CA MET A 2 -11.24 6.49 16.55
C MET A 2 -10.01 6.33 17.46
N ASP A 3 -10.27 6.01 18.71
CA ASP A 3 -9.19 5.84 19.69
C ASP A 3 -8.75 4.39 19.76
N TYR A 4 -7.54 4.11 19.31
CA TYR A 4 -6.98 2.77 19.42
C TYR A 4 -6.61 2.48 20.86
N GLN A 5 -7.55 1.90 21.59
CA GLN A 5 -7.33 1.58 22.99
C GLN A 5 -7.14 0.07 23.17
N PRO A 6 -5.96 -0.35 23.63
CA PRO A 6 -5.64 -1.76 23.86
C PRO A 6 -6.30 -2.29 25.13
N LEU A 7 -6.39 -3.60 25.23
CA LEU A 7 -7.02 -4.23 26.38
C LEU A 7 -6.04 -5.21 27.03
N PRO A 8 -6.01 -5.24 28.38
CA PRO A 8 -5.12 -6.14 29.12
C PRO A 8 -5.50 -7.60 28.95
N GLY A 9 -4.87 -8.26 27.99
CA GLY A 9 -5.15 -9.65 27.73
C GLY A 9 -4.18 -10.23 26.73
N MET A 10 -3.93 -11.52 26.84
CA MET A 10 -3.01 -12.21 25.93
C MET A 10 -3.71 -12.58 24.63
N SER A 11 -5.02 -12.47 24.62
CA SER A 11 -5.81 -12.78 23.43
C SER A 11 -5.56 -11.75 22.34
N GLU A 12 -5.49 -12.20 21.11
CA GLU A 12 -5.36 -11.30 19.97
C GLU A 12 -6.74 -10.87 19.49
N ASN A 13 -6.84 -9.65 18.98
CA ASN A 13 -8.12 -9.12 18.53
C ASN A 13 -7.97 -8.38 17.20
N PRO A 14 -7.78 -9.14 16.11
CA PRO A 14 -7.54 -8.59 14.77
C PRO A 14 -8.69 -7.75 14.24
N SER A 15 -9.92 -8.25 14.41
CA SER A 15 -11.09 -7.60 13.84
C SER A 15 -11.74 -6.63 14.83
N VAL A 16 -11.01 -6.28 15.88
CA VAL A 16 -11.51 -5.35 16.87
C VAL A 16 -10.95 -3.95 16.64
N TYR A 17 -9.64 -3.83 16.66
CA TYR A 17 -8.99 -2.55 16.47
C TYR A 17 -7.60 -2.75 15.88
N VAL A 18 -7.41 -2.22 14.69
CA VAL A 18 -6.12 -2.27 14.02
C VAL A 18 -5.26 -1.09 14.42
N PRO A 19 -4.00 -1.33 14.84
CA PRO A 19 -3.06 -0.27 15.21
C PRO A 19 -2.83 0.70 14.06
N GLY A 20 -3.15 1.97 14.28
CA GLY A 20 -3.05 2.95 13.23
C GLY A 20 -4.40 3.24 12.60
N VAL A 21 -5.34 2.32 12.81
CA VAL A 21 -6.69 2.40 12.27
C VAL A 21 -6.68 2.61 10.76
N VAL A 22 -6.72 1.51 10.01
CA VAL A 22 -6.70 1.58 8.56
C VAL A 22 -8.13 1.61 8.02
N SER A 23 -8.40 2.59 7.18
CA SER A 23 -9.72 2.77 6.59
C SER A 23 -9.65 2.56 5.08
N THR A 24 -10.81 2.40 4.46
CA THR A 24 -10.90 2.13 3.04
C THR A 24 -10.95 3.41 2.21
N VAL A 25 -11.38 4.49 2.83
CA VAL A 25 -11.41 5.79 2.16
C VAL A 25 -10.20 6.62 2.60
N VAL A 26 -9.44 7.11 1.61
CA VAL A 26 -8.23 7.87 1.89
C VAL A 26 -8.51 9.37 1.85
N PRO A 27 -8.25 10.08 2.96
CA PRO A 27 -8.39 11.54 3.04
C PRO A 27 -7.39 12.27 2.14
N ASP A 28 -7.65 13.55 1.90
CA ASP A 28 -6.78 14.35 1.06
C ASP A 28 -5.55 14.79 1.84
N SER A 29 -4.51 13.99 1.78
CA SER A 29 -3.29 14.24 2.54
C SER A 29 -2.08 14.32 1.61
N ALA A 30 -1.04 15.00 2.07
CA ALA A 30 0.19 15.14 1.29
C ALA A 30 0.98 13.84 1.30
N HIS A 31 0.79 13.03 2.35
CA HIS A 31 1.49 11.75 2.47
C HIS A 31 0.70 10.62 1.83
N LYS A 32 -0.13 10.98 0.85
CA LYS A 32 -0.84 9.98 0.06
C LYS A 32 0.07 9.37 -0.98
N LEU A 33 0.08 8.06 -1.05
CA LEU A 33 0.90 7.35 -2.00
C LEU A 33 0.07 6.88 -3.19
N PHE A 34 0.73 6.81 -4.33
CA PHE A 34 0.10 6.37 -5.55
C PHE A 34 0.76 5.10 -6.05
N ILE A 35 0.05 3.99 -5.94
CA ILE A 35 0.57 2.71 -6.40
C ILE A 35 0.03 2.42 -7.78
N GLY A 36 0.87 2.55 -8.78
CA GLY A 36 0.44 2.34 -10.14
C GLY A 36 1.04 1.08 -10.72
N GLY A 37 0.30 0.43 -11.59
CA GLY A 37 0.79 -0.79 -12.20
C GLY A 37 0.61 -1.99 -11.30
N LEU A 38 -0.55 -2.10 -10.67
CA LEU A 38 -0.82 -3.25 -9.82
C LEU A 38 -1.83 -4.16 -10.49
N PRO A 39 -1.77 -5.47 -10.18
CA PRO A 39 -2.70 -6.47 -10.72
C PRO A 39 -4.16 -6.09 -10.49
N ASN A 40 -4.93 -6.12 -11.57
CA ASN A 40 -6.33 -5.70 -11.55
C ASN A 40 -7.19 -6.57 -10.64
N TYR A 41 -6.70 -7.76 -10.33
CA TYR A 41 -7.44 -8.69 -9.49
C TYR A 41 -7.13 -8.49 -8.01
N LEU A 42 -6.17 -7.62 -7.71
CA LEU A 42 -5.80 -7.35 -6.33
C LEU A 42 -6.37 -6.02 -5.87
N ASN A 43 -7.12 -6.06 -4.79
CA ASN A 43 -7.74 -4.86 -4.24
C ASN A 43 -7.00 -4.33 -3.03
N ASP A 44 -7.55 -3.28 -2.41
CA ASP A 44 -6.86 -2.57 -1.34
C ASP A 44 -6.50 -3.49 -0.19
N ASP A 45 -7.42 -4.39 0.17
CA ASP A 45 -7.23 -5.28 1.31
C ASP A 45 -6.10 -6.27 1.03
N GLN A 46 -5.79 -6.48 -0.23
CA GLN A 46 -4.76 -7.44 -0.62
C GLN A 46 -3.40 -6.77 -0.64
N VAL A 47 -3.32 -5.60 -1.25
CA VAL A 47 -2.06 -4.85 -1.31
C VAL A 47 -1.75 -4.22 0.05
N LYS A 48 -2.80 -4.08 0.84
CA LYS A 48 -2.74 -3.48 2.17
C LYS A 48 -1.60 -4.06 3.00
N GLU A 49 -1.53 -5.38 3.02
CA GLU A 49 -0.51 -6.08 3.81
C GLU A 49 0.89 -5.70 3.35
N LEU A 50 1.03 -5.43 2.06
CA LEU A 50 2.32 -5.07 1.49
C LEU A 50 2.70 -3.67 1.98
N LEU A 51 1.75 -2.75 1.93
CA LEU A 51 1.97 -1.38 2.39
C LEU A 51 2.25 -1.32 3.89
N THR A 52 1.38 -1.95 4.68
CA THR A 52 1.45 -1.85 6.13
C THR A 52 2.72 -2.49 6.70
N SER A 53 3.44 -3.26 5.87
CA SER A 53 4.66 -3.91 6.31
C SER A 53 5.75 -2.89 6.63
N PHE A 54 5.68 -1.71 6.02
CA PHE A 54 6.67 -0.68 6.23
C PHE A 54 6.27 0.28 7.35
N GLY A 55 4.99 0.27 7.71
CA GLY A 55 4.54 1.13 8.79
C GLY A 55 3.03 1.17 8.92
N PRO A 56 2.52 1.90 9.93
CA PRO A 56 1.09 1.99 10.20
C PRO A 56 0.34 2.71 9.07
N LEU A 57 -0.67 2.03 8.53
CA LEU A 57 -1.43 2.55 7.43
C LEU A 57 -2.73 3.17 7.94
N LYS A 58 -3.03 4.38 7.47
CA LYS A 58 -4.25 5.07 7.90
C LYS A 58 -5.40 4.74 6.97
N ALA A 59 -5.13 4.65 5.69
CA ALA A 59 -6.18 4.40 4.72
C ALA A 59 -5.62 3.81 3.43
N PHE A 60 -6.39 2.92 2.83
CA PHE A 60 -6.04 2.32 1.55
C PHE A 60 -7.27 2.27 0.65
N ASN A 61 -7.21 3.00 -0.45
CA ASN A 61 -8.31 3.08 -1.40
C ASN A 61 -7.85 2.64 -2.78
N LEU A 62 -8.36 1.51 -3.25
CA LEU A 62 -8.04 1.06 -4.60
C LEU A 62 -8.89 1.81 -5.61
N VAL A 63 -8.32 2.14 -6.75
CA VAL A 63 -9.10 2.73 -7.81
C VAL A 63 -9.85 1.62 -8.54
N LYS A 64 -11.14 1.57 -8.30
CA LYS A 64 -11.96 0.48 -8.76
C LYS A 64 -12.84 0.91 -9.92
N ASP A 65 -12.98 0.02 -10.88
CA ASP A 65 -13.76 0.25 -12.08
C ASP A 65 -15.25 0.13 -11.78
N SER A 66 -16.02 1.10 -12.27
CA SER A 66 -17.45 1.14 -12.02
C SER A 66 -18.24 0.29 -13.01
N ALA A 67 -17.58 -0.20 -14.05
CA ALA A 67 -18.28 -0.95 -15.09
C ALA A 67 -18.52 -2.40 -14.67
N THR A 68 -17.46 -3.11 -14.31
CA THR A 68 -17.57 -4.50 -13.92
C THR A 68 -17.09 -4.71 -12.48
N GLY A 69 -16.30 -3.77 -11.97
CA GLY A 69 -15.97 -3.79 -10.56
C GLY A 69 -14.61 -4.39 -10.24
N LEU A 70 -13.67 -4.31 -11.16
CA LEU A 70 -12.31 -4.76 -10.88
C LEU A 70 -11.41 -3.55 -10.62
N SER A 71 -10.17 -3.79 -10.24
CA SER A 71 -9.24 -2.69 -10.02
C SER A 71 -8.80 -2.13 -11.36
N LYS A 72 -8.59 -0.81 -11.41
CA LYS A 72 -8.20 -0.16 -12.66
C LYS A 72 -6.69 -0.14 -12.83
N GLY A 73 -5.99 -0.72 -11.86
CA GLY A 73 -4.55 -0.90 -11.99
C GLY A 73 -3.74 0.04 -11.13
N TYR A 74 -4.41 0.90 -10.39
CA TYR A 74 -3.72 1.83 -9.50
C TYR A 74 -4.54 2.09 -8.24
N ALA A 75 -3.86 2.52 -7.18
CA ALA A 75 -4.52 2.71 -5.89
C ALA A 75 -3.88 3.84 -5.11
N PHE A 76 -4.57 4.25 -4.05
CA PHE A 76 -4.12 5.33 -3.19
C PHE A 76 -4.13 4.89 -1.73
N CYS A 77 -3.05 5.18 -1.01
CA CYS A 77 -2.98 4.84 0.41
C CYS A 77 -2.09 5.82 1.14
N GLU A 78 -2.35 6.06 2.41
CA GLU A 78 -1.52 6.97 3.19
C GLU A 78 -1.11 6.35 4.51
N TYR A 79 0.13 6.59 4.92
CA TYR A 79 0.62 6.13 6.20
C TYR A 79 0.23 7.11 7.30
N VAL A 80 0.15 6.61 8.52
CA VAL A 80 -0.08 7.48 9.68
C VAL A 80 1.18 8.27 9.96
N ASP A 81 2.29 7.57 10.00
CA ASP A 81 3.58 8.20 10.20
C ASP A 81 4.03 8.87 8.92
N ILE A 82 3.68 10.15 8.83
CA ILE A 82 4.07 11.03 7.72
C ILE A 82 5.52 10.82 7.26
N ASN A 83 6.43 10.59 8.20
CA ASN A 83 7.84 10.44 7.88
C ASN A 83 8.15 9.05 7.33
N VAL A 84 7.35 8.06 7.72
CA VAL A 84 7.51 6.70 7.21
C VAL A 84 7.18 6.65 5.72
N THR A 85 6.32 7.59 5.31
CA THR A 85 5.92 7.72 3.93
C THR A 85 7.13 7.84 3.00
N ASP A 86 8.12 8.64 3.40
CA ASP A 86 9.30 8.88 2.56
C ASP A 86 10.18 7.65 2.48
N GLN A 87 10.09 6.79 3.49
CA GLN A 87 10.92 5.58 3.53
C GLN A 87 10.26 4.51 2.69
N ALA A 88 8.99 4.27 2.99
CA ALA A 88 8.22 3.23 2.34
C ALA A 88 8.12 3.45 0.84
N ILE A 89 7.88 4.69 0.43
CA ILE A 89 7.75 5.01 -0.99
C ILE A 89 9.04 4.66 -1.74
N ALA A 90 10.18 4.98 -1.15
CA ALA A 90 11.46 4.75 -1.78
C ALA A 90 11.86 3.28 -1.71
N GLY A 91 11.28 2.56 -0.77
CA GLY A 91 11.53 1.13 -0.66
C GLY A 91 10.58 0.31 -1.53
N LEU A 92 9.31 0.69 -1.56
CA LEU A 92 8.29 -0.09 -2.22
C LEU A 92 8.13 0.25 -3.70
N ASN A 93 8.58 1.43 -4.12
CA ASN A 93 8.52 1.76 -5.55
C ASN A 93 9.38 0.79 -6.36
N GLY A 94 8.72 0.04 -7.23
CA GLY A 94 9.42 -0.99 -7.97
C GLY A 94 9.17 -2.37 -7.37
N MET A 95 8.19 -2.44 -6.47
CA MET A 95 7.78 -3.70 -5.86
C MET A 95 7.49 -4.75 -6.91
N GLN A 96 8.31 -5.78 -6.94
CA GLN A 96 8.19 -6.85 -7.92
C GLN A 96 7.23 -7.92 -7.45
N LEU A 97 6.04 -7.93 -8.04
CA LEU A 97 5.06 -8.96 -7.77
C LEU A 97 4.91 -9.83 -9.01
N GLY A 98 5.50 -11.01 -8.97
CA GLY A 98 5.47 -11.90 -10.12
C GLY A 98 6.26 -11.32 -11.27
N ASP A 99 5.56 -10.87 -12.31
CA ASP A 99 6.20 -10.26 -13.46
C ASP A 99 6.05 -8.74 -13.41
N LYS A 100 5.14 -8.28 -12.56
CA LYS A 100 4.77 -6.87 -12.54
C LYS A 100 5.47 -6.12 -11.40
N LYS A 101 6.01 -4.95 -11.70
CA LYS A 101 6.58 -4.07 -10.68
C LYS A 101 5.69 -2.86 -10.48
N LEU A 102 5.23 -2.68 -9.24
CA LEU A 102 4.34 -1.59 -8.92
C LEU A 102 5.12 -0.28 -8.79
N LEU A 103 4.63 0.76 -9.43
CA LEU A 103 5.26 2.06 -9.35
C LEU A 103 4.62 2.88 -8.25
N VAL A 104 5.33 3.02 -7.15
CA VAL A 104 4.83 3.78 -6.02
C VAL A 104 5.36 5.21 -6.08
N GLN A 105 4.46 6.13 -6.39
CA GLN A 105 4.78 7.55 -6.42
C GLN A 105 3.97 8.24 -5.33
N ARG A 106 4.17 9.53 -5.16
CA ARG A 106 3.41 10.26 -4.16
C ARG A 106 2.29 11.05 -4.82
N ALA A 107 1.08 10.83 -4.35
CA ALA A 107 -0.09 11.51 -4.86
C ALA A 107 -0.10 12.96 -4.39
N SER A 108 0.28 13.14 -3.12
CA SER A 108 0.50 14.47 -2.54
C SER A 108 -0.72 15.35 -2.73
N VAL A 109 -1.83 14.92 -2.11
CA VAL A 109 -3.12 15.63 -2.14
C VAL A 109 -3.64 15.89 -3.56
N GLY A 110 -2.98 15.30 -4.55
CA GLY A 110 -3.37 15.48 -5.92
C GLY A 110 -2.75 16.71 -6.55
N ALA A 111 -1.71 17.23 -5.91
CA ALA A 111 -1.04 18.42 -6.41
C ALA A 111 -0.12 18.10 -7.57
N LYS A 112 0.70 17.08 -7.41
CA LYS A 112 1.64 16.68 -8.45
C LYS A 112 1.93 15.19 -8.38
N ASN A 113 1.60 14.49 -9.45
CA ASN A 113 1.83 13.06 -9.53
C ASN A 113 2.34 12.71 -10.92
N ALA A 114 2.73 11.45 -11.14
CA ALA A 114 3.26 10.99 -12.41
C ALA A 114 4.52 11.75 -12.77
N GLY A 115 5.40 11.90 -11.79
CA GLY A 115 6.64 12.60 -11.98
C GLY A 115 7.82 11.81 -11.46
N SER A 116 7.75 10.49 -11.61
CA SER A 116 8.81 9.60 -11.16
C SER A 116 10.13 9.96 -11.82
N GLY A 117 11.17 10.10 -11.01
CA GLY A 117 12.48 10.46 -11.51
C GLY A 117 13.56 10.16 -10.50
N GLY A 118 13.58 8.93 -10.05
CA GLY A 118 14.54 8.52 -9.04
C GLY A 118 13.98 7.40 -8.19
N SER A 119 13.82 6.24 -8.81
CA SER A 119 13.23 5.11 -8.14
C SER A 119 14.27 4.39 -7.29
N GLY A 120 14.16 4.56 -5.98
CA GLY A 120 15.08 3.93 -5.06
C GLY A 120 15.74 4.95 -4.15
N SER A 121 16.89 4.60 -3.61
CA SER A 121 17.61 5.48 -2.71
C SER A 121 18.66 6.29 -3.46
N SER A 122 18.21 7.09 -4.41
CA SER A 122 19.10 7.92 -5.20
C SER A 122 19.73 9.02 -4.34
N GLY A 123 21.06 9.04 -4.31
CA GLY A 123 21.77 10.03 -3.51
C GLY A 123 23.25 9.71 -3.43
N SER A 124 24.05 10.75 -3.20
CA SER A 124 25.49 10.61 -3.16
C SER A 124 25.96 10.03 -1.83
N GLY A 125 25.19 10.23 -0.79
CA GLY A 125 25.54 9.70 0.51
C GLY A 125 24.58 10.13 1.60
N GLY A 126 23.96 9.16 2.25
CA GLY A 126 23.04 9.47 3.32
C GLY A 126 21.60 9.20 2.95
N SER A 127 21.38 8.81 1.70
CA SER A 127 20.05 8.54 1.19
C SER A 127 19.63 7.12 1.52
N GLY A 128 18.96 6.97 2.65
CA GLY A 128 18.50 5.66 3.07
C GLY A 128 17.26 5.77 3.95
N GLY A 129 17.47 5.78 5.26
CA GLY A 129 16.37 5.86 6.19
C GLY A 129 15.73 4.51 6.44
N GLY A 130 14.41 4.46 6.35
CA GLY A 130 13.69 3.23 6.62
C GLY A 130 13.47 2.40 5.37
N VAL A 131 14.16 2.75 4.30
CA VAL A 131 14.07 2.03 3.03
C VAL A 131 14.57 0.59 3.19
N ASN A 132 15.49 0.40 4.14
CA ASN A 132 16.09 -0.91 4.38
C ASN A 132 15.50 -1.54 5.65
N ASP A 133 14.33 -1.07 6.05
CA ASP A 133 13.71 -1.51 7.30
C ASP A 133 13.24 -2.97 7.19
N ALA A 134 12.13 -3.18 6.51
CA ALA A 134 11.56 -4.51 6.39
C ALA A 134 11.20 -4.83 4.94
N PHE A 135 12.07 -4.41 4.02
CA PHE A 135 11.81 -4.60 2.60
C PHE A 135 11.83 -6.07 2.23
N LYS A 136 12.68 -6.84 2.92
CA LYS A 136 12.83 -8.26 2.65
C LYS A 136 11.54 -8.99 3.01
N ASP A 137 11.02 -8.73 4.19
CA ASP A 137 9.82 -9.41 4.67
C ASP A 137 8.60 -8.95 3.91
N ALA A 138 8.54 -7.67 3.58
CA ALA A 138 7.46 -7.13 2.78
C ALA A 138 7.40 -7.83 1.43
N LEU A 139 8.54 -7.85 0.74
CA LEU A 139 8.65 -8.54 -0.55
C LEU A 139 8.28 -10.01 -0.39
N GLN A 140 8.86 -10.64 0.62
CA GLN A 140 8.65 -12.06 0.89
C GLN A 140 7.16 -12.36 1.07
N ARG A 141 6.55 -11.73 2.05
CA ARG A 141 5.18 -12.01 2.41
C ARG A 141 4.24 -11.67 1.25
N ALA A 142 4.53 -10.61 0.52
CA ALA A 142 3.66 -10.19 -0.56
C ALA A 142 3.73 -11.15 -1.74
N ARG A 143 4.91 -11.65 -2.05
CA ARG A 143 5.06 -12.58 -3.16
C ARG A 143 4.44 -13.93 -2.82
N GLN A 144 4.55 -14.36 -1.57
CA GLN A 144 3.91 -15.61 -1.15
C GLN A 144 2.41 -15.44 -1.05
N ILE A 145 1.95 -14.24 -0.69
CA ILE A 145 0.53 -13.93 -0.71
C ILE A 145 -0.01 -14.05 -2.14
N ALA A 146 0.65 -13.37 -3.07
CA ALA A 146 0.22 -13.35 -4.46
C ALA A 146 0.27 -14.72 -5.09
N ALA A 147 1.28 -15.52 -4.71
CA ALA A 147 1.45 -16.84 -5.29
C ALA A 147 0.59 -17.90 -4.62
N LYS A 148 0.70 -18.00 -3.30
CA LYS A 148 0.08 -19.09 -2.55
C LYS A 148 -1.44 -18.93 -2.46
N ILE A 149 -1.91 -17.85 -1.86
CA ILE A 149 -3.34 -17.65 -1.67
C ILE A 149 -3.96 -16.89 -2.85
N GLY A 150 -3.35 -15.77 -3.22
CA GLY A 150 -3.77 -15.04 -4.41
C GLY A 150 -5.03 -14.20 -4.20
N GLY A 151 -6.13 -14.86 -3.90
CA GLY A 151 -7.42 -14.17 -3.82
C GLY A 151 -7.63 -13.46 -2.50
N ASP A 152 -6.69 -13.60 -1.59
CA ASP A 152 -6.78 -12.96 -0.28
C ASP A 152 -5.37 -12.70 0.22
N ALA A 153 -5.23 -11.88 1.25
CA ALA A 153 -3.92 -11.56 1.78
C ALA A 153 -3.78 -11.93 3.25
N GLY A 154 -4.83 -12.56 3.79
CA GLY A 154 -4.84 -12.93 5.19
C GLY A 154 -4.72 -11.72 6.08
N THR A 155 -5.66 -10.79 5.96
CA THR A 155 -5.57 -9.51 6.66
C THR A 155 -5.87 -9.63 8.15
N SER A 156 -4.92 -10.20 8.87
CA SER A 156 -4.95 -10.26 10.32
C SER A 156 -3.65 -9.71 10.86
N LEU A 157 -3.70 -8.53 11.46
CA LEU A 157 -2.48 -7.84 11.87
C LEU A 157 -2.20 -8.00 13.36
N ASN A 158 -2.91 -7.22 14.19
CA ASN A 158 -2.62 -7.09 15.63
C ASN A 158 -1.32 -6.34 15.83
N SER A 159 -0.27 -6.83 15.19
CA SER A 159 1.03 -6.20 15.23
C SER A 159 1.86 -6.73 14.06
N ASN A 160 2.18 -5.86 13.12
CA ASN A 160 2.88 -6.28 11.91
C ASN A 160 4.34 -5.88 11.98
N ALA A 1 2.98 12.65 16.48
CA ALA A 1 2.70 11.45 15.67
C ALA A 1 1.51 10.68 16.26
N MET A 2 0.78 10.00 15.40
CA MET A 2 -0.35 9.19 15.84
C MET A 2 0.15 7.83 16.32
N ASP A 3 -0.14 7.52 17.57
CA ASP A 3 0.28 6.27 18.18
C ASP A 3 -0.89 5.33 18.34
N TYR A 4 -0.81 4.18 17.69
CA TYR A 4 -1.85 3.16 17.80
C TYR A 4 -1.27 1.85 18.29
N GLN A 5 -1.36 1.63 19.59
CA GLN A 5 -0.90 0.38 20.17
C GLN A 5 -2.10 -0.46 20.57
N PRO A 6 -2.28 -1.63 19.93
CA PRO A 6 -3.38 -2.54 20.27
C PRO A 6 -3.16 -3.21 21.63
N LEU A 7 -3.54 -2.50 22.68
CA LEU A 7 -3.38 -2.98 24.04
C LEU A 7 -4.32 -4.14 24.35
N PRO A 8 -3.84 -5.11 25.14
CA PRO A 8 -4.64 -6.27 25.54
C PRO A 8 -5.60 -5.93 26.69
N GLY A 9 -6.47 -4.95 26.45
CA GLY A 9 -7.45 -4.56 27.45
C GLY A 9 -8.42 -5.68 27.77
N MET A 10 -8.83 -6.40 26.73
CA MET A 10 -9.70 -7.57 26.86
C MET A 10 -11.01 -7.24 27.56
N SER A 11 -11.47 -6.00 27.40
CA SER A 11 -12.71 -5.59 28.02
C SER A 11 -13.87 -5.76 27.04
N GLU A 12 -13.73 -5.14 25.87
CA GLU A 12 -14.74 -5.25 24.81
C GLU A 12 -14.18 -4.69 23.51
N ASN A 13 -12.89 -4.95 23.29
CA ASN A 13 -12.14 -4.28 22.23
C ASN A 13 -11.44 -5.27 21.27
N PRO A 14 -12.16 -6.27 20.72
CA PRO A 14 -11.55 -7.29 19.85
C PRO A 14 -11.13 -6.71 18.50
N SER A 15 -12.00 -5.91 17.90
CA SER A 15 -11.74 -5.32 16.60
C SER A 15 -10.74 -4.17 16.71
N VAL A 16 -10.40 -3.80 17.93
CA VAL A 16 -9.44 -2.75 18.18
C VAL A 16 -8.03 -3.33 18.31
N TYR A 17 -7.97 -4.66 18.38
CA TYR A 17 -6.72 -5.36 18.62
C TYR A 17 -6.02 -5.69 17.29
N VAL A 18 -6.07 -4.75 16.38
CA VAL A 18 -5.42 -4.91 15.09
C VAL A 18 -4.53 -3.70 14.78
N PRO A 19 -3.21 -3.89 14.76
CA PRO A 19 -2.27 -2.82 14.42
C PRO A 19 -2.23 -2.60 12.90
N GLY A 20 -2.02 -1.36 12.50
CA GLY A 20 -2.04 -1.02 11.09
C GLY A 20 -3.44 -0.83 10.58
N VAL A 21 -4.38 -0.60 11.51
CA VAL A 21 -5.78 -0.37 11.16
C VAL A 21 -5.91 0.74 10.12
N VAL A 22 -6.47 0.39 8.97
CA VAL A 22 -6.51 1.28 7.83
C VAL A 22 -7.95 1.48 7.34
N SER A 23 -8.31 2.73 7.11
CA SER A 23 -9.63 3.07 6.61
C SER A 23 -9.65 3.01 5.08
N THR A 24 -10.82 3.17 4.48
CA THR A 24 -10.92 3.10 3.02
C THR A 24 -10.74 4.48 2.39
N VAL A 25 -11.61 5.42 2.75
CA VAL A 25 -11.55 6.77 2.18
C VAL A 25 -10.24 7.47 2.56
N VAL A 26 -9.49 7.89 1.55
CA VAL A 26 -8.20 8.53 1.78
C VAL A 26 -8.28 10.02 1.46
N PRO A 27 -8.24 10.88 2.50
CA PRO A 27 -8.27 12.34 2.34
C PRO A 27 -7.02 12.87 1.64
N ASP A 28 -7.05 14.14 1.24
CA ASP A 28 -5.91 14.77 0.59
C ASP A 28 -4.88 15.19 1.62
N SER A 29 -3.64 14.79 1.42
CA SER A 29 -2.56 15.07 2.36
C SER A 29 -1.21 14.96 1.65
N ALA A 30 -0.20 15.60 2.20
CA ALA A 30 1.11 15.69 1.56
C ALA A 30 1.82 14.35 1.50
N HIS A 31 1.30 13.38 2.25
CA HIS A 31 1.89 12.04 2.27
C HIS A 31 1.01 11.03 1.52
N LYS A 32 0.21 11.54 0.59
CA LYS A 32 -0.61 10.68 -0.27
C LYS A 32 0.26 9.94 -1.28
N LEU A 33 0.19 8.62 -1.27
CA LEU A 33 0.99 7.80 -2.16
C LEU A 33 0.15 7.25 -3.30
N PHE A 34 0.78 7.12 -4.45
CA PHE A 34 0.15 6.56 -5.64
C PHE A 34 0.76 5.21 -5.97
N ILE A 35 -0.02 4.15 -5.87
CA ILE A 35 0.47 2.82 -6.20
C ILE A 35 -0.06 2.41 -7.55
N GLY A 36 0.82 2.35 -8.55
CA GLY A 36 0.39 2.03 -9.88
C GLY A 36 1.07 0.80 -10.40
N GLY A 37 0.38 0.03 -11.23
CA GLY A 37 0.95 -1.18 -11.77
C GLY A 37 0.61 -2.39 -10.93
N LEU A 38 -0.58 -2.38 -10.34
CA LEU A 38 -1.03 -3.51 -9.56
C LEU A 38 -2.08 -4.30 -10.33
N PRO A 39 -2.18 -5.62 -10.06
CA PRO A 39 -3.16 -6.49 -10.72
C PRO A 39 -4.58 -5.95 -10.60
N ASN A 40 -5.31 -5.98 -11.70
CA ASN A 40 -6.64 -5.37 -11.76
C ASN A 40 -7.66 -6.13 -10.92
N TYR A 41 -7.31 -7.33 -10.50
CA TYR A 41 -8.19 -8.11 -9.65
C TYR A 41 -7.83 -7.92 -8.18
N LEU A 42 -6.65 -7.38 -7.94
CA LEU A 42 -6.14 -7.21 -6.59
C LEU A 42 -6.83 -6.04 -5.89
N ASN A 43 -7.42 -6.31 -4.74
CA ASN A 43 -8.11 -5.25 -4.00
C ASN A 43 -7.29 -4.76 -2.81
N ASP A 44 -7.65 -3.57 -2.34
CA ASP A 44 -6.89 -2.88 -1.29
C ASP A 44 -6.63 -3.79 -0.10
N ASP A 45 -7.65 -4.50 0.34
CA ASP A 45 -7.58 -5.29 1.56
C ASP A 45 -6.50 -6.37 1.48
N GLN A 46 -6.22 -6.84 0.28
CA GLN A 46 -5.22 -7.88 0.09
C GLN A 46 -3.83 -7.26 -0.07
N VAL A 47 -3.75 -6.21 -0.89
CA VAL A 47 -2.47 -5.55 -1.13
C VAL A 47 -1.97 -4.82 0.14
N LYS A 48 -2.88 -4.55 1.07
CA LYS A 48 -2.53 -4.00 2.37
C LYS A 48 -1.41 -4.79 3.03
N GLU A 49 -1.44 -6.11 2.85
CA GLU A 49 -0.44 -6.99 3.48
C GLU A 49 0.96 -6.72 2.91
N LEU A 50 1.01 -6.13 1.72
CA LEU A 50 2.27 -5.77 1.11
C LEU A 50 2.73 -4.40 1.60
N LEU A 51 1.80 -3.44 1.58
CA LEU A 51 2.12 -2.06 1.97
C LEU A 51 2.35 -1.90 3.47
N THR A 52 1.38 -2.35 4.27
CA THR A 52 1.36 -2.10 5.71
C THR A 52 2.56 -2.74 6.43
N SER A 53 3.28 -3.59 5.71
CA SER A 53 4.45 -4.26 6.28
C SER A 53 5.59 -3.28 6.55
N PHE A 54 5.60 -2.13 5.86
CA PHE A 54 6.67 -1.17 6.05
C PHE A 54 6.36 -0.23 7.21
N GLY A 55 5.08 0.03 7.44
CA GLY A 55 4.69 0.94 8.50
C GLY A 55 3.19 1.02 8.67
N PRO A 56 2.72 1.77 9.68
CA PRO A 56 1.28 1.91 9.95
C PRO A 56 0.53 2.63 8.84
N LEU A 57 -0.46 1.96 8.29
CA LEU A 57 -1.25 2.50 7.19
C LEU A 57 -2.54 3.10 7.74
N LYS A 58 -2.87 4.32 7.33
CA LYS A 58 -4.05 5.00 7.86
C LYS A 58 -5.27 4.79 6.98
N ALA A 59 -5.09 4.93 5.68
CA ALA A 59 -6.19 4.91 4.74
C ALA A 59 -5.69 4.44 3.39
N PHE A 60 -6.40 3.50 2.80
CA PHE A 60 -5.97 2.90 1.56
C PHE A 60 -7.18 2.58 0.69
N ASN A 61 -7.30 3.29 -0.41
CA ASN A 61 -8.41 3.12 -1.32
C ASN A 61 -7.91 2.77 -2.72
N LEU A 62 -8.24 1.58 -3.17
CA LEU A 62 -7.91 1.15 -4.52
C LEU A 62 -8.81 1.86 -5.53
N VAL A 63 -8.27 2.20 -6.68
CA VAL A 63 -9.07 2.83 -7.72
C VAL A 63 -9.87 1.77 -8.46
N LYS A 64 -11.17 1.77 -8.22
CA LYS A 64 -12.04 0.75 -8.76
C LYS A 64 -12.89 1.32 -9.89
N ASP A 65 -13.08 0.53 -10.92
CA ASP A 65 -13.94 0.91 -12.03
C ASP A 65 -15.39 0.63 -11.68
N SER A 66 -16.25 1.61 -11.88
CA SER A 66 -17.65 1.50 -11.50
C SER A 66 -18.49 0.80 -12.56
N ALA A 67 -17.93 0.57 -13.74
CA ALA A 67 -18.66 -0.04 -14.83
C ALA A 67 -18.70 -1.56 -14.70
N THR A 68 -17.53 -2.17 -14.62
CA THR A 68 -17.44 -3.62 -14.52
C THR A 68 -17.10 -4.06 -13.10
N GLY A 69 -16.44 -3.19 -12.34
CA GLY A 69 -16.21 -3.47 -10.93
C GLY A 69 -14.84 -4.07 -10.65
N LEU A 70 -13.85 -3.77 -11.47
CA LEU A 70 -12.50 -4.25 -11.23
C LEU A 70 -11.60 -3.07 -10.86
N SER A 71 -10.39 -3.34 -10.41
CA SER A 71 -9.45 -2.29 -10.09
C SER A 71 -8.86 -1.73 -11.38
N LYS A 72 -8.68 -0.42 -11.44
CA LYS A 72 -8.19 0.24 -12.65
C LYS A 72 -6.68 0.14 -12.76
N GLY A 73 -6.08 -0.57 -11.82
CA GLY A 73 -4.65 -0.86 -11.92
C GLY A 73 -3.81 -0.02 -10.99
N TYR A 74 -4.42 0.95 -10.34
CA TYR A 74 -3.71 1.82 -9.42
C TYR A 74 -4.54 2.12 -8.18
N ALA A 75 -3.89 2.57 -7.12
CA ALA A 75 -4.55 2.82 -5.86
C ALA A 75 -3.90 3.98 -5.11
N PHE A 76 -4.61 4.49 -4.11
CA PHE A 76 -4.12 5.61 -3.30
C PHE A 76 -4.11 5.23 -1.82
N CYS A 77 -3.01 5.51 -1.14
CA CYS A 77 -2.90 5.20 0.28
C CYS A 77 -2.07 6.26 0.99
N GLU A 78 -2.29 6.41 2.29
CA GLU A 78 -1.45 7.26 3.11
C GLU A 78 -1.04 6.54 4.38
N TYR A 79 0.23 6.66 4.76
CA TYR A 79 0.71 6.08 6.00
C TYR A 79 0.52 7.04 7.17
N VAL A 80 0.33 6.48 8.36
CA VAL A 80 0.18 7.30 9.56
C VAL A 80 1.46 8.08 9.82
N ASP A 81 2.57 7.36 9.76
CA ASP A 81 3.86 7.98 9.94
C ASP A 81 4.27 8.73 8.69
N ILE A 82 3.89 10.00 8.64
CA ILE A 82 4.32 10.91 7.57
C ILE A 82 5.80 10.77 7.25
N ASN A 83 6.61 10.57 8.27
CA ASN A 83 8.05 10.40 8.12
C ASN A 83 8.37 9.09 7.42
N VAL A 84 7.58 8.06 7.70
CA VAL A 84 7.77 6.75 7.08
C VAL A 84 7.34 6.79 5.62
N THR A 85 6.50 7.75 5.28
CA THR A 85 6.04 7.93 3.91
C THR A 85 7.22 8.09 2.95
N ASP A 86 8.20 8.91 3.34
CA ASP A 86 9.39 9.16 2.52
C ASP A 86 10.21 7.88 2.36
N GLN A 87 10.25 7.08 3.40
CA GLN A 87 11.02 5.84 3.38
C GLN A 87 10.27 4.73 2.64
N ALA A 88 9.00 4.55 2.99
CA ALA A 88 8.17 3.51 2.40
C ALA A 88 8.05 3.70 0.90
N ILE A 89 7.86 4.94 0.46
CA ILE A 89 7.73 5.22 -0.97
C ILE A 89 9.02 4.87 -1.70
N ALA A 90 10.16 5.19 -1.09
CA ALA A 90 11.45 4.93 -1.71
C ALA A 90 11.76 3.43 -1.76
N GLY A 91 11.26 2.70 -0.78
CA GLY A 91 11.47 1.27 -0.74
C GLY A 91 10.46 0.49 -1.57
N LEU A 92 9.22 0.96 -1.61
CA LEU A 92 8.15 0.23 -2.25
C LEU A 92 8.01 0.57 -3.73
N ASN A 93 8.50 1.73 -4.16
CA ASN A 93 8.43 2.05 -5.57
C ASN A 93 9.33 1.12 -6.36
N GLY A 94 8.74 0.39 -7.29
CA GLY A 94 9.47 -0.58 -8.05
C GLY A 94 9.44 -1.93 -7.38
N MET A 95 8.56 -2.08 -6.38
CA MET A 95 8.39 -3.33 -5.64
C MET A 95 8.17 -4.50 -6.60
N GLN A 96 9.23 -5.24 -6.86
CA GLN A 96 9.20 -6.30 -7.84
C GLN A 96 8.82 -7.63 -7.20
N LEU A 97 7.58 -8.04 -7.43
CA LEU A 97 7.11 -9.33 -6.95
C LEU A 97 6.86 -10.24 -8.13
N GLY A 98 7.74 -11.20 -8.32
CA GLY A 98 7.62 -12.11 -9.44
C GLY A 98 7.78 -11.40 -10.76
N ASP A 99 6.70 -11.34 -11.53
CA ASP A 99 6.72 -10.72 -12.84
C ASP A 99 5.98 -9.39 -12.81
N LYS A 100 5.56 -8.95 -11.62
CA LYS A 100 4.84 -7.69 -11.49
C LYS A 100 5.51 -6.78 -10.46
N LYS A 101 5.74 -5.52 -10.84
CA LYS A 101 6.31 -4.55 -9.93
C LYS A 101 5.34 -3.39 -9.73
N LEU A 102 5.24 -2.88 -8.52
CA LEU A 102 4.35 -1.76 -8.24
C LEU A 102 5.13 -0.46 -8.19
N LEU A 103 4.64 0.54 -8.88
CA LEU A 103 5.27 1.85 -8.88
C LEU A 103 4.57 2.77 -7.90
N VAL A 104 5.25 3.14 -6.83
CA VAL A 104 4.68 4.02 -5.82
C VAL A 104 5.26 5.43 -5.96
N GLN A 105 4.45 6.35 -6.43
CA GLN A 105 4.87 7.72 -6.65
C GLN A 105 4.09 8.65 -5.73
N ARG A 106 4.47 9.93 -5.74
CA ARG A 106 3.85 10.91 -4.87
C ARG A 106 2.53 11.39 -5.46
N ALA A 107 1.43 11.00 -4.84
CA ALA A 107 0.11 11.37 -5.33
C ALA A 107 -0.22 12.81 -4.96
N SER A 108 0.05 13.16 -3.71
CA SER A 108 -0.18 14.50 -3.16
C SER A 108 -1.67 14.82 -3.04
N VAL A 109 -2.38 14.73 -4.15
CA VAL A 109 -3.80 15.05 -4.21
C VAL A 109 -4.34 14.69 -5.59
N GLY A 110 -3.50 14.87 -6.59
CA GLY A 110 -3.85 14.53 -7.95
C GLY A 110 -2.70 14.82 -8.89
N ALA A 111 -1.49 14.54 -8.41
CA ALA A 111 -0.29 14.79 -9.20
C ALA A 111 -0.18 13.81 -10.36
N LYS A 112 0.19 14.33 -11.53
CA LYS A 112 0.44 13.48 -12.69
C LYS A 112 1.66 12.61 -12.41
N ASN A 113 1.44 11.31 -12.36
CA ASN A 113 2.50 10.40 -11.95
C ASN A 113 2.90 9.46 -13.07
N ALA A 114 4.14 9.59 -13.50
CA ALA A 114 4.74 8.72 -14.49
C ALA A 114 6.23 8.60 -14.23
N GLY A 115 6.81 9.70 -13.77
CA GLY A 115 8.21 9.72 -13.40
C GLY A 115 8.52 10.86 -12.45
N SER A 116 7.91 10.82 -11.28
CA SER A 116 8.06 11.87 -10.29
C SER A 116 9.42 11.80 -9.60
N GLY A 117 10.40 12.49 -10.15
CA GLY A 117 11.72 12.52 -9.55
C GLY A 117 11.80 13.51 -8.41
N GLY A 118 11.14 13.17 -7.31
CA GLY A 118 11.13 14.05 -6.15
C GLY A 118 10.76 13.31 -4.89
N SER A 119 11.26 12.10 -4.73
CA SER A 119 10.96 11.29 -3.56
C SER A 119 11.83 11.72 -2.37
N GLY A 120 12.92 12.42 -2.68
CA GLY A 120 13.82 12.88 -1.63
C GLY A 120 15.22 13.12 -2.14
N SER A 121 15.53 12.58 -3.31
CA SER A 121 16.84 12.71 -3.93
C SER A 121 17.91 12.00 -3.12
N SER A 122 19.18 12.23 -3.46
CA SER A 122 20.31 11.66 -2.74
C SER A 122 20.28 10.12 -2.77
N GLY A 123 19.78 9.57 -3.87
CA GLY A 123 19.70 8.14 -4.03
C GLY A 123 18.47 7.55 -3.37
N SER A 124 18.01 6.43 -3.90
CA SER A 124 16.83 5.75 -3.35
C SER A 124 17.22 4.91 -2.14
N GLY A 125 17.65 5.58 -1.08
CA GLY A 125 18.10 4.90 0.11
C GLY A 125 19.41 5.47 0.61
N GLY A 126 19.77 5.12 1.84
CA GLY A 126 20.99 5.63 2.43
C GLY A 126 20.88 7.10 2.77
N SER A 127 21.35 7.94 1.86
CA SER A 127 21.27 9.38 2.04
C SER A 127 19.83 9.85 1.84
N GLY A 128 19.22 9.45 0.73
CA GLY A 128 17.88 9.88 0.41
C GLY A 128 16.82 8.96 0.96
N GLY A 129 16.68 8.95 2.28
CA GLY A 129 15.67 8.13 2.90
C GLY A 129 16.27 6.96 3.63
N GLY A 130 16.04 6.90 4.94
CA GLY A 130 16.51 5.79 5.73
C GLY A 130 15.60 4.58 5.60
N VAL A 131 15.49 4.09 4.38
CA VAL A 131 14.61 2.97 4.06
C VAL A 131 14.99 1.74 4.86
N ASN A 132 14.10 1.30 5.74
CA ASN A 132 14.32 0.09 6.52
C ASN A 132 14.48 -1.10 5.59
N ASP A 133 15.62 -1.78 5.70
CA ASP A 133 15.89 -2.92 4.84
C ASP A 133 15.08 -4.12 5.29
N ALA A 134 13.78 -4.06 5.02
CA ALA A 134 12.87 -5.16 5.31
C ALA A 134 11.99 -5.44 4.11
N PHE A 135 12.40 -4.92 2.95
CA PHE A 135 11.64 -5.09 1.73
C PHE A 135 11.67 -6.54 1.29
N LYS A 136 12.74 -7.25 1.67
CA LYS A 136 12.85 -8.68 1.40
C LYS A 136 11.76 -9.43 2.16
N ASP A 137 11.63 -9.11 3.44
CA ASP A 137 10.63 -9.73 4.31
C ASP A 137 9.23 -9.47 3.77
N ALA A 138 8.96 -8.21 3.43
CA ALA A 138 7.68 -7.83 2.85
C ALA A 138 7.44 -8.55 1.53
N LEU A 139 8.50 -8.63 0.73
CA LEU A 139 8.44 -9.30 -0.56
C LEU A 139 8.12 -10.77 -0.39
N GLN A 140 8.84 -11.45 0.49
CA GLN A 140 8.67 -12.87 0.69
C GLN A 140 7.27 -13.18 1.19
N ARG A 141 6.83 -12.42 2.19
CA ARG A 141 5.53 -12.68 2.80
C ARG A 141 4.41 -12.42 1.80
N ALA A 142 4.53 -11.38 0.99
CA ALA A 142 3.52 -11.09 -0.03
C ALA A 142 3.55 -12.15 -1.12
N ARG A 143 4.75 -12.63 -1.42
CA ARG A 143 4.94 -13.68 -2.41
C ARG A 143 4.24 -14.97 -1.97
N GLN A 144 4.49 -15.39 -0.73
CA GLN A 144 3.86 -16.61 -0.21
C GLN A 144 2.36 -16.42 -0.05
N ILE A 145 1.94 -15.21 0.29
CA ILE A 145 0.50 -14.90 0.37
C ILE A 145 -0.14 -15.04 -1.00
N ALA A 146 0.47 -14.39 -2.00
CA ALA A 146 -0.03 -14.45 -3.36
C ALA A 146 -0.02 -15.88 -3.90
N ALA A 147 0.92 -16.67 -3.43
CA ALA A 147 1.02 -18.07 -3.82
C ALA A 147 -0.07 -18.91 -3.19
N LYS A 148 -0.24 -18.78 -1.88
CA LYS A 148 -1.18 -19.64 -1.14
C LYS A 148 -2.63 -19.34 -1.48
N ILE A 149 -2.93 -18.06 -1.77
CA ILE A 149 -4.32 -17.66 -2.05
C ILE A 149 -4.86 -18.31 -3.32
N GLY A 150 -3.99 -18.96 -4.07
CA GLY A 150 -4.43 -19.75 -5.20
C GLY A 150 -5.34 -20.87 -4.76
N GLY A 151 -5.21 -21.24 -3.48
CA GLY A 151 -6.08 -22.24 -2.90
C GLY A 151 -6.40 -21.91 -1.45
N ASP A 152 -6.42 -20.62 -1.12
CA ASP A 152 -6.70 -20.16 0.24
C ASP A 152 -7.57 -18.91 0.20
N ALA A 153 -8.88 -19.12 0.33
CA ALA A 153 -9.83 -18.01 0.30
C ALA A 153 -10.12 -17.50 1.69
N GLY A 154 -9.31 -17.91 2.66
CA GLY A 154 -9.47 -17.47 4.03
C GLY A 154 -8.14 -17.17 4.68
N THR A 155 -7.74 -15.91 4.65
CA THR A 155 -6.45 -15.52 5.19
C THR A 155 -6.60 -14.78 6.53
N SER A 156 -7.77 -14.94 7.15
CA SER A 156 -8.01 -14.34 8.46
C SER A 156 -7.33 -15.16 9.53
N LEU A 157 -7.21 -16.46 9.28
CA LEU A 157 -6.51 -17.36 10.17
C LEU A 157 -5.29 -17.93 9.48
N ASN A 158 -4.39 -18.50 10.26
CA ASN A 158 -3.16 -19.05 9.73
C ASN A 158 -3.34 -20.54 9.48
N SER A 159 -4.20 -20.85 8.53
CA SER A 159 -4.56 -22.22 8.22
C SER A 159 -3.47 -22.89 7.39
N ASN A 160 -2.35 -23.18 8.03
CA ASN A 160 -1.22 -23.82 7.36
C ASN A 160 -1.38 -25.33 7.42
#